data_6XGZ
#
_entry.id   6XGZ
#
_cell.length_a   78.270
_cell.length_b   136.080
_cell.length_c   261.830
_cell.angle_alpha   90.000
_cell.angle_beta   90.000
_cell.angle_gamma   90.000
#
_symmetry.space_group_name_H-M   'P 21 21 21'
#
loop_
_entity.id
_entity.type
_entity.pdbx_description
1 polymer 'Organic solvent ABC transporter ATP-binding protein'
2 polymer 'ABC transporter maintaining OM lipid asymmetry, cytoplasmic STAS component'
3 non-polymer 'PHOSPHATE ION'
4 non-polymer GLYCEROL
5 non-polymer 1,2-ETHANEDIOL
6 water water
#
loop_
_entity_poly.entity_id
_entity_poly.type
_entity_poly.pdbx_seq_one_letter_code
_entity_poly.pdbx_strand_id
1 'polypeptide(L)'
;MEQSVANLVDMRDVSFTRGNRCIFDNISLTVPRGKITAIMGPSGIGKTTLLRLIGGQIAPDHGEILFDGENIPAMSRSRL
YTVRKRMSMLFQSGALFTDMNVFDNVAYPLREHTQLPAPLLHSTVMMKLEAVGLRGAAKLMPSELSGGMARRAALARAIA
LEPDLIMFDEPFVGQDPITMGVLVKLISELNSALGVTCVVVSHDVPEVLSIADHAWILADKKIVAHGSAQALQANPDPRV
RQFLDGIADGPVPFRYPAGDYHADLLPGS
;
A,C,E,G
2 'polypeptide(L)'
;MHHHHHHENLYFQSESLSWMQTGDTLALSGELDQDVLLPLWEMREEAVKGITCIDLSRVSRVDTGGLALLLHLIDLAKKQ
GNNVTLQGVNDKVYTLAKLYNLPADVLPR
;
B,D,F,H
#
# COMPACT_ATOMS: atom_id res chain seq x y z
N SER A 4 22.64 32.49 -14.31
CA SER A 4 21.67 31.73 -15.11
C SER A 4 20.39 31.52 -14.31
N VAL A 5 19.32 31.15 -15.01
CA VAL A 5 18.00 31.00 -14.41
C VAL A 5 17.56 29.55 -14.54
N ALA A 6 17.01 29.01 -13.45
CA ALA A 6 16.74 27.58 -13.37
C ALA A 6 15.49 27.19 -14.16
N ASN A 7 14.44 28.01 -14.09
CA ASN A 7 13.20 27.74 -14.80
C ASN A 7 13.13 28.65 -16.03
N LEU A 8 13.11 28.04 -17.22
CA LEU A 8 12.99 28.83 -18.44
C LEU A 8 11.62 29.48 -18.53
N VAL A 9 10.58 28.79 -18.06
CA VAL A 9 9.24 29.35 -17.94
C VAL A 9 8.80 29.21 -16.49
N ASP A 10 8.24 30.29 -15.94
CA ASP A 10 7.82 30.36 -14.54
C ASP A 10 6.47 31.08 -14.51
N MET A 11 5.39 30.32 -14.35
CA MET A 11 4.06 30.91 -14.25
C MET A 11 3.71 31.09 -12.78
N ARG A 12 3.31 32.31 -12.41
CA ARG A 12 3.02 32.64 -11.03
C ARG A 12 1.64 33.28 -10.97
N ASP A 13 0.71 32.58 -10.33
CA ASP A 13 -0.62 33.10 -10.01
C ASP A 13 -1.35 33.57 -11.26
N VAL A 14 -1.34 32.73 -12.28
CA VAL A 14 -1.94 33.06 -13.57
C VAL A 14 -3.41 32.66 -13.56
N SER A 15 -4.25 33.59 -13.98
CA SER A 15 -5.67 33.34 -14.15
C SER A 15 -6.06 33.74 -15.57
N PHE A 16 -7.02 33.00 -16.14
CA PHE A 16 -7.45 33.30 -17.49
C PHE A 16 -8.92 32.96 -17.65
N THR A 17 -9.67 33.91 -18.21
CA THR A 17 -11.11 33.80 -18.40
C THR A 17 -11.43 34.21 -19.83
N ARG A 18 -12.22 33.38 -20.52
CA ARG A 18 -12.69 33.66 -21.87
C ARG A 18 -14.19 33.86 -21.83
N GLY A 19 -14.64 35.08 -22.12
CA GLY A 19 -16.06 35.37 -22.03
C GLY A 19 -16.54 35.25 -20.60
N ASN A 20 -17.64 34.51 -20.42
CA ASN A 20 -18.24 34.34 -19.12
C ASN A 20 -17.72 33.11 -18.37
N ARG A 21 -16.93 32.25 -19.01
CA ARG A 21 -16.44 31.04 -18.37
C ARG A 21 -14.96 31.16 -18.03
N CYS A 22 -14.62 30.71 -16.82
CA CYS A 22 -13.24 30.72 -16.35
C CYS A 22 -12.50 29.50 -16.88
N ILE A 23 -11.24 29.70 -17.27
CA ILE A 23 -10.41 28.63 -17.81
C ILE A 23 -9.31 28.23 -16.83
N PHE A 24 -8.62 29.21 -16.24
CA PHE A 24 -7.61 28.93 -15.24
C PHE A 24 -7.80 29.86 -14.05
N ASP A 25 -7.64 29.31 -12.85
CA ASP A 25 -7.87 30.03 -11.60
C ASP A 25 -6.59 29.99 -10.75
N ASN A 26 -5.74 31.00 -10.93
CA ASN A 26 -4.62 31.27 -10.02
C ASN A 26 -3.61 30.12 -10.02
N ILE A 27 -3.23 29.68 -11.22
CA ILE A 27 -2.37 28.52 -11.37
C ILE A 27 -0.91 28.97 -11.35
N SER A 28 -0.04 28.05 -10.97
CA SER A 28 1.40 28.32 -10.94
C SER A 28 2.14 27.06 -11.31
N LEU A 29 3.00 27.13 -12.32
CA LEU A 29 3.82 25.99 -12.70
C LEU A 29 5.15 26.49 -13.22
N THR A 30 6.11 25.56 -13.31
CA THR A 30 7.44 25.88 -13.80
C THR A 30 7.87 24.90 -14.88
N VAL A 31 8.66 25.41 -15.82
CA VAL A 31 9.29 24.61 -16.86
C VAL A 31 10.80 24.72 -16.70
N PRO A 32 11.43 23.75 -16.03
CA PRO A 32 12.87 23.86 -15.76
C PRO A 32 13.69 23.80 -17.05
N ARG A 33 14.77 24.57 -17.06
CA ARG A 33 15.54 24.78 -18.29
C ARG A 33 16.28 23.49 -18.66
N GLY A 34 16.19 23.12 -19.94
CA GLY A 34 16.88 21.96 -20.45
C GLY A 34 16.23 20.62 -20.14
N LYS A 35 15.03 20.63 -19.56
CA LYS A 35 14.35 19.42 -19.14
C LYS A 35 13.06 19.23 -19.95
N ILE A 36 12.37 18.13 -19.67
CA ILE A 36 11.10 17.82 -20.32
C ILE A 36 9.99 17.91 -19.27
N THR A 37 9.03 18.77 -19.56
CA THR A 37 7.85 18.99 -18.74
C THR A 37 6.62 18.55 -19.53
N ALA A 38 5.84 17.66 -18.94
CA ALA A 38 4.59 17.18 -19.50
C ALA A 38 3.44 17.93 -18.85
N ILE A 39 2.44 18.27 -19.65
CA ILE A 39 1.22 18.91 -19.17
C ILE A 39 0.05 18.06 -19.67
N MET A 40 -0.71 17.50 -18.75
CA MET A 40 -1.78 16.57 -19.07
C MET A 40 -3.07 17.01 -18.40
N GLY A 41 -4.18 16.49 -18.90
CA GLY A 41 -5.48 16.81 -18.37
C GLY A 41 -6.59 16.38 -19.31
N PRO A 42 -7.82 16.40 -18.82
CA PRO A 42 -8.96 16.02 -19.68
C PRO A 42 -9.10 16.96 -20.87
N SER A 43 -9.82 16.49 -21.88
CA SER A 43 -10.02 17.28 -23.09
C SER A 43 -10.78 18.56 -22.78
N GLY A 44 -10.57 19.58 -23.63
CA GLY A 44 -11.30 20.82 -23.56
C GLY A 44 -11.01 21.71 -22.38
N ILE A 45 -10.01 21.38 -21.54
CA ILE A 45 -9.70 22.22 -20.38
C ILE A 45 -8.76 23.36 -20.73
N GLY A 46 -8.36 23.49 -21.99
CA GLY A 46 -7.57 24.63 -22.41
C GLY A 46 -6.06 24.48 -22.27
N LYS A 47 -5.52 23.28 -22.45
CA LYS A 47 -4.07 23.11 -22.41
C LYS A 47 -3.40 23.88 -23.56
N THR A 48 -3.97 23.77 -24.76
CA THR A 48 -3.52 24.58 -25.89
C THR A 48 -3.48 26.06 -25.52
N THR A 49 -4.52 26.53 -24.81
CA THR A 49 -4.54 27.91 -24.34
C THR A 49 -3.37 28.20 -23.42
N LEU A 50 -3.00 27.23 -22.58
CA LEU A 50 -1.84 27.41 -21.70
C LEU A 50 -0.57 27.61 -22.50
N LEU A 51 -0.37 26.79 -23.53
CA LEU A 51 0.81 26.95 -24.38
C LEU A 51 0.80 28.33 -25.04
N ARG A 52 -0.35 28.75 -25.56
CA ARG A 52 -0.44 30.07 -26.18
C ARG A 52 -0.16 31.19 -25.17
N LEU A 53 -0.53 30.98 -23.91
CA LEU A 53 -0.19 31.92 -22.86
C LEU A 53 1.32 32.04 -22.67
N ILE A 54 2.01 30.89 -22.64
CA ILE A 54 3.47 30.93 -22.50
C ILE A 54 4.11 31.64 -23.69
N GLY A 55 3.62 31.36 -24.89
CA GLY A 55 4.13 31.98 -26.10
C GLY A 55 3.82 33.45 -26.25
N GLY A 56 3.25 34.12 -25.24
CA GLY A 56 2.83 35.50 -25.35
C GLY A 56 1.76 35.80 -26.37
N GLN A 57 1.25 34.79 -27.08
CA GLN A 57 0.21 35.01 -28.07
C GLN A 57 -1.08 35.51 -27.41
N ILE A 58 -1.38 35.02 -26.21
CA ILE A 58 -2.54 35.45 -25.44
C ILE A 58 -2.06 36.05 -24.13
N ALA A 59 -2.81 37.01 -23.62
CA ALA A 59 -2.36 37.57 -22.36
C ALA A 59 -3.20 37.05 -21.20
N PRO A 60 -2.58 36.78 -20.06
CA PRO A 60 -3.36 36.36 -18.89
C PRO A 60 -4.10 37.53 -18.26
N ASP A 61 -5.20 37.21 -17.59
CA ASP A 61 -5.97 38.25 -16.90
C ASP A 61 -5.19 38.81 -15.72
N HIS A 62 -4.55 37.92 -14.95
CA HIS A 62 -3.71 38.30 -13.84
C HIS A 62 -2.56 37.31 -13.73
N GLY A 63 -1.50 37.72 -13.06
CA GLY A 63 -0.35 36.87 -12.83
C GLY A 63 0.79 37.18 -13.78
N GLU A 64 1.94 36.55 -13.50
CA GLU A 64 3.14 36.79 -14.28
C GLU A 64 3.64 35.51 -14.93
N ILE A 65 4.08 35.64 -16.18
CA ILE A 65 4.61 34.54 -16.96
C ILE A 65 6.04 34.94 -17.30
N LEU A 66 7.01 34.36 -16.58
CA LEU A 66 8.41 34.72 -16.74
C LEU A 66 9.06 33.76 -17.74
N PHE A 67 9.60 34.32 -18.82
CA PHE A 67 10.43 33.57 -19.75
C PHE A 67 11.88 33.96 -19.53
N ASP A 68 12.70 33.00 -19.10
CA ASP A 68 14.09 33.23 -18.75
C ASP A 68 14.25 34.44 -17.83
N GLY A 69 13.24 34.70 -16.99
CA GLY A 69 13.27 35.75 -16.01
C GLY A 69 12.41 36.96 -16.34
N GLU A 70 12.01 37.12 -17.60
CA GLU A 70 11.28 38.31 -18.05
C GLU A 70 9.79 38.06 -18.05
N ASN A 71 9.03 39.01 -17.50
CA ASN A 71 7.57 38.92 -17.49
C ASN A 71 7.05 39.20 -18.90
N ILE A 72 6.55 38.16 -19.56
CA ILE A 72 6.07 38.30 -20.95
C ILE A 72 4.91 39.30 -21.05
N PRO A 73 3.87 39.23 -20.23
CA PRO A 73 2.77 40.20 -20.37
C PRO A 73 3.21 41.64 -20.19
N ALA A 74 4.29 41.89 -19.45
CA ALA A 74 4.78 43.25 -19.24
C ALA A 74 5.76 43.70 -20.31
N MET A 75 6.11 42.83 -21.26
CA MET A 75 7.10 43.18 -22.25
C MET A 75 6.52 44.10 -23.32
N SER A 76 7.38 44.92 -23.91
CA SER A 76 6.99 45.69 -25.09
C SER A 76 6.85 44.75 -26.28
N ARG A 77 6.21 45.24 -27.34
CA ARG A 77 5.94 44.38 -28.48
C ARG A 77 7.23 43.97 -29.20
N SER A 78 8.17 44.91 -29.35
CA SER A 78 9.44 44.57 -30.01
C SER A 78 10.23 43.58 -29.17
N ARG A 79 10.27 43.80 -27.85
CA ARG A 79 10.93 42.85 -26.96
C ARG A 79 10.28 41.48 -27.06
N LEU A 80 8.94 41.43 -27.13
CA LEU A 80 8.27 40.15 -27.26
C LEU A 80 8.63 39.48 -28.57
N TYR A 81 8.67 40.26 -29.66
CA TYR A 81 9.01 39.70 -30.96
C TYR A 81 10.39 39.08 -30.94
N THR A 82 11.37 39.77 -30.33
CA THR A 82 12.72 39.20 -30.27
C THR A 82 12.81 38.01 -29.33
N VAL A 83 12.02 37.98 -28.26
CA VAL A 83 12.08 36.84 -27.34
C VAL A 83 11.40 35.62 -27.95
N ARG A 84 10.37 35.82 -28.78
CA ARG A 84 9.70 34.72 -29.46
C ARG A 84 10.65 33.91 -30.33
N LYS A 85 11.72 34.56 -30.82
CA LYS A 85 12.71 33.87 -31.65
C LYS A 85 13.34 32.69 -30.94
N ARG A 86 13.26 32.64 -29.61
CA ARG A 86 13.75 31.50 -28.84
C ARG A 86 12.68 30.44 -28.61
N MET A 87 11.55 30.51 -29.33
CA MET A 87 10.43 29.60 -29.12
C MET A 87 9.98 29.01 -30.45
N SER A 88 9.47 27.78 -30.36
CA SER A 88 8.80 27.12 -31.48
C SER A 88 7.61 26.34 -30.93
N MET A 89 6.45 26.50 -31.57
CA MET A 89 5.21 25.88 -31.11
C MET A 89 4.59 25.06 -32.22
N LEU A 90 4.25 23.81 -31.91
CA LEU A 90 3.54 22.92 -32.82
C LEU A 90 2.11 22.82 -32.34
N PHE A 91 1.20 23.40 -33.11
CA PHE A 91 -0.23 23.29 -32.86
C PHE A 91 -0.80 22.24 -33.79
N GLN A 92 -1.92 21.64 -33.38
CA GLN A 92 -2.60 20.68 -34.24
C GLN A 92 -3.44 21.36 -35.29
N SER A 93 -3.98 22.54 -34.99
CA SER A 93 -4.73 23.30 -35.97
C SER A 93 -3.84 23.80 -37.10
N GLY A 94 -2.59 24.10 -36.80
CA GLY A 94 -1.69 24.64 -37.82
C GLY A 94 -1.52 23.67 -38.97
N ALA A 95 -1.43 24.23 -40.19
CA ALA A 95 -1.36 23.43 -41.40
C ALA A 95 -0.12 23.80 -42.20
N LEU A 96 0.27 22.88 -43.09
CA LEU A 96 1.39 23.09 -43.97
C LEU A 96 0.99 23.97 -45.15
N PHE A 97 1.99 24.57 -45.79
CA PHE A 97 1.76 25.33 -47.01
C PHE A 97 1.36 24.37 -48.12
N THR A 98 0.16 24.57 -48.67
CA THR A 98 -0.36 23.64 -49.67
C THR A 98 0.42 23.73 -50.97
N ASP A 99 0.98 24.90 -51.28
CA ASP A 99 1.68 25.08 -52.54
C ASP A 99 3.09 24.51 -52.54
N MET A 100 3.65 24.23 -51.36
CA MET A 100 4.98 23.65 -51.23
C MET A 100 4.87 22.17 -50.87
N ASN A 101 5.88 21.40 -51.24
CA ASN A 101 5.92 19.98 -50.93
C ASN A 101 6.43 19.80 -49.50
N VAL A 102 6.59 18.54 -49.08
CA VAL A 102 7.06 18.24 -47.73
C VAL A 102 8.44 18.86 -47.49
N PHE A 103 9.37 18.62 -48.42
CA PHE A 103 10.74 19.11 -48.26
C PHE A 103 10.78 20.62 -48.10
N ASP A 104 10.10 21.34 -48.99
CA ASP A 104 10.12 22.80 -48.92
C ASP A 104 9.38 23.31 -47.69
N ASN A 105 8.34 22.61 -47.25
CA ASN A 105 7.67 22.98 -46.00
C ASN A 105 8.63 22.91 -44.82
N VAL A 106 9.41 21.83 -44.72
CA VAL A 106 10.35 21.73 -43.60
C VAL A 106 11.52 22.70 -43.78
N ALA A 107 11.90 23.01 -45.03
CA ALA A 107 13.02 23.91 -45.27
C ALA A 107 12.66 25.38 -45.09
N TYR A 108 11.38 25.72 -45.12
CA TYR A 108 10.98 27.13 -45.02
C TYR A 108 11.51 27.84 -43.79
N PRO A 109 11.39 27.32 -42.56
CA PRO A 109 11.96 28.05 -41.41
C PRO A 109 13.46 28.27 -41.55
N LEU A 110 14.17 27.27 -42.06
CA LEU A 110 15.61 27.40 -42.22
C LEU A 110 15.95 28.45 -43.27
N ARG A 111 15.24 28.47 -44.40
CA ARG A 111 15.51 29.49 -45.41
C ARG A 111 15.13 30.88 -44.91
N GLU A 112 14.20 30.96 -43.96
CA GLU A 112 13.75 32.26 -43.49
C GLU A 112 14.64 32.84 -42.39
N HIS A 113 15.21 32.01 -41.53
CA HIS A 113 15.99 32.53 -40.42
C HIS A 113 17.40 31.96 -40.26
N THR A 114 17.76 30.88 -40.97
CA THR A 114 19.04 30.25 -40.68
C THR A 114 20.20 30.97 -41.37
N GLN A 115 20.00 31.39 -42.62
CA GLN A 115 21.01 32.11 -43.39
C GLN A 115 22.31 31.30 -43.44
N LEU A 116 22.19 30.09 -43.99
CA LEU A 116 23.29 29.14 -44.01
C LEU A 116 23.35 28.51 -45.38
N PRO A 117 24.49 27.90 -45.73
CA PRO A 117 24.66 27.42 -47.11
C PRO A 117 23.62 26.39 -47.53
N ALA A 118 23.25 26.46 -48.81
CA ALA A 118 22.26 25.54 -49.38
C ALA A 118 22.64 24.06 -49.29
N PRO A 119 23.89 23.64 -49.52
CA PRO A 119 24.20 22.21 -49.31
C PRO A 119 23.97 21.75 -47.88
N LEU A 120 24.43 22.54 -46.91
CA LEU A 120 24.21 22.22 -45.51
C LEU A 120 22.73 22.23 -45.17
N LEU A 121 21.99 23.23 -45.67
CA LEU A 121 20.54 23.28 -45.44
C LEU A 121 19.86 22.04 -46.00
N HIS A 122 20.28 21.60 -47.18
CA HIS A 122 19.73 20.39 -47.78
C HIS A 122 19.96 19.18 -46.89
N SER A 123 21.21 19.00 -46.44
CA SER A 123 21.52 17.87 -45.55
C SER A 123 20.70 17.95 -44.26
N THR A 124 20.53 19.16 -43.72
CA THR A 124 19.77 19.34 -42.49
C THR A 124 18.31 18.94 -42.66
N VAL A 125 17.68 19.39 -43.76
CA VAL A 125 16.29 19.04 -43.99
C VAL A 125 16.15 17.53 -44.22
N MET A 126 17.12 16.91 -44.90
CA MET A 126 17.05 15.46 -45.09
C MET A 126 17.14 14.72 -43.76
N MET A 127 18.06 15.15 -42.89
CA MET A 127 18.17 14.54 -41.57
C MET A 127 16.88 14.70 -40.77
N LYS A 128 16.29 15.89 -40.81
CA LYS A 128 15.08 16.11 -40.01
C LYS A 128 13.89 15.34 -40.58
N LEU A 129 13.86 15.11 -41.89
CA LEU A 129 12.84 14.23 -42.45
C LEU A 129 13.07 12.79 -42.02
N GLU A 130 14.35 12.38 -41.89
CA GLU A 130 14.66 11.03 -41.43
C GLU A 130 14.21 10.82 -39.98
N ALA A 131 14.42 11.83 -39.13
CA ALA A 131 13.99 11.76 -37.73
C ALA A 131 12.50 11.47 -37.59
N VAL A 132 11.72 11.76 -38.63
CA VAL A 132 10.27 11.65 -38.59
C VAL A 132 9.73 10.55 -39.51
N GLY A 133 10.59 9.98 -40.36
CA GLY A 133 10.17 8.90 -41.23
C GLY A 133 9.53 9.35 -42.52
N LEU A 134 9.80 10.57 -42.95
CA LEU A 134 9.20 11.15 -44.15
C LEU A 134 10.22 11.43 -45.24
N ARG A 135 11.43 10.90 -45.11
CA ARG A 135 12.49 11.21 -46.07
C ARG A 135 12.10 10.80 -47.48
N GLY A 136 11.49 9.63 -47.63
CA GLY A 136 11.05 9.19 -48.94
C GLY A 136 9.84 9.92 -49.47
N ALA A 137 9.22 10.80 -48.67
CA ALA A 137 8.05 11.56 -49.08
C ALA A 137 8.37 13.04 -49.31
N ALA A 138 9.64 13.36 -49.56
CA ALA A 138 10.06 14.76 -49.69
C ALA A 138 9.33 15.45 -50.84
N LYS A 139 9.17 14.76 -51.97
CA LYS A 139 8.56 15.36 -53.14
C LYS A 139 7.05 15.50 -53.02
N LEU A 140 6.41 14.71 -52.16
CA LEU A 140 4.96 14.69 -52.12
C LEU A 140 4.39 16.02 -51.64
N MET A 141 3.21 16.36 -52.14
CA MET A 141 2.47 17.55 -51.75
C MET A 141 1.59 17.23 -50.54
N PRO A 142 1.16 18.26 -49.79
CA PRO A 142 0.34 18.00 -48.61
C PRO A 142 -0.96 17.27 -48.92
N SER A 143 -1.57 17.55 -50.07
CA SER A 143 -2.80 16.85 -50.44
C SER A 143 -2.55 15.35 -50.63
N GLU A 144 -1.35 14.98 -51.06
CA GLU A 144 -0.98 13.59 -51.26
C GLU A 144 -0.66 12.87 -49.96
N LEU A 145 -0.73 13.55 -48.83
CA LEU A 145 -0.33 12.98 -47.55
C LEU A 145 -1.54 12.45 -46.78
N SER A 146 -1.30 11.41 -46.00
CA SER A 146 -2.27 10.91 -45.05
C SER A 146 -2.20 11.73 -43.77
N GLY A 147 -3.18 11.53 -42.88
CA GLY A 147 -3.22 12.28 -41.64
C GLY A 147 -1.92 12.18 -40.85
N GLY A 148 -1.49 10.95 -40.58
CA GLY A 148 -0.25 10.76 -39.83
C GLY A 148 0.95 11.40 -40.49
N MET A 149 1.09 11.24 -41.81
CA MET A 149 2.21 11.82 -42.54
C MET A 149 2.20 13.34 -42.43
N ALA A 150 1.03 13.95 -42.60
CA ALA A 150 0.93 15.41 -42.55
C ALA A 150 1.27 15.92 -41.14
N ARG A 151 0.75 15.26 -40.10
CA ARG A 151 1.08 15.67 -38.75
C ARG A 151 2.58 15.54 -38.50
N ARG A 152 3.19 14.46 -38.99
CA ARG A 152 4.62 14.27 -38.82
C ARG A 152 5.42 15.34 -39.57
N ALA A 153 4.93 15.79 -40.72
CA ALA A 153 5.61 16.84 -41.47
C ALA A 153 5.52 18.18 -40.73
N ALA A 154 4.35 18.49 -40.19
CA ALA A 154 4.21 19.68 -39.35
C ALA A 154 5.21 19.61 -38.18
N LEU A 155 5.32 18.44 -37.55
CA LEU A 155 6.28 18.27 -36.47
C LEU A 155 7.71 18.55 -36.93
N ALA A 156 8.09 17.97 -38.07
CA ALA A 156 9.44 18.18 -38.58
C ALA A 156 9.73 19.65 -38.85
N ARG A 157 8.72 20.40 -39.33
CA ARG A 157 8.90 21.83 -39.47
C ARG A 157 9.05 22.51 -38.11
N ALA A 158 8.32 22.01 -37.10
CA ALA A 158 8.34 22.66 -35.80
C ALA A 158 9.70 22.54 -35.10
N ILE A 159 10.45 21.48 -35.40
CA ILE A 159 11.75 21.25 -34.78
C ILE A 159 12.90 21.68 -35.69
N ALA A 160 12.60 22.39 -36.78
CA ALA A 160 13.63 22.73 -37.76
C ALA A 160 14.66 23.68 -37.18
N LEU A 161 14.23 24.70 -36.46
CA LEU A 161 15.14 25.76 -36.01
C LEU A 161 15.75 25.48 -34.64
N GLU A 162 15.27 24.46 -33.94
CA GLU A 162 15.83 24.02 -32.67
C GLU A 162 16.01 25.13 -31.64
N PRO A 163 14.96 25.93 -31.36
CA PRO A 163 15.12 27.03 -30.41
C PRO A 163 15.29 26.52 -28.99
N ASP A 164 15.46 27.44 -28.03
CA ASP A 164 15.64 27.02 -26.64
C ASP A 164 14.39 26.35 -26.08
N LEU A 165 13.21 26.77 -26.52
CA LEU A 165 11.96 26.22 -26.02
C LEU A 165 11.12 25.73 -27.20
N ILE A 166 10.70 24.46 -27.13
CA ILE A 166 9.75 23.90 -28.08
C ILE A 166 8.54 23.40 -27.30
N MET A 167 7.36 23.78 -27.76
CA MET A 167 6.09 23.38 -27.18
C MET A 167 5.37 22.50 -28.20
N PHE A 168 4.98 21.30 -27.77
CA PHE A 168 4.31 20.32 -28.61
C PHE A 168 2.89 20.18 -28.11
N ASP A 169 1.91 20.36 -29.00
CA ASP A 169 0.51 20.14 -28.65
C ASP A 169 0.09 18.80 -29.25
N GLU A 170 0.01 17.78 -28.40
CA GLU A 170 -0.38 16.43 -28.79
C GLU A 170 0.44 15.88 -29.96
N PRO A 171 1.76 15.75 -29.81
CA PRO A 171 2.60 15.33 -30.95
C PRO A 171 2.40 13.90 -31.39
N PHE A 172 1.71 13.06 -30.62
CA PHE A 172 1.66 11.63 -30.87
C PHE A 172 0.33 11.16 -31.46
N VAL A 173 -0.63 12.05 -31.66
CA VAL A 173 -1.96 11.62 -32.08
C VAL A 173 -1.96 11.28 -33.57
N GLY A 174 -2.90 10.43 -33.95
CA GLY A 174 -3.04 10.00 -35.33
C GLY A 174 -1.88 9.17 -35.84
N GLN A 175 -1.21 8.42 -34.96
CA GLN A 175 -0.06 7.61 -35.33
C GLN A 175 -0.23 6.20 -34.79
N ASP A 176 0.33 5.24 -35.52
CA ASP A 176 0.38 3.87 -35.03
C ASP A 176 1.39 3.80 -33.88
N PRO A 177 1.26 2.80 -33.01
CA PRO A 177 2.11 2.78 -31.81
C PRO A 177 3.61 2.75 -32.08
N ILE A 178 4.06 2.10 -33.15
CA ILE A 178 5.50 2.08 -33.43
C ILE A 178 5.99 3.48 -33.84
N THR A 179 5.22 4.16 -34.70
CA THR A 179 5.55 5.56 -35.02
C THR A 179 5.43 6.44 -33.78
N MET A 180 4.43 6.15 -32.92
CA MET A 180 4.31 6.88 -31.66
C MET A 180 5.59 6.78 -30.83
N GLY A 181 6.14 5.56 -30.73
CA GLY A 181 7.40 5.39 -30.02
C GLY A 181 8.56 6.10 -30.70
N VAL A 182 8.58 6.07 -32.04
CA VAL A 182 9.62 6.80 -32.77
C VAL A 182 9.59 8.28 -32.41
N LEU A 183 8.39 8.86 -32.33
CA LEU A 183 8.26 10.28 -32.01
C LEU A 183 8.65 10.59 -30.57
N VAL A 184 8.25 9.71 -29.64
CA VAL A 184 8.70 9.85 -28.26
C VAL A 184 10.23 9.88 -28.19
N LYS A 185 10.88 8.95 -28.90
CA LYS A 185 12.33 8.91 -29.00
C LYS A 185 12.86 10.23 -29.57
N LEU A 186 12.16 10.79 -30.56
CA LEU A 186 12.58 12.05 -31.15
C LEU A 186 12.65 13.15 -30.10
N ILE A 187 11.56 13.33 -29.35
CA ILE A 187 11.58 14.39 -28.34
C ILE A 187 12.69 14.14 -27.32
N SER A 188 12.84 12.88 -26.87
CA SER A 188 13.86 12.56 -25.88
C SER A 188 15.26 12.93 -26.38
N GLU A 189 15.61 12.46 -27.58
CA GLU A 189 16.96 12.64 -28.09
C GLU A 189 17.24 14.06 -28.52
N LEU A 190 16.22 14.77 -29.03
CA LEU A 190 16.35 16.22 -29.23
C LEU A 190 16.76 16.89 -27.93
N ASN A 191 15.95 16.70 -26.89
CA ASN A 191 16.25 17.30 -25.59
C ASN A 191 17.65 16.95 -25.12
N SER A 192 18.04 15.68 -25.28
CA SER A 192 19.32 15.22 -24.75
C SER A 192 20.49 15.86 -25.50
N ALA A 193 20.46 15.79 -26.82
CA ALA A 193 21.62 16.21 -27.62
C ALA A 193 21.74 17.73 -27.68
N LEU A 194 20.62 18.45 -27.75
CA LEU A 194 20.69 19.89 -27.96
C LEU A 194 20.38 20.71 -26.71
N GLY A 195 19.90 20.07 -25.64
CA GLY A 195 19.51 20.81 -24.45
C GLY A 195 18.23 21.60 -24.61
N VAL A 196 17.43 21.28 -25.62
CA VAL A 196 16.20 22.03 -25.86
C VAL A 196 15.23 21.80 -24.72
N THR A 197 14.68 22.88 -24.19
CA THR A 197 13.61 22.79 -23.20
C THR A 197 12.30 22.46 -23.91
N CYS A 198 11.69 21.34 -23.52
CA CYS A 198 10.50 20.83 -24.18
C CYS A 198 9.32 20.88 -23.21
N VAL A 199 8.19 21.41 -23.69
CA VAL A 199 6.90 21.26 -23.03
C VAL A 199 6.03 20.41 -23.93
N VAL A 200 5.47 19.34 -23.38
CA VAL A 200 4.71 18.36 -24.16
C VAL A 200 3.32 18.25 -23.56
N VAL A 201 2.29 18.50 -24.37
CA VAL A 201 0.90 18.29 -24.00
C VAL A 201 0.45 17.00 -24.64
N SER A 202 -0.01 16.05 -23.84
CA SER A 202 -0.36 14.74 -24.39
C SER A 202 -1.38 14.04 -23.52
N HIS A 203 -2.34 13.37 -24.17
CA HIS A 203 -3.20 12.39 -23.54
C HIS A 203 -2.67 10.98 -23.71
N ASP A 204 -1.54 10.82 -24.40
CA ASP A 204 -0.84 9.54 -24.46
C ASP A 204 0.09 9.47 -23.26
N VAL A 205 -0.52 9.21 -22.10
CA VAL A 205 0.10 9.37 -20.79
C VAL A 205 1.32 8.48 -20.56
N PRO A 206 1.25 7.15 -20.79
CA PRO A 206 2.46 6.33 -20.56
C PRO A 206 3.63 6.78 -21.41
N GLU A 207 3.36 7.10 -22.68
CA GLU A 207 4.40 7.50 -23.61
C GLU A 207 5.12 8.76 -23.13
N VAL A 208 4.36 9.82 -22.81
CA VAL A 208 4.99 11.07 -22.40
C VAL A 208 5.65 10.92 -21.03
N LEU A 209 5.06 10.13 -20.14
CA LEU A 209 5.70 9.97 -18.83
C LEU A 209 6.97 9.16 -18.92
N SER A 210 7.15 8.36 -19.98
CA SER A 210 8.39 7.62 -20.12
C SER A 210 9.61 8.51 -20.38
N ILE A 211 9.41 9.76 -20.79
CA ILE A 211 10.52 10.65 -21.08
C ILE A 211 10.52 11.91 -20.23
N ALA A 212 9.41 12.28 -19.60
CA ALA A 212 9.33 13.56 -18.93
C ALA A 212 10.22 13.58 -17.69
N ASP A 213 10.78 14.76 -17.41
CA ASP A 213 11.39 15.04 -16.12
C ASP A 213 10.37 15.47 -15.08
N HIS A 214 9.40 16.29 -15.47
N HIS A 214 9.41 16.31 -15.44
CA HIS A 214 8.37 16.75 -14.55
CA HIS A 214 8.34 16.64 -14.51
C HIS A 214 7.02 16.70 -15.26
C HIS A 214 7.03 16.65 -15.25
N ALA A 215 5.95 16.47 -14.50
CA ALA A 215 4.61 16.37 -15.06
C ALA A 215 3.64 17.18 -14.24
N TRP A 216 2.67 17.81 -14.90
CA TRP A 216 1.62 18.58 -14.26
C TRP A 216 0.26 18.15 -14.81
N ILE A 217 -0.68 17.87 -13.91
CA ILE A 217 -2.05 17.51 -14.28
C ILE A 217 -2.97 18.67 -13.95
N LEU A 218 -3.83 19.02 -14.90
CA LEU A 218 -4.77 20.13 -14.75
C LEU A 218 -6.20 19.60 -14.72
N ALA A 219 -6.97 20.06 -13.75
CA ALA A 219 -8.39 19.72 -13.68
C ALA A 219 -9.09 20.81 -12.89
N ASP A 220 -10.37 21.01 -13.21
CA ASP A 220 -11.24 21.96 -12.51
C ASP A 220 -10.56 23.32 -12.38
N LYS A 221 -9.98 23.79 -13.48
CA LYS A 221 -9.38 25.11 -13.61
C LYS A 221 -8.17 25.31 -12.72
N LYS A 222 -7.57 24.23 -12.22
CA LYS A 222 -6.42 24.36 -11.33
C LYS A 222 -5.45 23.20 -11.57
N ILE A 223 -4.31 23.27 -10.91
CA ILE A 223 -3.32 22.20 -10.94
C ILE A 223 -3.66 21.21 -9.83
N VAL A 224 -3.94 19.97 -10.21
CA VAL A 224 -4.34 18.94 -9.23
C VAL A 224 -3.18 18.05 -8.79
N ALA A 225 -2.16 17.88 -9.63
CA ALA A 225 -1.04 17.03 -9.26
C ALA A 225 0.18 17.43 -10.05
N HIS A 226 1.34 17.02 -9.54
CA HIS A 226 2.60 17.12 -10.26
C HIS A 226 3.56 16.13 -9.61
N GLY A 227 4.63 15.81 -10.34
CA GLY A 227 5.66 14.93 -9.83
C GLY A 227 6.03 13.88 -10.85
N SER A 228 6.80 12.90 -10.39
CA SER A 228 7.26 11.81 -11.24
C SER A 228 6.10 10.86 -11.55
N ALA A 229 6.38 9.93 -12.46
CA ALA A 229 5.40 8.89 -12.76
C ALA A 229 5.13 8.02 -11.53
N GLN A 230 6.17 7.73 -10.75
CA GLN A 230 6.00 6.98 -9.51
C GLN A 230 5.07 7.71 -8.55
N ALA A 231 5.25 9.04 -8.40
CA ALA A 231 4.40 9.82 -7.52
C ALA A 231 2.93 9.75 -7.96
N LEU A 232 2.69 9.92 -9.25
CA LEU A 232 1.32 9.90 -9.76
C LEU A 232 0.69 8.52 -9.59
N GLN A 233 1.46 7.46 -9.84
CA GLN A 233 0.92 6.11 -9.66
C GLN A 233 0.53 5.84 -8.20
N ALA A 234 1.06 6.61 -7.26
CA ALA A 234 0.71 6.46 -5.85
C ALA A 234 -0.17 7.59 -5.34
N ASN A 235 -0.71 8.42 -6.24
CA ASN A 235 -1.57 9.52 -5.84
C ASN A 235 -2.99 9.05 -5.66
N PRO A 236 -3.60 9.21 -4.48
CA PRO A 236 -4.96 8.73 -4.25
C PRO A 236 -6.05 9.71 -4.67
N ASP A 237 -5.72 10.89 -5.15
CA ASP A 237 -6.74 11.90 -5.42
C ASP A 237 -7.75 11.38 -6.44
N PRO A 238 -9.06 11.49 -6.18
CA PRO A 238 -10.04 10.93 -7.13
C PRO A 238 -9.98 11.53 -8.51
N ARG A 239 -9.68 12.82 -8.63
CA ARG A 239 -9.61 13.42 -9.97
C ARG A 239 -8.40 12.91 -10.74
N VAL A 240 -7.23 12.86 -10.08
CA VAL A 240 -6.03 12.32 -10.70
C VAL A 240 -6.25 10.88 -11.13
N ARG A 241 -6.83 10.08 -10.23
CA ARG A 241 -7.08 8.67 -10.54
C ARG A 241 -8.08 8.52 -11.68
N GLN A 242 -9.13 9.33 -11.68
CA GLN A 242 -10.11 9.31 -12.76
C GLN A 242 -9.44 9.61 -14.09
N PHE A 243 -8.55 10.60 -14.13
CA PHE A 243 -7.91 10.97 -15.39
C PHE A 243 -6.93 9.89 -15.85
N LEU A 244 -6.05 9.43 -14.95
CA LEU A 244 -5.00 8.51 -15.35
C LEU A 244 -5.53 7.11 -15.65
N ASP A 245 -6.39 6.59 -14.77
CA ASP A 245 -6.93 5.24 -14.94
C ASP A 245 -8.13 5.21 -15.88
N GLY A 246 -8.72 6.36 -16.19
CA GLY A 246 -9.89 6.44 -17.03
C GLY A 246 -11.18 5.98 -16.39
N ILE A 247 -11.12 5.33 -15.22
CA ILE A 247 -12.29 4.83 -14.53
C ILE A 247 -12.39 5.55 -13.19
N ALA A 248 -13.62 5.67 -12.68
CA ALA A 248 -13.84 6.30 -11.40
C ALA A 248 -13.81 5.26 -10.29
N ASP A 249 -13.27 5.67 -9.14
CA ASP A 249 -13.24 4.84 -7.92
C ASP A 249 -12.51 3.52 -8.16
N GLY A 250 -11.37 3.59 -8.84
CA GLY A 250 -10.52 2.43 -9.01
C GLY A 250 -9.44 2.40 -7.94
N PRO A 251 -8.66 1.34 -7.90
CA PRO A 251 -7.57 1.25 -6.93
C PRO A 251 -6.37 2.10 -7.33
N VAL A 252 -5.59 2.47 -6.33
CA VAL A 252 -4.31 3.15 -6.55
C VAL A 252 -3.33 2.11 -7.06
N PRO A 253 -2.79 2.25 -8.28
CA PRO A 253 -1.89 1.21 -8.81
C PRO A 253 -0.65 0.97 -7.96
N PHE A 254 0.04 2.02 -7.53
CA PHE A 254 1.09 1.87 -6.52
C PHE A 254 0.42 1.99 -5.16
N ARG A 255 0.04 0.83 -4.62
CA ARG A 255 -0.80 0.77 -3.44
C ARG A 255 -0.07 1.23 -2.18
N TYR A 256 1.25 1.09 -2.16
CA TYR A 256 2.05 1.43 -0.99
C TYR A 256 2.80 2.74 -1.22
N PRO A 257 2.28 3.86 -0.74
CA PRO A 257 2.96 5.14 -0.97
C PRO A 257 4.30 5.17 -0.24
N ALA A 258 5.16 6.07 -0.71
CA ALA A 258 6.52 6.17 -0.18
C ALA A 258 6.65 7.37 0.74
N GLY A 259 7.62 7.27 1.66
CA GLY A 259 7.91 8.34 2.58
C GLY A 259 8.74 9.43 1.92
N ASP A 260 9.26 10.33 2.77
CA ASP A 260 10.09 11.43 2.30
C ASP A 260 11.37 10.88 1.68
N TYR A 261 11.62 11.24 0.41
CA TYR A 261 12.76 10.70 -0.33
C TYR A 261 14.08 11.22 0.23
N HIS A 262 14.15 12.51 0.55
CA HIS A 262 15.34 13.07 1.17
C HIS A 262 15.70 12.32 2.46
N ALA A 263 14.69 11.85 3.18
CA ALA A 263 14.92 11.11 4.41
C ALA A 263 15.39 9.68 4.13
N ASP A 264 14.87 9.06 3.06
CA ASP A 264 15.35 7.73 2.69
C ASP A 264 16.81 7.78 2.25
N LEU A 265 17.17 8.78 1.45
CA LEU A 265 18.52 8.86 0.92
C LEU A 265 19.52 9.27 2.00
N LEU A 266 19.14 10.21 2.85
CA LEU A 266 20.06 10.85 3.80
C LEU A 266 19.47 10.78 5.20
N PRO A 267 19.45 9.59 5.81
CA PRO A 267 18.84 9.46 7.14
C PRO A 267 19.66 10.19 8.21
N GLY A 268 18.96 10.76 9.17
CA GLY A 268 19.61 11.50 10.24
C GLY A 268 19.53 13.00 10.04
N GLU B 8 49.99 23.10 -44.61
CA GLU B 8 50.76 23.01 -43.37
C GLU B 8 49.91 23.41 -42.17
N ASN B 9 50.55 23.93 -41.13
N ASN B 9 50.55 23.94 -41.14
CA ASN B 9 49.84 24.36 -39.94
CA ASN B 9 49.85 24.37 -39.94
C ASN B 9 48.98 25.58 -40.28
C ASN B 9 48.98 25.59 -40.25
N LEU B 10 47.67 25.42 -40.12
CA LEU B 10 46.72 26.50 -40.36
C LEU B 10 46.02 26.84 -39.05
N TYR B 11 45.76 28.12 -38.85
N TYR B 11 45.72 28.12 -38.86
CA TYR B 11 45.08 28.58 -37.65
CA TYR B 11 45.10 28.59 -37.62
C TYR B 11 44.02 29.61 -38.04
C TYR B 11 44.06 29.65 -37.95
N PHE B 12 42.82 29.44 -37.50
CA PHE B 12 41.76 30.43 -37.64
C PHE B 12 41.09 30.58 -36.30
N GLN B 13 40.88 31.82 -35.86
N GLN B 13 40.89 31.83 -35.87
CA GLN B 13 40.18 32.04 -34.62
CA GLN B 13 40.22 32.14 -34.61
C GLN B 13 39.14 33.14 -34.79
C GLN B 13 39.10 33.13 -34.85
N SER B 14 37.98 32.91 -34.16
CA SER B 14 36.87 33.84 -34.13
C SER B 14 36.32 33.77 -32.72
N GLU B 15 35.29 34.58 -32.43
CA GLU B 15 34.83 34.67 -31.05
C GLU B 15 34.25 33.35 -30.55
N SER B 16 33.44 32.68 -31.37
CA SER B 16 32.75 31.47 -30.97
C SER B 16 33.27 30.21 -31.64
N LEU B 17 34.15 30.33 -32.62
CA LEU B 17 34.67 29.14 -33.30
C LEU B 17 36.10 29.38 -33.74
N SER B 18 36.95 28.40 -33.46
CA SER B 18 38.34 28.41 -33.89
C SER B 18 38.68 27.02 -34.39
N TRP B 19 39.61 26.94 -35.33
N TRP B 19 39.61 26.95 -35.33
CA TRP B 19 40.07 25.66 -35.82
CA TRP B 19 40.09 25.64 -35.79
C TRP B 19 41.56 25.73 -36.16
C TRP B 19 41.57 25.74 -36.12
N MET B 20 42.19 24.56 -36.18
CA MET B 20 43.63 24.48 -36.33
C MET B 20 43.97 23.16 -37.02
N GLN B 21 44.76 23.25 -38.09
CA GLN B 21 45.26 22.09 -38.80
C GLN B 21 46.74 21.95 -38.49
N THR B 22 47.07 20.95 -37.68
CA THR B 22 48.47 20.62 -37.41
C THR B 22 48.73 19.29 -38.09
N GLY B 23 49.56 19.31 -39.13
CA GLY B 23 49.89 18.11 -39.84
C GLY B 23 48.64 17.42 -40.35
N ASP B 24 48.41 16.22 -39.83
CA ASP B 24 47.31 15.35 -40.24
C ASP B 24 46.02 15.57 -39.47
N THR B 25 46.01 16.42 -38.44
CA THR B 25 44.82 16.54 -37.59
C THR B 25 44.21 17.93 -37.70
N LEU B 26 42.90 17.96 -37.92
CA LEU B 26 42.08 19.17 -37.84
C LEU B 26 41.35 19.18 -36.50
N ALA B 27 41.66 20.14 -35.65
CA ALA B 27 41.09 20.25 -34.33
C ALA B 27 40.19 21.48 -34.28
N LEU B 28 38.99 21.32 -33.73
CA LEU B 28 38.03 22.39 -33.61
C LEU B 28 37.86 22.81 -32.15
N SER B 29 37.47 24.07 -31.96
CA SER B 29 37.33 24.68 -30.64
C SER B 29 36.13 25.62 -30.70
N GLY B 30 35.28 25.55 -29.68
CA GLY B 30 34.16 26.46 -29.60
C GLY B 30 32.82 25.82 -29.93
N GLU B 31 31.95 26.58 -30.61
CA GLU B 31 30.59 26.15 -30.92
C GLU B 31 30.45 25.86 -32.41
N LEU B 32 29.97 24.66 -32.74
CA LEU B 32 29.70 24.31 -34.14
C LEU B 32 28.21 24.50 -34.41
N ASP B 33 27.82 25.77 -34.47
CA ASP B 33 26.43 26.20 -34.60
C ASP B 33 26.18 26.84 -35.96
N GLN B 34 24.91 26.86 -36.36
CA GLN B 34 24.56 27.30 -37.71
C GLN B 34 24.96 28.74 -37.97
N ASP B 35 24.91 29.60 -36.94
CA ASP B 35 25.28 31.00 -37.13
C ASP B 35 26.79 31.20 -37.20
N VAL B 36 27.56 30.41 -36.44
CA VAL B 36 29.00 30.63 -36.33
C VAL B 36 29.84 29.73 -37.25
N LEU B 37 29.24 28.72 -37.87
CA LEU B 37 30.05 27.75 -38.61
C LEU B 37 30.44 28.25 -39.99
N LEU B 38 29.90 29.37 -40.45
CA LEU B 38 30.06 29.75 -41.85
C LEU B 38 31.51 29.87 -42.29
N PRO B 39 32.42 30.50 -41.53
CA PRO B 39 33.81 30.54 -41.99
C PRO B 39 34.39 29.17 -42.26
N LEU B 40 34.10 28.18 -41.41
CA LEU B 40 34.66 26.85 -41.63
C LEU B 40 34.11 26.22 -42.89
N TRP B 41 32.85 26.51 -43.22
CA TRP B 41 32.31 26.06 -44.49
C TRP B 41 33.09 26.68 -45.66
N GLU B 42 33.44 27.96 -45.55
CA GLU B 42 34.04 28.66 -46.68
C GLU B 42 35.44 28.14 -47.00
N MET B 43 36.16 27.67 -45.99
CA MET B 43 37.51 27.13 -46.15
C MET B 43 37.55 25.62 -45.92
N ARG B 44 36.46 24.92 -46.28
CA ARG B 44 36.36 23.49 -46.03
C ARG B 44 37.46 22.71 -46.74
N GLU B 45 37.75 23.06 -47.99
CA GLU B 45 38.71 22.27 -48.75
C GLU B 45 40.12 22.43 -48.19
N GLU B 46 40.49 23.64 -47.77
CA GLU B 46 41.79 23.84 -47.14
C GLU B 46 41.87 23.11 -45.81
N ALA B 47 40.78 23.13 -45.04
CA ALA B 47 40.76 22.57 -43.70
C ALA B 47 40.93 21.06 -43.69
N VAL B 48 40.53 20.38 -44.77
CA VAL B 48 40.54 18.93 -44.80
C VAL B 48 41.65 18.39 -45.70
N LYS B 49 42.64 19.21 -46.03
CA LYS B 49 43.67 18.80 -46.96
C LYS B 49 44.73 17.97 -46.27
N GLY B 50 44.86 16.71 -46.70
CA GLY B 50 45.81 15.78 -46.12
C GLY B 50 45.62 15.58 -44.63
N ILE B 51 44.38 15.42 -44.19
CA ILE B 51 44.06 15.15 -42.80
C ILE B 51 43.46 13.75 -42.73
N THR B 52 43.80 13.04 -41.67
CA THR B 52 43.26 11.73 -41.38
C THR B 52 42.43 11.72 -40.10
N CYS B 53 42.31 12.86 -39.42
CA CYS B 53 41.65 12.92 -38.12
C CYS B 53 41.00 14.27 -37.91
N ILE B 54 39.81 14.25 -37.31
CA ILE B 54 39.11 15.45 -36.88
C ILE B 54 38.94 15.37 -35.36
N ASP B 55 39.44 16.37 -34.65
CA ASP B 55 39.40 16.41 -33.19
C ASP B 55 38.35 17.42 -32.76
N LEU B 56 37.33 16.95 -32.03
CA LEU B 56 36.26 17.78 -31.51
C LEU B 56 36.34 17.94 -29.99
N SER B 57 37.48 17.60 -29.39
CA SER B 57 37.61 17.58 -27.93
C SER B 57 37.27 18.91 -27.28
N ARG B 58 37.53 20.02 -27.98
N ARG B 58 37.55 20.03 -27.97
CA ARG B 58 37.32 21.36 -27.43
CA ARG B 58 37.32 21.35 -27.41
C ARG B 58 36.05 22.00 -27.94
C ARG B 58 36.06 22.01 -27.96
N VAL B 59 35.14 21.23 -28.52
CA VAL B 59 33.87 21.75 -29.05
C VAL B 59 32.80 21.56 -27.99
N SER B 60 32.14 22.64 -27.61
CA SER B 60 31.14 22.59 -26.55
C SER B 60 29.74 22.24 -27.04
N ARG B 61 29.41 22.56 -28.28
CA ARG B 61 28.05 22.35 -28.77
C ARG B 61 28.08 22.08 -30.27
N VAL B 62 27.23 21.16 -30.72
CA VAL B 62 27.07 20.85 -32.13
C VAL B 62 25.58 20.75 -32.39
N ASP B 63 25.04 21.67 -33.19
CA ASP B 63 23.65 21.57 -33.60
C ASP B 63 23.58 20.82 -34.92
N THR B 64 22.37 20.68 -35.47
CA THR B 64 22.18 19.84 -36.65
C THR B 64 22.93 20.41 -37.85
N GLY B 65 22.91 21.74 -38.01
CA GLY B 65 23.69 22.36 -39.08
C GLY B 65 25.18 22.10 -38.95
N GLY B 66 25.71 22.19 -37.71
CA GLY B 66 27.10 21.85 -37.50
C GLY B 66 27.40 20.40 -37.82
N LEU B 67 26.48 19.51 -37.47
CA LEU B 67 26.63 18.10 -37.81
C LEU B 67 26.65 17.89 -39.32
N ALA B 68 25.83 18.63 -40.06
CA ALA B 68 25.84 18.54 -41.52
C ALA B 68 27.17 19.01 -42.08
N LEU B 69 27.68 20.13 -41.55
CA LEU B 69 29.03 20.57 -41.92
C LEU B 69 30.05 19.48 -41.66
N LEU B 70 29.95 18.80 -40.51
CA LEU B 70 30.89 17.75 -40.17
C LEU B 70 30.83 16.61 -41.18
N LEU B 71 29.62 16.24 -41.60
CA LEU B 71 29.47 15.18 -42.58
C LEU B 71 30.08 15.58 -43.91
N HIS B 72 29.86 16.83 -44.32
CA HIS B 72 30.47 17.30 -45.56
C HIS B 72 31.99 17.30 -45.47
N LEU B 73 32.54 17.66 -44.30
CA LEU B 73 33.99 17.63 -44.15
C LEU B 73 34.53 16.22 -44.27
N ILE B 74 33.87 15.26 -43.61
CA ILE B 74 34.30 13.86 -43.71
C ILE B 74 34.26 13.40 -45.17
N ASP B 75 33.22 13.82 -45.89
CA ASP B 75 33.06 13.39 -47.29
C ASP B 75 34.16 13.96 -48.18
N LEU B 76 34.41 15.27 -48.05
CA LEU B 76 35.46 15.90 -48.84
C LEU B 76 36.83 15.38 -48.48
N ALA B 77 37.07 15.03 -47.22
CA ALA B 77 38.36 14.49 -46.80
C ALA B 77 38.62 13.14 -47.45
N LYS B 78 37.62 12.23 -47.39
CA LYS B 78 37.80 10.92 -47.98
C LYS B 78 37.89 10.95 -49.49
N LYS B 79 37.21 11.89 -50.15
CA LYS B 79 37.32 11.99 -51.61
C LYS B 79 38.76 12.14 -52.06
N GLN B 80 39.56 12.85 -51.25
CA GLN B 80 41.00 12.96 -51.50
C GLN B 80 41.72 11.64 -51.32
N GLY B 81 41.05 10.62 -50.78
CA GLY B 81 41.67 9.35 -50.51
C GLY B 81 42.05 9.12 -49.08
N ASN B 82 41.44 9.84 -48.12
CA ASN B 82 41.83 9.78 -46.72
C ASN B 82 40.62 9.37 -45.89
N ASN B 83 40.62 8.14 -45.37
CA ASN B 83 39.68 7.78 -44.31
C ASN B 83 40.03 8.56 -43.06
N VAL B 84 39.00 9.14 -42.44
CA VAL B 84 39.17 10.08 -41.34
C VAL B 84 38.65 9.48 -40.05
N THR B 85 39.44 9.63 -38.98
CA THR B 85 39.06 9.24 -37.65
C THR B 85 38.47 10.43 -36.90
N LEU B 86 37.60 10.15 -35.94
CA LEU B 86 37.05 11.17 -35.07
C LEU B 86 37.58 10.97 -33.65
N GLN B 87 37.84 12.09 -32.97
CA GLN B 87 38.46 12.08 -31.66
C GLN B 87 37.84 13.15 -30.78
N GLY B 88 37.68 12.84 -29.50
CA GLY B 88 37.16 13.81 -28.56
C GLY B 88 35.71 14.19 -28.77
N VAL B 89 34.92 13.29 -29.34
CA VAL B 89 33.53 13.59 -29.65
C VAL B 89 32.69 13.54 -28.37
N ASN B 90 31.99 14.63 -28.09
CA ASN B 90 31.07 14.65 -26.96
C ASN B 90 29.92 13.71 -27.24
N ASP B 91 29.44 13.01 -26.20
CA ASP B 91 28.41 12.01 -26.37
C ASP B 91 27.12 12.59 -26.96
N LYS B 92 26.85 13.88 -26.73
CA LYS B 92 25.66 14.50 -27.32
C LYS B 92 25.72 14.51 -28.84
N VAL B 93 26.92 14.62 -29.41
CA VAL B 93 27.04 14.56 -30.87
C VAL B 93 26.57 13.19 -31.38
N TYR B 94 26.97 12.11 -30.70
CA TYR B 94 26.53 10.79 -31.13
C TYR B 94 25.04 10.58 -30.87
N THR B 95 24.51 11.19 -29.81
CA THR B 95 23.05 11.17 -29.62
C THR B 95 22.35 11.84 -30.79
N LEU B 96 22.87 12.98 -31.26
CA LEU B 96 22.28 13.66 -32.41
C LEU B 96 22.38 12.80 -33.66
N ALA B 97 23.52 12.13 -33.85
CA ALA B 97 23.66 11.20 -34.96
C ALA B 97 22.65 10.07 -34.86
N LYS B 98 22.40 9.59 -33.65
CA LYS B 98 21.40 8.54 -33.42
C LYS B 98 20.01 9.03 -33.76
N LEU B 99 19.70 10.28 -33.43
CA LEU B 99 18.41 10.87 -33.75
C LEU B 99 18.12 10.80 -35.25
N TYR B 100 19.12 11.07 -36.07
CA TYR B 100 18.97 11.12 -37.52
C TYR B 100 19.39 9.83 -38.22
N ASN B 101 19.72 8.77 -37.47
CA ASN B 101 19.99 7.45 -38.04
C ASN B 101 21.12 7.49 -39.07
N LEU B 102 22.21 8.18 -38.71
CA LEU B 102 23.27 8.38 -39.68
C LEU B 102 23.98 7.06 -39.98
N PRO B 103 24.19 6.72 -41.25
CA PRO B 103 24.86 5.46 -41.59
C PRO B 103 26.31 5.43 -41.13
N ALA B 104 26.89 4.23 -41.21
CA ALA B 104 28.28 4.04 -40.78
C ALA B 104 29.25 4.78 -41.71
N ASP B 105 29.01 4.74 -43.02
CA ASP B 105 29.94 5.33 -43.96
C ASP B 105 29.96 6.86 -43.94
N VAL B 106 29.05 7.49 -43.20
CA VAL B 106 28.97 8.95 -43.16
C VAL B 106 29.67 9.52 -41.93
N LEU B 107 29.66 8.77 -40.83
CA LEU B 107 30.21 9.30 -39.58
C LEU B 107 30.89 8.18 -38.79
N PRO B 108 32.20 8.30 -38.52
CA PRO B 108 32.87 7.26 -37.74
C PRO B 108 32.33 7.19 -36.32
N ARG B 109 32.12 5.97 -35.85
CA ARG B 109 31.53 5.75 -34.52
C ARG B 109 32.63 5.58 -33.48
N SER C 4 39.69 -2.75 -27.86
CA SER C 4 38.26 -2.90 -27.61
C SER C 4 37.57 -3.52 -28.82
N VAL C 5 36.44 -4.17 -28.56
CA VAL C 5 35.68 -4.88 -29.58
C VAL C 5 34.32 -4.19 -29.72
N ALA C 6 33.85 -4.10 -30.97
CA ALA C 6 32.66 -3.33 -31.26
C ALA C 6 31.41 -4.01 -30.72
N ASN C 7 31.31 -5.33 -30.89
CA ASN C 7 30.15 -6.09 -30.46
C ASN C 7 30.49 -6.85 -29.18
N LEU C 8 29.82 -6.52 -28.08
CA LEU C 8 30.05 -7.22 -26.83
C LEU C 8 29.59 -8.67 -26.93
N VAL C 9 28.55 -8.94 -27.69
CA VAL C 9 28.10 -10.30 -27.99
C VAL C 9 28.03 -10.45 -29.50
N ASP C 10 28.62 -11.52 -30.01
CA ASP C 10 28.73 -11.79 -31.45
C ASP C 10 28.40 -13.25 -31.66
N MET C 11 27.16 -13.54 -32.05
CA MET C 11 26.77 -14.92 -32.34
C MET C 11 27.01 -15.21 -33.82
N ARG C 12 27.67 -16.33 -34.10
CA ARG C 12 28.01 -16.70 -35.47
C ARG C 12 27.61 -18.14 -35.72
N ASP C 13 26.70 -18.34 -36.68
CA ASP C 13 26.31 -19.65 -37.19
C ASP C 13 25.92 -20.59 -36.06
N VAL C 14 24.98 -20.13 -35.23
CA VAL C 14 24.60 -20.84 -34.02
C VAL C 14 23.37 -21.69 -34.33
N SER C 15 23.46 -22.97 -33.98
CA SER C 15 22.34 -23.89 -34.10
C SER C 15 22.08 -24.50 -32.74
N PHE C 16 20.81 -24.81 -32.47
CA PHE C 16 20.47 -25.39 -31.18
C PHE C 16 19.23 -26.24 -31.34
N THR C 17 19.33 -27.48 -30.86
CA THR C 17 18.29 -28.49 -30.91
C THR C 17 18.06 -29.04 -29.50
N ARG C 18 16.81 -29.08 -29.08
CA ARG C 18 16.40 -29.67 -27.81
C ARG C 18 15.52 -30.86 -28.13
N GLY C 19 15.93 -32.06 -27.71
CA GLY C 19 15.18 -33.23 -28.11
C GLY C 19 15.30 -33.45 -29.61
N ASN C 20 14.18 -33.79 -30.23
CA ASN C 20 14.13 -34.02 -31.67
C ASN C 20 13.84 -32.76 -32.47
N ARG C 21 13.54 -31.64 -31.82
CA ARG C 21 13.10 -30.42 -32.48
C ARG C 21 14.22 -29.37 -32.52
N CYS C 22 14.34 -28.71 -33.66
CA CYS C 22 15.31 -27.63 -33.81
C CYS C 22 14.72 -26.33 -33.31
N ILE C 23 15.52 -25.55 -32.60
CA ILE C 23 15.11 -24.25 -32.08
C ILE C 23 15.80 -23.12 -32.83
N PHE C 24 17.08 -23.29 -33.16
CA PHE C 24 17.74 -22.30 -33.99
C PHE C 24 18.54 -23.03 -35.06
N ASP C 25 18.45 -22.50 -36.29
CA ASP C 25 19.14 -23.05 -37.46
C ASP C 25 20.10 -22.01 -38.02
N ASN C 26 21.37 -22.11 -37.62
CA ASN C 26 22.45 -21.35 -38.24
C ASN C 26 22.17 -19.85 -38.12
N ILE C 27 21.87 -19.41 -36.91
CA ILE C 27 21.52 -18.01 -36.70
C ILE C 27 22.77 -17.20 -36.40
N SER C 28 22.74 -15.92 -36.73
CA SER C 28 23.86 -15.01 -36.51
C SER C 28 23.33 -13.68 -36.03
N LEU C 29 23.92 -13.16 -34.95
CA LEU C 29 23.40 -11.96 -34.31
C LEU C 29 24.55 -11.21 -33.65
N THR C 30 24.38 -9.89 -33.48
CA THR C 30 25.37 -9.08 -32.82
C THR C 30 24.71 -8.18 -31.78
N VAL C 31 25.44 -7.92 -30.71
CA VAL C 31 24.98 -7.02 -29.66
C VAL C 31 26.07 -5.96 -29.52
N PRO C 32 25.92 -4.80 -30.17
CA PRO C 32 26.97 -3.78 -30.10
C PRO C 32 27.18 -3.27 -28.68
N ARG C 33 28.44 -3.01 -28.34
CA ARG C 33 28.81 -2.61 -26.99
C ARG C 33 28.17 -1.27 -26.61
N GLY C 34 27.57 -1.22 -25.42
CA GLY C 34 26.98 0.01 -24.92
C GLY C 34 25.65 0.42 -25.53
N LYS C 35 25.00 -0.45 -26.28
CA LYS C 35 23.76 -0.11 -26.96
C LYS C 35 22.62 -1.05 -26.55
N ILE C 36 21.41 -0.72 -26.97
CA ILE C 36 20.24 -1.51 -26.65
C ILE C 36 19.83 -2.34 -27.87
N THR C 37 19.84 -3.66 -27.66
CA THR C 37 19.44 -4.66 -28.65
C THR C 37 18.16 -5.32 -28.19
N ALA C 38 17.15 -5.30 -29.04
CA ALA C 38 15.86 -5.92 -28.79
C ALA C 38 15.76 -7.20 -29.60
N ILE C 39 15.24 -8.25 -28.98
CA ILE C 39 15.01 -9.53 -29.63
C ILE C 39 13.53 -9.83 -29.52
N MET C 40 12.87 -10.01 -30.67
CA MET C 40 11.42 -10.11 -30.74
C MET C 40 11.05 -11.33 -31.56
N GLY C 41 9.83 -11.81 -31.37
CA GLY C 41 9.32 -12.95 -32.09
C GLY C 41 8.14 -13.58 -31.40
N PRO C 42 7.48 -14.51 -32.08
CA PRO C 42 6.33 -15.20 -31.48
C PRO C 42 6.73 -15.97 -30.24
N SER C 43 5.73 -16.28 -29.42
CA SER C 43 5.98 -17.02 -28.19
C SER C 43 6.45 -18.44 -28.49
N GLY C 44 7.20 -19.01 -27.54
CA GLY C 44 7.61 -20.40 -27.62
C GLY C 44 8.71 -20.72 -28.61
N ILE C 45 9.30 -19.71 -29.26
CA ILE C 45 10.35 -19.97 -30.24
C ILE C 45 11.71 -20.06 -29.54
N GLY C 46 11.72 -19.98 -28.22
CA GLY C 46 12.95 -20.15 -27.47
C GLY C 46 13.81 -18.91 -27.32
N LYS C 47 13.20 -17.73 -27.18
CA LYS C 47 13.98 -16.51 -26.99
C LYS C 47 14.76 -16.54 -25.66
N THR C 48 14.09 -17.03 -24.61
CA THR C 48 14.77 -17.23 -23.33
C THR C 48 15.95 -18.17 -23.49
N THR C 49 15.78 -19.22 -24.30
CA THR C 49 16.88 -20.13 -24.62
C THR C 49 18.05 -19.37 -25.26
N LEU C 50 17.75 -18.38 -26.11
CA LEU C 50 18.80 -17.56 -26.71
C LEU C 50 19.59 -16.83 -25.63
N LEU C 51 18.87 -16.22 -24.68
CA LEU C 51 19.56 -15.57 -23.57
C LEU C 51 20.43 -16.57 -22.81
N ARG C 52 19.92 -17.78 -22.60
CA ARG C 52 20.68 -18.80 -21.89
C ARG C 52 21.94 -19.18 -22.64
N LEU C 53 21.87 -19.21 -23.97
CA LEU C 53 23.06 -19.47 -24.77
C LEU C 53 24.11 -18.37 -24.59
N ILE C 54 23.69 -17.10 -24.56
CA ILE C 54 24.66 -16.03 -24.35
C ILE C 54 25.31 -16.15 -22.97
N GLY C 55 24.51 -16.41 -21.94
CA GLY C 55 25.03 -16.53 -20.59
C GLY C 55 25.86 -17.77 -20.32
N GLY C 56 26.10 -18.63 -21.31
CA GLY C 56 26.85 -19.84 -21.09
C GLY C 56 26.10 -20.93 -20.34
N GLN C 57 24.85 -20.68 -19.95
CA GLN C 57 24.08 -21.67 -19.22
C GLN C 57 23.72 -22.86 -20.11
N ILE C 58 23.52 -22.61 -21.39
CA ILE C 58 23.23 -23.66 -22.37
C ILE C 58 24.32 -23.66 -23.43
N ALA C 59 24.64 -24.85 -23.93
CA ALA C 59 25.67 -24.88 -24.96
C ALA C 59 25.05 -25.10 -26.34
N PRO C 60 25.59 -24.42 -27.37
CA PRO C 60 25.06 -24.61 -28.73
C PRO C 60 25.56 -25.91 -29.34
N ASP C 61 24.76 -26.44 -30.28
CA ASP C 61 25.18 -27.62 -31.01
C ASP C 61 26.33 -27.31 -31.96
N HIS C 62 26.20 -26.20 -32.69
CA HIS C 62 27.21 -25.72 -33.61
C HIS C 62 27.22 -24.19 -33.57
N GLY C 63 28.40 -23.61 -33.69
CA GLY C 63 28.55 -22.18 -33.82
C GLY C 63 29.40 -21.60 -32.70
N GLU C 64 29.69 -20.31 -32.83
CA GLU C 64 30.46 -19.61 -31.83
C GLU C 64 29.64 -18.46 -31.24
N ILE C 65 29.83 -18.23 -29.95
CA ILE C 65 29.16 -17.15 -29.22
C ILE C 65 30.27 -16.37 -28.56
N LEU C 66 30.59 -15.20 -29.12
CA LEU C 66 31.71 -14.39 -28.66
C LEU C 66 31.22 -13.38 -27.65
N PHE C 67 31.82 -13.37 -26.46
CA PHE C 67 31.58 -12.35 -25.45
C PHE C 67 32.85 -11.54 -25.35
N ASP C 68 32.79 -10.28 -25.76
CA ASP C 68 33.94 -9.38 -25.77
C ASP C 68 35.12 -10.00 -26.51
N GLY C 69 34.83 -10.91 -27.46
CA GLY C 69 35.83 -11.53 -28.29
C GLY C 69 36.12 -12.99 -27.97
N GLU C 70 35.70 -13.47 -26.81
CA GLU C 70 35.98 -14.84 -26.39
C GLU C 70 34.81 -15.76 -26.70
N ASN C 71 35.12 -16.95 -27.21
CA ASN C 71 34.10 -17.94 -27.51
C ASN C 71 33.68 -18.62 -26.22
N ILE C 72 32.44 -18.38 -25.79
CA ILE C 72 31.92 -18.86 -24.51
C ILE C 72 31.77 -20.37 -24.48
N PRO C 73 31.27 -21.03 -25.53
CA PRO C 73 31.23 -22.50 -25.49
C PRO C 73 32.59 -23.15 -25.27
N ALA C 74 33.67 -22.53 -25.75
CA ALA C 74 35.00 -23.12 -25.65
C ALA C 74 35.70 -22.81 -24.33
N MET C 75 35.08 -22.04 -23.44
CA MET C 75 35.81 -21.60 -22.27
C MET C 75 35.86 -22.69 -21.21
N SER C 76 36.88 -22.61 -20.37
CA SER C 76 36.95 -23.49 -19.22
C SER C 76 35.87 -23.09 -18.22
N ARG C 77 35.57 -24.00 -17.30
CA ARG C 77 34.50 -23.70 -16.35
C ARG C 77 34.88 -22.50 -15.49
N SER C 78 36.13 -22.44 -15.04
CA SER C 78 36.61 -21.30 -14.24
C SER C 78 36.53 -20.01 -15.04
N ARG C 79 36.98 -20.03 -16.31
CA ARG C 79 36.96 -18.82 -17.12
C ARG C 79 35.52 -18.35 -17.37
N LEU C 80 34.60 -19.29 -17.62
CA LEU C 80 33.19 -18.92 -17.74
C LEU C 80 32.67 -18.30 -16.44
N TYR C 81 33.03 -18.89 -15.29
CA TYR C 81 32.65 -18.30 -14.01
C TYR C 81 33.11 -16.84 -13.91
N THR C 82 34.37 -16.59 -14.30
CA THR C 82 34.93 -15.25 -14.18
C THR C 82 34.27 -14.28 -15.17
N VAL C 83 33.99 -14.75 -16.39
CA VAL C 83 33.41 -13.88 -17.40
C VAL C 83 31.97 -13.54 -17.07
N ARG C 84 31.23 -14.48 -16.46
N ARG C 84 31.23 -14.48 -16.48
CA ARG C 84 29.84 -14.21 -16.13
CA ARG C 84 29.85 -14.23 -16.12
C ARG C 84 29.69 -13.14 -15.06
C ARG C 84 29.71 -13.10 -15.12
N LYS C 85 30.77 -12.79 -14.36
CA LYS C 85 30.73 -11.67 -13.42
C LYS C 85 30.41 -10.35 -14.13
N ARG C 86 30.62 -10.29 -15.44
CA ARG C 86 30.26 -9.16 -16.27
C ARG C 86 28.82 -9.21 -16.76
N MET C 87 28.00 -10.11 -16.22
CA MET C 87 26.66 -10.35 -16.75
C MET C 87 25.62 -10.35 -15.64
N SER C 88 24.40 -9.98 -16.02
CA SER C 88 23.23 -10.10 -15.16
C SER C 88 22.07 -10.58 -16.00
N MET C 89 21.35 -11.57 -15.48
CA MET C 89 20.27 -12.23 -16.20
C MET C 89 18.99 -12.04 -15.40
N LEU C 90 17.98 -11.46 -16.03
CA LEU C 90 16.65 -11.36 -15.44
C LEU C 90 15.75 -12.33 -16.18
N PHE C 91 15.37 -13.39 -15.49
CA PHE C 91 14.45 -14.38 -16.02
C PHE C 91 13.16 -14.31 -15.21
N GLN C 92 12.05 -14.65 -15.85
CA GLN C 92 10.79 -14.75 -15.14
C GLN C 92 10.79 -15.88 -14.12
N SER C 93 11.56 -16.94 -14.37
CA SER C 93 11.61 -18.06 -13.44
C SER C 93 12.21 -17.67 -12.09
N GLY C 94 13.24 -16.81 -12.10
CA GLY C 94 13.95 -16.50 -10.86
C GLY C 94 13.03 -15.92 -9.80
N ALA C 95 13.31 -16.27 -8.54
CA ALA C 95 12.51 -15.83 -7.40
C ALA C 95 13.38 -15.19 -6.33
N LEU C 96 12.72 -14.45 -5.45
CA LEU C 96 13.33 -13.75 -4.32
C LEU C 96 13.55 -14.69 -3.13
N PHE C 97 14.43 -14.26 -2.22
CA PHE C 97 14.58 -14.93 -0.94
C PHE C 97 13.37 -14.65 -0.06
N THR C 98 12.69 -15.71 0.39
CA THR C 98 11.51 -15.53 1.22
C THR C 98 11.86 -14.98 2.59
N ASP C 99 13.06 -15.27 3.10
CA ASP C 99 13.42 -14.88 4.45
C ASP C 99 13.59 -13.38 4.62
N MET C 100 13.98 -12.67 3.56
CA MET C 100 14.23 -11.23 3.65
C MET C 100 13.26 -10.42 2.78
N ASN C 101 13.11 -9.16 3.16
CA ASN C 101 12.17 -8.24 2.55
C ASN C 101 12.71 -7.69 1.23
N VAL C 102 11.96 -6.75 0.64
CA VAL C 102 12.32 -6.22 -0.67
C VAL C 102 13.66 -5.50 -0.62
N PHE C 103 13.82 -4.63 0.39
CA PHE C 103 15.06 -3.88 0.53
C PHE C 103 16.25 -4.80 0.66
N ASP C 104 16.15 -5.82 1.52
CA ASP C 104 17.27 -6.73 1.72
C ASP C 104 17.51 -7.60 0.49
N ASN C 105 16.44 -7.98 -0.21
CA ASN C 105 16.60 -8.73 -1.45
C ASN C 105 17.42 -7.93 -2.46
N VAL C 106 17.06 -6.66 -2.64
CA VAL C 106 17.81 -5.84 -3.61
C VAL C 106 19.22 -5.54 -3.11
N ALA C 107 19.40 -5.41 -1.79
CA ALA C 107 20.72 -5.12 -1.24
C ALA C 107 21.63 -6.34 -1.25
N TYR C 108 21.08 -7.54 -1.40
CA TYR C 108 21.88 -8.76 -1.35
C TYR C 108 22.98 -8.80 -2.40
N PRO C 109 22.73 -8.55 -3.69
CA PRO C 109 23.85 -8.58 -4.65
C PRO C 109 24.96 -7.61 -4.29
N LEU C 110 24.59 -6.43 -3.80
CA LEU C 110 25.61 -5.47 -3.38
C LEU C 110 26.40 -6.01 -2.21
N ARG C 111 25.73 -6.31 -1.09
CA ARG C 111 26.42 -6.83 0.08
C ARG C 111 27.29 -8.04 -0.24
N GLU C 112 26.90 -8.83 -1.24
CA GLU C 112 27.68 -10.01 -1.59
C GLU C 112 28.88 -9.67 -2.45
N HIS C 113 28.81 -8.61 -3.28
CA HIS C 113 29.89 -8.36 -4.21
C HIS C 113 30.39 -6.92 -4.26
N THR C 114 29.78 -5.98 -3.53
CA THR C 114 30.17 -4.59 -3.75
C THR C 114 31.29 -4.12 -2.82
N GLN C 115 31.34 -4.58 -1.57
CA GLN C 115 32.33 -4.12 -0.60
C GLN C 115 32.23 -2.59 -0.41
N LEU C 116 30.99 -2.09 -0.36
CA LEU C 116 30.59 -0.69 -0.29
C LEU C 116 30.06 -0.35 1.10
N PRO C 117 30.28 0.88 1.59
CA PRO C 117 29.87 1.20 2.96
C PRO C 117 28.37 1.15 3.14
N ALA C 118 27.96 0.90 4.39
CA ALA C 118 26.55 0.69 4.69
C ALA C 118 25.68 1.90 4.35
N PRO C 119 26.01 3.13 4.75
CA PRO C 119 25.13 4.26 4.36
C PRO C 119 25.03 4.45 2.85
N LEU C 120 26.14 4.28 2.14
CA LEU C 120 26.11 4.42 0.69
C LEU C 120 25.32 3.29 0.06
N LEU C 121 25.47 2.07 0.57
CA LEU C 121 24.69 0.95 0.05
C LEU C 121 23.21 1.17 0.30
N HIS C 122 22.87 1.72 1.47
CA HIS C 122 21.49 2.05 1.80
C HIS C 122 20.91 3.05 0.79
N SER C 123 21.64 4.13 0.53
CA SER C 123 21.17 5.11 -0.44
C SER C 123 21.07 4.52 -1.83
N THR C 124 22.01 3.63 -2.20
CA THR C 124 21.96 2.99 -3.51
C THR C 124 20.71 2.14 -3.66
N VAL C 125 20.39 1.34 -2.64
CA VAL C 125 19.20 0.50 -2.69
C VAL C 125 17.94 1.36 -2.72
N MET C 126 17.92 2.46 -1.97
CA MET C 126 16.77 3.36 -2.02
C MET C 126 16.56 3.90 -3.43
N MET C 127 17.64 4.33 -4.08
CA MET C 127 17.53 4.83 -5.44
C MET C 127 17.05 3.75 -6.40
N LYS C 128 17.57 2.53 -6.27
CA LYS C 128 17.19 1.47 -7.19
C LYS C 128 15.74 1.05 -6.97
N LEU C 129 15.26 1.06 -5.73
CA LEU C 129 13.84 0.84 -5.48
C LEU C 129 13.00 1.96 -6.08
N GLU C 130 13.47 3.20 -6.00
CA GLU C 130 12.74 4.31 -6.60
C GLU C 130 12.63 4.18 -8.12
N ALA C 131 13.72 3.76 -8.77
CA ALA C 131 13.69 3.56 -10.21
C ALA C 131 12.59 2.60 -10.61
N VAL C 132 12.24 1.68 -9.70
CA VAL C 132 11.28 0.62 -9.96
C VAL C 132 9.92 0.89 -9.30
N GLY C 133 9.81 1.97 -8.53
CA GLY C 133 8.54 2.27 -7.88
C GLY C 133 8.18 1.36 -6.74
N LEU C 134 9.18 0.86 -6.01
CA LEU C 134 8.94 -0.02 -4.87
C LEU C 134 9.47 0.57 -3.57
N ARG C 135 9.79 1.86 -3.54
CA ARG C 135 10.41 2.45 -2.35
C ARG C 135 9.45 2.38 -1.16
N GLY C 136 8.16 2.61 -1.40
CA GLY C 136 7.16 2.46 -0.35
C GLY C 136 6.91 1.03 0.07
N ALA C 137 7.46 0.05 -0.64
CA ALA C 137 7.28 -1.36 -0.32
C ALA C 137 8.55 -1.99 0.24
N ALA C 138 9.50 -1.16 0.67
CA ALA C 138 10.81 -1.66 1.13
C ALA C 138 10.69 -2.73 2.20
N LYS C 139 9.77 -2.54 3.15
CA LYS C 139 9.66 -3.42 4.30
C LYS C 139 8.87 -4.69 4.01
N LEU C 140 8.11 -4.73 2.92
CA LEU C 140 7.27 -5.88 2.63
C LEU C 140 8.07 -7.15 2.35
N MET C 141 7.50 -8.28 2.76
CA MET C 141 8.03 -9.60 2.48
C MET C 141 7.49 -10.08 1.13
N PRO C 142 8.20 -11.00 0.46
CA PRO C 142 7.69 -11.52 -0.83
C PRO C 142 6.29 -12.09 -0.76
N SER C 143 5.91 -12.74 0.35
CA SER C 143 4.56 -13.26 0.47
C SER C 143 3.53 -12.14 0.43
N GLU C 144 3.93 -10.95 0.83
CA GLU C 144 3.10 -9.75 0.87
C GLU C 144 3.08 -8.98 -0.45
N LEU C 145 3.83 -9.44 -1.45
CA LEU C 145 3.94 -8.76 -2.73
C LEU C 145 2.94 -9.32 -3.73
N SER C 146 2.58 -8.49 -4.70
CA SER C 146 1.73 -8.96 -5.78
C SER C 146 2.62 -9.36 -6.94
N GLY C 147 2.03 -10.03 -7.94
CA GLY C 147 2.79 -10.48 -9.09
C GLY C 147 3.67 -9.40 -9.69
N GLY C 148 3.06 -8.26 -10.03
CA GLY C 148 3.84 -7.21 -10.65
C GLY C 148 4.84 -6.57 -9.71
N MET C 149 4.50 -6.51 -8.42
CA MET C 149 5.43 -5.97 -7.45
C MET C 149 6.67 -6.84 -7.36
N ALA C 150 6.45 -8.16 -7.29
CA ALA C 150 7.54 -9.12 -7.26
C ALA C 150 8.38 -9.06 -8.53
N ARG C 151 7.76 -8.93 -9.70
CA ARG C 151 8.52 -8.79 -10.93
C ARG C 151 9.40 -7.55 -10.89
N ARG C 152 8.84 -6.43 -10.38
CA ARG C 152 9.61 -5.21 -10.28
C ARG C 152 10.77 -5.36 -9.30
N ALA C 153 10.54 -6.04 -8.19
CA ALA C 153 11.61 -6.31 -7.22
C ALA C 153 12.71 -7.15 -7.84
N ALA C 154 12.33 -8.21 -8.56
CA ALA C 154 13.32 -9.03 -9.25
C ALA C 154 14.13 -8.20 -10.24
N LEU C 155 13.46 -7.32 -10.98
CA LEU C 155 14.17 -6.45 -11.92
C LEU C 155 15.17 -5.56 -11.19
N ALA C 156 14.73 -4.90 -10.10
CA ALA C 156 15.62 -4.04 -9.33
C ALA C 156 16.83 -4.82 -8.81
N ARG C 157 16.61 -6.06 -8.37
CA ARG C 157 17.74 -6.88 -7.94
C ARG C 157 18.64 -7.22 -9.11
N ALA C 158 18.07 -7.37 -10.31
CA ALA C 158 18.88 -7.70 -11.47
C ALA C 158 19.77 -6.55 -11.90
N ILE C 159 19.32 -5.31 -11.70
CA ILE C 159 20.09 -4.13 -12.11
C ILE C 159 20.91 -3.58 -10.95
N ALA C 160 21.02 -4.35 -9.88
CA ALA C 160 21.67 -3.84 -8.67
C ALA C 160 23.17 -3.64 -8.87
N LEU C 161 23.86 -4.59 -9.49
CA LEU C 161 25.32 -4.50 -9.62
C LEU C 161 25.79 -3.80 -10.88
N GLU C 162 24.89 -3.49 -11.82
CA GLU C 162 25.22 -2.72 -13.01
C GLU C 162 26.36 -3.32 -13.84
N PRO C 163 26.27 -4.60 -14.24
CA PRO C 163 27.38 -5.21 -14.97
C PRO C 163 27.52 -4.64 -16.38
N ASP C 164 28.52 -5.10 -17.12
CA ASP C 164 28.68 -4.63 -18.49
C ASP C 164 27.52 -5.07 -19.38
N LEU C 165 26.95 -6.24 -19.11
CA LEU C 165 25.85 -6.78 -19.89
C LEU C 165 24.68 -7.13 -18.99
N ILE C 166 23.49 -6.63 -19.33
CA ILE C 166 22.26 -7.02 -18.64
C ILE C 166 21.28 -7.53 -19.68
N MET C 167 20.72 -8.71 -19.40
CA MET C 167 19.74 -9.34 -20.26
C MET C 167 18.40 -9.34 -19.52
N PHE C 168 17.36 -8.85 -20.18
CA PHE C 168 16.01 -8.71 -19.63
C PHE C 168 15.11 -9.66 -20.41
N ASP C 169 14.49 -10.62 -19.72
CA ASP C 169 13.52 -11.52 -20.34
C ASP C 169 12.13 -11.02 -19.97
N GLU C 170 11.47 -10.36 -20.93
CA GLU C 170 10.13 -9.83 -20.75
C GLU C 170 10.01 -8.95 -19.50
N PRO C 171 10.78 -7.85 -19.41
CA PRO C 171 10.75 -7.03 -18.20
C PRO C 171 9.46 -6.23 -18.03
N PHE C 172 8.59 -6.17 -19.04
CA PHE C 172 7.42 -5.31 -19.00
C PHE C 172 6.11 -6.06 -18.78
N VAL C 173 6.14 -7.39 -18.70
CA VAL C 173 4.91 -8.17 -18.63
C VAL C 173 4.28 -8.00 -17.26
N GLY C 174 2.95 -8.04 -17.22
CA GLY C 174 2.24 -7.98 -15.96
C GLY C 174 2.26 -6.61 -15.29
N GLN C 175 2.32 -5.54 -16.08
CA GLN C 175 2.32 -4.17 -15.58
C GLN C 175 1.25 -3.38 -16.32
N ASP C 176 0.71 -2.35 -15.68
CA ASP C 176 -0.16 -1.44 -16.40
C ASP C 176 0.69 -0.55 -17.32
N PRO C 177 0.07 0.10 -18.31
CA PRO C 177 0.87 0.90 -19.26
C PRO C 177 1.78 1.94 -18.64
N ILE C 178 1.37 2.64 -17.58
CA ILE C 178 2.24 3.67 -17.01
C ILE C 178 3.46 3.03 -16.34
N THR C 179 3.28 1.96 -15.56
CA THR C 179 4.42 1.27 -14.97
C THR C 179 5.30 0.67 -16.04
N MET C 180 4.67 0.15 -17.11
CA MET C 180 5.41 -0.37 -18.25
C MET C 180 6.31 0.72 -18.84
N GLY C 181 5.78 1.94 -18.94
CA GLY C 181 6.59 3.08 -19.35
C GLY C 181 7.71 3.37 -18.37
N VAL C 182 7.42 3.26 -17.07
CA VAL C 182 8.45 3.48 -16.06
C VAL C 182 9.62 2.52 -16.29
N LEU C 183 9.31 1.27 -16.62
CA LEU C 183 10.36 0.28 -16.82
C LEU C 183 11.13 0.53 -18.11
N VAL C 184 10.42 0.96 -19.17
CA VAL C 184 11.09 1.37 -20.40
C VAL C 184 12.08 2.49 -20.10
N LYS C 185 11.63 3.50 -19.35
CA LYS C 185 12.48 4.62 -18.93
C LYS C 185 13.69 4.11 -18.16
N LEU C 186 13.49 3.08 -17.33
CA LEU C 186 14.59 2.52 -16.55
C LEU C 186 15.67 1.96 -17.46
N ILE C 187 15.28 1.09 -18.41
CA ILE C 187 16.28 0.48 -19.27
C ILE C 187 16.98 1.55 -20.10
N SER C 188 16.20 2.49 -20.65
CA SER C 188 16.77 3.54 -21.50
C SER C 188 17.80 4.36 -20.75
N GLU C 189 17.42 4.90 -19.58
CA GLU C 189 18.32 5.78 -18.86
C GLU C 189 19.47 5.05 -18.21
N LEU C 190 19.26 3.80 -17.79
CA LEU C 190 20.37 3.01 -17.27
C LEU C 190 21.46 2.86 -18.33
N ASN C 191 21.05 2.44 -19.53
CA ASN C 191 22.02 2.32 -20.63
C ASN C 191 22.65 3.68 -20.95
N SER C 192 21.85 4.75 -20.96
CA SER C 192 22.38 6.06 -21.32
C SER C 192 23.42 6.56 -20.32
N ALA C 193 23.10 6.48 -19.03
CA ALA C 193 23.94 7.07 -18.01
C ALA C 193 25.18 6.23 -17.72
N LEU C 194 25.06 4.91 -17.76
CA LEU C 194 26.16 4.05 -17.33
C LEU C 194 26.84 3.31 -18.47
N GLY C 195 26.30 3.37 -19.69
CA GLY C 195 26.89 2.63 -20.80
C GLY C 195 26.68 1.14 -20.73
N VAL C 196 25.72 0.67 -19.94
CA VAL C 196 25.45 -0.75 -19.84
C VAL C 196 24.93 -1.27 -21.17
N THR C 197 25.47 -2.40 -21.62
CA THR C 197 24.95 -3.06 -22.81
C THR C 197 23.72 -3.88 -22.43
N CYS C 198 22.59 -3.58 -23.04
CA CYS C 198 21.30 -4.16 -22.67
C CYS C 198 20.77 -5.01 -23.81
N VAL C 199 20.34 -6.22 -23.48
CA VAL C 199 19.61 -7.09 -24.41
C VAL C 199 18.21 -7.28 -23.84
N VAL C 200 17.19 -6.98 -24.64
CA VAL C 200 15.81 -6.99 -24.16
C VAL C 200 15.00 -7.94 -25.04
N VAL C 201 14.34 -8.91 -24.42
CA VAL C 201 13.41 -9.80 -25.11
C VAL C 201 12.01 -9.37 -24.71
N SER C 202 11.19 -9.00 -25.71
CA SER C 202 9.88 -8.46 -25.40
C SER C 202 8.90 -8.73 -26.52
N HIS C 203 7.67 -9.03 -26.15
CA HIS C 203 6.54 -8.97 -27.08
C HIS C 203 5.81 -7.65 -26.99
N ASP C 204 6.28 -6.73 -26.15
CA ASP C 204 5.72 -5.38 -26.10
C ASP C 204 6.44 -4.53 -27.14
N VAL C 205 6.07 -4.76 -28.40
CA VAL C 205 6.90 -4.29 -29.52
C VAL C 205 7.02 -2.77 -29.59
N PRO C 206 5.93 -1.99 -29.55
CA PRO C 206 6.11 -0.53 -29.66
C PRO C 206 6.94 0.04 -28.52
N GLU C 207 6.76 -0.51 -27.31
CA GLU C 207 7.51 -0.04 -26.16
C GLU C 207 9.00 -0.30 -26.31
N VAL C 208 9.37 -1.54 -26.68
CA VAL C 208 10.79 -1.89 -26.75
C VAL C 208 11.45 -1.22 -27.95
N LEU C 209 10.72 -1.04 -29.06
CA LEU C 209 11.30 -0.32 -30.18
C LEU C 209 11.45 1.16 -29.89
N SER C 210 10.72 1.67 -28.90
CA SER C 210 10.84 3.08 -28.53
C SER C 210 12.21 3.43 -27.97
N ILE C 211 12.97 2.46 -27.45
CA ILE C 211 14.29 2.72 -26.89
C ILE C 211 15.38 1.88 -27.53
N ALA C 212 15.06 0.85 -28.30
CA ALA C 212 16.11 -0.01 -28.82
C ALA C 212 16.94 0.70 -29.87
N ASP C 213 18.24 0.38 -29.89
CA ASP C 213 19.11 0.84 -30.96
C ASP C 213 19.04 -0.09 -32.15
N HIS C 214 19.01 -1.40 -31.90
N HIS C 214 19.00 -1.40 -31.90
CA HIS C 214 18.84 -2.37 -32.98
CA HIS C 214 18.80 -2.34 -33.00
C HIS C 214 17.86 -3.43 -32.52
C HIS C 214 17.88 -3.46 -32.54
N ALA C 215 17.04 -3.93 -33.45
CA ALA C 215 16.06 -4.95 -33.14
C ALA C 215 16.19 -6.10 -34.11
N TRP C 216 15.86 -7.30 -33.64
CA TRP C 216 15.99 -8.53 -34.40
C TRP C 216 14.70 -9.32 -34.26
N ILE C 217 14.11 -9.70 -35.39
CA ILE C 217 12.88 -10.50 -35.39
C ILE C 217 13.27 -11.94 -35.68
N LEU C 218 12.79 -12.85 -34.84
CA LEU C 218 13.06 -14.27 -34.95
C LEU C 218 11.77 -15.02 -35.21
N ALA C 219 11.76 -15.81 -36.28
CA ALA C 219 10.63 -16.70 -36.50
C ALA C 219 11.13 -17.92 -37.25
N ASP C 220 10.40 -19.02 -37.11
CA ASP C 220 10.64 -20.23 -37.88
C ASP C 220 12.11 -20.65 -37.80
N LYS C 221 12.65 -20.58 -36.58
CA LYS C 221 13.98 -21.05 -36.23
C LYS C 221 15.09 -20.20 -36.86
N LYS C 222 14.78 -19.00 -37.34
CA LYS C 222 15.79 -18.16 -37.98
C LYS C 222 15.49 -16.69 -37.75
N ILE C 223 16.46 -15.85 -38.12
CA ILE C 223 16.28 -14.40 -38.11
C ILE C 223 15.58 -13.97 -39.38
N VAL C 224 14.46 -13.28 -39.24
CA VAL C 224 13.67 -12.80 -40.37
C VAL C 224 14.15 -11.42 -40.83
N ALA C 225 14.51 -10.55 -39.89
CA ALA C 225 14.89 -9.19 -40.22
C ALA C 225 15.53 -8.52 -39.01
N HIS C 226 16.19 -7.41 -39.27
CA HIS C 226 16.78 -6.58 -38.23
C HIS C 226 16.96 -5.16 -38.75
N GLY C 227 17.27 -4.25 -37.83
CA GLY C 227 17.49 -2.85 -38.15
C GLY C 227 16.83 -1.96 -37.12
N SER C 228 16.81 -0.66 -37.42
CA SER C 228 16.16 0.33 -36.57
C SER C 228 14.64 0.23 -36.70
N ALA C 229 13.94 1.04 -35.89
CA ALA C 229 12.48 1.04 -35.94
C ALA C 229 11.96 1.53 -37.29
N GLN C 230 12.52 2.63 -37.80
CA GLN C 230 12.17 3.08 -39.15
C GLN C 230 12.49 2.00 -40.18
N ALA C 231 13.65 1.34 -40.03
CA ALA C 231 14.06 0.33 -40.99
C ALA C 231 13.06 -0.81 -41.04
N LEU C 232 12.61 -1.28 -39.87
CA LEU C 232 11.64 -2.36 -39.83
C LEU C 232 10.28 -1.90 -40.35
N GLN C 233 9.92 -0.64 -40.10
CA GLN C 233 8.65 -0.12 -40.60
C GLN C 233 8.61 -0.13 -42.13
N ALA C 234 9.73 0.12 -42.79
CA ALA C 234 9.79 0.21 -44.24
C ALA C 234 10.14 -1.11 -44.92
N ASN C 235 10.32 -2.19 -44.17
CA ASN C 235 10.68 -3.47 -44.77
C ASN C 235 9.47 -4.10 -45.44
N PRO C 236 9.52 -4.38 -46.75
CA PRO C 236 8.33 -4.89 -47.46
C PRO C 236 8.07 -6.38 -47.25
N ASP C 237 8.94 -7.10 -46.56
CA ASP C 237 8.73 -8.52 -46.34
C ASP C 237 7.39 -8.75 -45.66
N PRO C 238 6.52 -9.60 -46.21
CA PRO C 238 5.21 -9.80 -45.58
C PRO C 238 5.27 -10.41 -44.18
N ARG C 239 6.30 -11.20 -43.88
N ARG C 239 6.30 -11.20 -43.88
CA ARG C 239 6.43 -11.75 -42.53
CA ARG C 239 6.44 -11.74 -42.53
C ARG C 239 6.70 -10.63 -41.52
C ARG C 239 6.70 -10.63 -41.52
N VAL C 240 7.58 -9.69 -41.88
CA VAL C 240 7.88 -8.55 -41.00
C VAL C 240 6.61 -7.73 -40.77
N ARG C 241 5.92 -7.39 -41.85
CA ARG C 241 4.68 -6.63 -41.74
C ARG C 241 3.66 -7.35 -40.87
N GLN C 242 3.55 -8.67 -41.05
CA GLN C 242 2.61 -9.44 -40.26
C GLN C 242 2.96 -9.38 -38.77
N PHE C 243 4.24 -9.57 -38.43
CA PHE C 243 4.61 -9.52 -37.02
C PHE C 243 4.29 -8.15 -36.42
N LEU C 244 4.61 -7.08 -37.15
CA LEU C 244 4.44 -5.75 -36.58
C LEU C 244 2.99 -5.28 -36.59
N ASP C 245 2.15 -5.85 -37.46
CA ASP C 245 0.74 -5.47 -37.49
C ASP C 245 -0.08 -6.33 -36.53
N GLY C 246 0.36 -7.56 -36.28
CA GLY C 246 -0.27 -8.40 -35.28
C GLY C 246 0.13 -8.08 -33.88
N ILE C 247 1.18 -7.28 -33.68
CA ILE C 247 1.44 -6.81 -32.33
C ILE C 247 0.69 -5.52 -32.03
N ALA C 248 0.36 -4.72 -33.05
CA ALA C 248 -0.25 -3.42 -32.84
C ALA C 248 -0.63 -2.76 -34.17
N PRO C 253 0.74 1.81 -40.47
CA PRO C 253 1.59 1.00 -41.35
C PRO C 253 1.83 1.66 -42.70
N PHE C 254 2.42 2.86 -42.66
CA PHE C 254 2.60 3.70 -43.84
C PHE C 254 3.82 3.23 -44.64
N ARG C 255 3.59 2.80 -45.89
CA ARG C 255 4.62 2.23 -46.74
C ARG C 255 4.98 3.15 -47.93
N TYR C 256 5.77 4.19 -47.68
CA TYR C 256 6.31 5.00 -48.78
C TYR C 256 7.81 4.83 -48.88
N PRO C 257 8.36 4.42 -50.03
CA PRO C 257 9.78 4.11 -50.11
C PRO C 257 10.66 5.34 -49.96
N ALA C 258 11.91 5.09 -49.58
CA ALA C 258 12.91 6.14 -49.40
C ALA C 258 14.14 5.80 -50.23
N GLY C 259 14.83 6.84 -50.68
CA GLY C 259 16.04 6.65 -51.46
C GLY C 259 17.24 6.33 -50.59
N ASP C 260 18.41 6.27 -51.24
CA ASP C 260 19.64 5.99 -50.52
C ASP C 260 20.01 7.19 -49.65
N TYR C 261 20.25 6.93 -48.37
CA TYR C 261 20.41 8.02 -47.41
C TYR C 261 21.75 8.71 -47.57
N HIS C 262 22.82 7.96 -47.84
CA HIS C 262 24.11 8.55 -48.16
C HIS C 262 24.01 9.54 -49.31
N ALA C 263 23.20 9.21 -50.32
CA ALA C 263 23.07 10.08 -51.48
C ALA C 263 22.23 11.31 -51.17
N ASP C 264 21.20 11.15 -50.35
CA ASP C 264 20.41 12.33 -49.96
C ASP C 264 21.22 13.28 -49.10
N LEU C 265 22.10 12.76 -48.26
CA LEU C 265 22.90 13.62 -47.41
C LEU C 265 24.02 14.30 -48.20
N LEU C 266 24.68 13.56 -49.07
CA LEU C 266 25.87 14.03 -49.77
C LEU C 266 25.67 13.83 -51.27
N PRO C 267 24.81 14.64 -51.91
CA PRO C 267 24.52 14.53 -53.35
C PRO C 267 25.68 14.95 -54.23
N GLU D 8 42.98 24.73 5.14
CA GLU D 8 44.26 24.52 4.47
C GLU D 8 44.11 23.61 3.26
N ASN D 9 44.87 23.94 2.21
N ASN D 9 44.86 23.92 2.20
CA ASN D 9 44.95 23.14 0.98
CA ASN D 9 44.75 23.17 0.97
C ASN D 9 45.11 21.66 1.31
C ASN D 9 45.11 21.71 1.20
N LEU D 10 44.29 20.82 0.67
CA LEU D 10 44.43 19.38 0.85
C LEU D 10 44.54 18.70 -0.50
N TYR D 11 45.39 17.67 -0.57
N TYR D 11 45.35 17.64 -0.56
CA TYR D 11 45.56 16.91 -1.80
CA TYR D 11 45.61 16.92 -1.79
C TYR D 11 45.68 15.44 -1.47
C TYR D 11 45.70 15.43 -1.49
N PHE D 12 44.80 14.62 -2.07
CA PHE D 12 44.88 13.18 -1.95
C PHE D 12 45.01 12.56 -3.33
N GLN D 13 45.88 11.56 -3.43
N GLN D 13 45.89 11.58 -3.46
CA GLN D 13 46.16 10.86 -4.68
CA GLN D 13 46.12 10.88 -4.71
C GLN D 13 46.11 9.36 -4.45
C GLN D 13 46.13 9.38 -4.49
N SER D 14 45.29 8.68 -5.26
CA SER D 14 45.42 7.25 -5.47
C SER D 14 45.52 7.06 -6.98
N GLU D 15 45.80 5.84 -7.42
CA GLU D 15 46.04 5.65 -8.86
C GLU D 15 44.78 5.93 -9.68
N SER D 16 43.61 5.53 -9.18
CA SER D 16 42.36 5.63 -9.93
C SER D 16 41.42 6.71 -9.41
N LEU D 17 41.71 7.35 -8.28
CA LEU D 17 40.89 8.43 -7.76
C LEU D 17 41.79 9.42 -7.04
N SER D 18 41.62 10.70 -7.35
CA SER D 18 42.35 11.76 -6.69
C SER D 18 41.39 12.89 -6.40
N TRP D 19 41.69 13.66 -5.35
N TRP D 19 41.69 13.66 -5.35
CA TRP D 19 40.89 14.85 -5.10
CA TRP D 19 40.89 14.85 -5.08
C TRP D 19 41.76 15.93 -4.48
C TRP D 19 41.76 15.93 -4.47
N MET D 20 41.26 17.16 -4.57
CA MET D 20 42.03 18.33 -4.17
C MET D 20 41.10 19.41 -3.67
N GLN D 21 41.39 19.94 -2.48
CA GLN D 21 40.64 21.04 -1.89
C GLN D 21 41.54 22.27 -1.96
N THR D 22 41.20 23.18 -2.87
CA THR D 22 41.84 24.48 -3.01
C THR D 22 40.82 25.53 -2.59
N GLY D 23 41.12 26.22 -1.49
CA GLY D 23 40.23 27.24 -0.98
C GLY D 23 38.86 26.66 -0.71
N ASP D 24 37.86 27.21 -1.39
CA ASP D 24 36.47 26.81 -1.19
C ASP D 24 36.04 25.66 -2.08
N THR D 25 36.87 25.20 -3.01
CA THR D 25 36.42 24.24 -4.01
C THR D 25 37.12 22.89 -3.82
N LEU D 26 36.32 21.83 -3.82
CA LEU D 26 36.75 20.45 -3.86
C LEU D 26 36.63 19.93 -5.28
N ALA D 27 37.77 19.57 -5.89
CA ALA D 27 37.81 19.10 -7.25
C ALA D 27 38.16 17.62 -7.23
N LEU D 28 37.41 16.82 -7.98
CA LEU D 28 37.58 15.37 -8.02
C LEU D 28 38.15 14.97 -9.37
N SER D 29 38.88 13.85 -9.38
CA SER D 29 39.58 13.40 -10.56
C SER D 29 39.58 11.87 -10.61
N GLY D 30 39.28 11.33 -11.79
CA GLY D 30 39.32 9.90 -11.99
C GLY D 30 37.96 9.25 -12.06
N GLU D 31 37.83 8.07 -11.47
CA GLU D 31 36.61 7.29 -11.50
C GLU D 31 35.94 7.36 -10.14
N LEU D 32 34.68 7.78 -10.12
CA LEU D 32 33.89 7.76 -8.89
C LEU D 32 33.01 6.50 -8.91
N ASP D 33 33.69 5.37 -8.76
CA ASP D 33 33.09 4.04 -8.84
C ASP D 33 33.16 3.35 -7.49
N GLN D 34 32.29 2.37 -7.30
CA GLN D 34 32.10 1.77 -5.98
C GLN D 34 33.38 1.14 -5.45
N ASP D 35 34.22 0.59 -6.32
CA ASP D 35 35.44 -0.07 -5.83
C ASP D 35 36.50 0.96 -5.42
N VAL D 36 36.58 2.08 -6.14
CA VAL D 36 37.66 3.05 -5.92
C VAL D 36 37.24 4.23 -5.04
N LEU D 37 35.95 4.40 -4.75
CA LEU D 37 35.54 5.63 -4.08
C LEU D 37 35.79 5.61 -2.59
N LEU D 38 36.20 4.47 -2.02
CA LEU D 38 36.21 4.32 -0.57
C LEU D 38 37.05 5.36 0.16
N PRO D 39 38.26 5.70 -0.28
CA PRO D 39 38.99 6.76 0.45
C PRO D 39 38.21 8.05 0.55
N LEU D 40 37.49 8.46 -0.51
CA LEU D 40 36.77 9.72 -0.41
C LEU D 40 35.64 9.62 0.59
N TRP D 41 35.04 8.43 0.73
CA TRP D 41 34.08 8.22 1.81
C TRP D 41 34.75 8.35 3.16
N GLU D 42 35.94 7.78 3.31
CA GLU D 42 36.60 7.75 4.61
C GLU D 42 37.05 9.14 5.06
N MET D 43 37.38 10.01 4.12
CA MET D 43 37.79 11.37 4.43
C MET D 43 36.72 12.38 4.05
N ARG D 44 35.46 11.96 4.10
CA ARG D 44 34.37 12.85 3.69
C ARG D 44 34.33 14.09 4.57
N GLU D 45 34.59 13.93 5.86
CA GLU D 45 34.46 15.05 6.79
C GLU D 45 35.52 16.11 6.49
N GLU D 46 36.77 15.69 6.31
CA GLU D 46 37.83 16.64 5.97
C GLU D 46 37.66 17.20 4.57
N ALA D 47 37.23 16.38 3.62
CA ALA D 47 37.15 16.85 2.24
C ALA D 47 36.11 17.95 2.05
N VAL D 48 35.09 18.03 2.92
CA VAL D 48 34.00 18.98 2.73
C VAL D 48 34.03 20.11 3.75
N LYS D 49 35.14 20.32 4.45
CA LYS D 49 35.16 21.35 5.48
C LYS D 49 35.40 22.69 4.78
N GLY D 50 34.45 23.62 4.91
CA GLY D 50 34.52 24.89 4.24
C GLY D 50 34.53 24.83 2.72
N ILE D 51 33.63 24.05 2.14
CA ILE D 51 33.47 23.95 0.69
C ILE D 51 32.13 24.56 0.30
N THR D 52 32.13 25.30 -0.79
CA THR D 52 30.91 25.81 -1.41
C THR D 52 30.73 25.29 -2.82
N CYS D 53 31.68 24.51 -3.33
CA CYS D 53 31.66 24.05 -4.71
C CYS D 53 32.37 22.72 -4.82
N ILE D 54 31.80 21.82 -5.62
CA ILE D 54 32.41 20.54 -5.98
C ILE D 54 32.58 20.51 -7.49
N ASP D 55 33.81 20.30 -7.95
CA ASP D 55 34.12 20.28 -9.38
C ASP D 55 34.33 18.84 -9.83
N LEU D 56 33.53 18.41 -10.80
CA LEU D 56 33.61 17.05 -11.32
C LEU D 56 34.17 16.99 -12.74
N SER D 57 34.78 18.08 -13.23
CA SER D 57 35.24 18.15 -14.62
C SER D 57 36.24 17.04 -14.93
N ARG D 58 37.08 16.67 -13.97
CA ARG D 58 38.07 15.61 -14.20
C ARG D 58 37.49 14.21 -14.08
N VAL D 59 36.29 14.06 -13.54
CA VAL D 59 35.72 12.75 -13.28
C VAL D 59 35.25 12.13 -14.59
N SER D 60 35.75 10.94 -14.89
CA SER D 60 35.42 10.25 -16.13
C SER D 60 34.15 9.41 -16.04
N ARG D 61 33.84 8.87 -14.86
CA ARG D 61 32.70 7.97 -14.71
C ARG D 61 32.14 8.07 -13.30
N VAL D 62 30.80 7.98 -13.19
CA VAL D 62 30.11 7.98 -11.91
C VAL D 62 29.02 6.90 -11.97
N ASP D 63 29.15 5.85 -11.14
CA ASP D 63 28.08 4.87 -11.00
C ASP D 63 27.19 5.24 -9.81
N THR D 64 26.19 4.40 -9.54
CA THR D 64 25.18 4.73 -8.55
C THR D 64 25.78 4.88 -7.15
N GLY D 65 26.74 4.02 -6.81
CA GLY D 65 27.45 4.18 -5.55
C GLY D 65 28.16 5.52 -5.49
N GLY D 66 28.80 5.91 -6.60
CA GLY D 66 29.44 7.23 -6.65
C GLY D 66 28.46 8.37 -6.50
N LEU D 67 27.29 8.26 -7.15
CA LEU D 67 26.26 9.29 -7.00
C LEU D 67 25.79 9.39 -5.55
N ALA D 68 25.65 8.25 -4.88
CA ALA D 68 25.27 8.26 -3.47
C ALA D 68 26.34 8.93 -2.62
N LEU D 69 27.61 8.64 -2.89
CA LEU D 69 28.70 9.35 -2.23
C LEU D 69 28.58 10.85 -2.44
N LEU D 70 28.27 11.27 -3.66
CA LEU D 70 28.14 12.69 -3.97
C LEU D 70 27.00 13.31 -3.16
N LEU D 71 25.88 12.60 -3.03
CA LEU D 71 24.76 13.13 -2.25
C LEU D 71 25.15 13.30 -0.79
N HIS D 72 25.87 12.32 -0.25
CA HIS D 72 26.31 12.43 1.15
C HIS D 72 27.29 13.58 1.33
N LEU D 73 28.18 13.80 0.36
CA LEU D 73 29.12 14.91 0.46
C LEU D 73 28.38 16.25 0.46
N ILE D 74 27.43 16.41 -0.47
CA ILE D 74 26.65 17.65 -0.52
C ILE D 74 25.90 17.88 0.79
N ASP D 75 25.36 16.79 1.36
CA ASP D 75 24.57 16.91 2.58
C ASP D 75 25.45 17.31 3.76
N LEU D 76 26.61 16.66 3.90
CA LEU D 76 27.52 17.00 4.97
C LEU D 76 28.01 18.43 4.84
N ALA D 77 28.17 18.93 3.61
CA ALA D 77 28.57 20.32 3.43
C ALA D 77 27.46 21.28 3.86
N LYS D 78 26.21 21.03 3.45
CA LYS D 78 25.14 21.96 3.84
C LYS D 78 24.86 21.91 5.35
N LYS D 79 25.06 20.75 5.99
CA LYS D 79 24.86 20.69 7.44
C LYS D 79 25.75 21.67 8.17
N GLN D 80 26.97 21.89 7.66
CA GLN D 80 27.88 22.89 8.19
C GLN D 80 27.41 24.31 7.90
N GLY D 81 26.39 24.50 7.08
CA GLY D 81 25.89 25.83 6.76
C GLY D 81 26.32 26.41 5.44
N ASN D 82 26.73 25.58 4.48
CA ASN D 82 27.26 26.03 3.20
C ASN D 82 26.43 25.43 2.08
N ASN D 83 25.69 26.28 1.37
CA ASN D 83 25.07 25.86 0.11
C ASN D 83 26.15 25.53 -0.90
N VAL D 84 26.03 24.37 -1.55
CA VAL D 84 27.08 23.87 -2.43
C VAL D 84 26.55 23.86 -3.86
N THR D 85 27.33 24.41 -4.77
CA THR D 85 27.06 24.35 -6.20
C THR D 85 27.90 23.23 -6.82
N LEU D 86 27.42 22.71 -7.93
CA LEU D 86 28.13 21.71 -8.69
C LEU D 86 28.66 22.32 -9.99
N GLN D 87 29.83 21.85 -10.40
CA GLN D 87 30.55 22.41 -11.53
C GLN D 87 31.21 21.31 -12.34
N GLY D 88 31.16 21.43 -13.66
CA GLY D 88 31.79 20.47 -14.53
C GLY D 88 31.16 19.10 -14.53
N VAL D 89 29.87 19.00 -14.22
CA VAL D 89 29.19 17.71 -14.10
C VAL D 89 28.87 17.18 -15.50
N ASN D 90 29.29 15.94 -15.76
CA ASN D 90 28.95 15.27 -17.01
C ASN D 90 27.45 15.00 -17.06
N ASP D 91 26.87 15.16 -18.25
CA ASP D 91 25.43 14.97 -18.41
C ASP D 91 24.99 13.56 -18.06
N LYS D 92 25.90 12.58 -18.17
CA LYS D 92 25.52 11.22 -17.77
C LYS D 92 25.16 11.16 -16.29
N VAL D 93 25.80 12.00 -15.47
CA VAL D 93 25.45 12.06 -14.05
C VAL D 93 24.02 12.57 -13.86
N TYR D 94 23.65 13.62 -14.59
CA TYR D 94 22.28 14.14 -14.46
C TYR D 94 21.25 13.20 -15.06
N THR D 95 21.60 12.46 -16.12
CA THR D 95 20.71 11.40 -16.58
C THR D 95 20.49 10.35 -15.49
N LEU D 96 21.57 9.97 -14.79
CA LEU D 96 21.45 9.03 -13.68
C LEU D 96 20.55 9.59 -12.58
N ALA D 97 20.69 10.89 -12.30
CA ALA D 97 19.82 11.53 -11.33
C ALA D 97 18.36 11.49 -11.80
N LYS D 98 18.14 11.68 -13.10
CA LYS D 98 16.79 11.62 -13.66
C LYS D 98 16.19 10.22 -13.49
N LEU D 99 17.00 9.18 -13.69
CA LEU D 99 16.53 7.82 -13.49
C LEU D 99 16.01 7.61 -12.07
N TYR D 100 16.71 8.15 -11.08
CA TYR D 100 16.35 7.93 -9.69
C TYR D 100 15.50 9.04 -9.10
N ASN D 101 15.03 9.99 -9.92
CA ASN D 101 14.07 11.01 -9.48
C ASN D 101 14.59 11.79 -8.30
N LEU D 102 15.85 12.18 -8.35
CA LEU D 102 16.47 12.82 -7.19
C LEU D 102 15.88 14.21 -7.04
N PRO D 103 15.47 14.61 -5.85
CA PRO D 103 14.90 15.95 -5.71
C PRO D 103 15.97 17.00 -5.97
N ALA D 104 15.51 18.25 -6.16
CA ALA D 104 16.45 19.33 -6.41
C ALA D 104 17.30 19.60 -5.18
N ASP D 105 16.69 19.55 -3.99
CA ASP D 105 17.40 19.84 -2.76
C ASP D 105 18.43 18.80 -2.39
N VAL D 106 18.48 17.67 -3.11
CA VAL D 106 19.43 16.60 -2.83
C VAL D 106 20.63 16.73 -3.77
N LEU D 107 20.38 17.24 -4.98
CA LEU D 107 21.43 17.38 -5.98
C LEU D 107 21.21 18.68 -6.75
N PRO D 108 22.14 19.64 -6.65
CA PRO D 108 21.95 20.90 -7.36
C PRO D 108 22.01 20.68 -8.86
N ARG D 109 21.08 21.31 -9.58
CA ARG D 109 20.98 21.15 -11.02
C ARG D 109 21.76 22.28 -11.70
N SER E 4 -23.46 -35.23 25.87
CA SER E 4 -22.81 -33.97 26.23
C SER E 4 -21.47 -34.21 26.91
N VAL E 5 -20.42 -33.59 26.37
CA VAL E 5 -19.07 -33.72 26.89
C VAL E 5 -18.56 -32.32 27.25
N ALA E 6 -17.84 -32.21 28.37
CA ALA E 6 -17.48 -30.90 28.89
C ALA E 6 -16.40 -30.23 28.04
N ASN E 7 -15.34 -30.98 27.71
CA ASN E 7 -14.21 -30.47 26.93
C ASN E 7 -14.29 -31.05 25.53
N LEU E 8 -14.41 -30.16 24.52
CA LEU E 8 -14.45 -30.67 23.15
C LEU E 8 -13.15 -31.34 22.76
N VAL E 9 -12.03 -30.83 23.26
CA VAL E 9 -10.74 -31.48 23.11
C VAL E 9 -10.15 -31.65 24.50
N ASP E 10 -9.70 -32.85 24.81
CA ASP E 10 -9.20 -33.21 26.13
C ASP E 10 -7.91 -33.98 25.90
N MET E 11 -6.79 -33.27 25.99
CA MET E 11 -5.46 -33.88 25.90
C MET E 11 -5.01 -34.30 27.29
N ARG E 12 -4.55 -35.54 27.40
CA ARG E 12 -4.08 -36.06 28.66
C ARG E 12 -2.71 -36.71 28.46
N ASP E 13 -1.70 -36.18 29.14
CA ASP E 13 -0.37 -36.77 29.24
C ASP E 13 0.32 -37.07 27.90
N VAL E 14 0.35 -36.07 27.02
CA VAL E 14 0.82 -36.23 25.64
C VAL E 14 2.24 -35.72 25.49
N SER E 15 3.11 -36.55 24.89
CA SER E 15 4.48 -36.17 24.53
C SER E 15 4.72 -36.40 23.04
N PHE E 16 5.60 -35.60 22.45
CA PHE E 16 5.93 -35.75 21.04
C PHE E 16 7.35 -35.23 20.81
N THR E 17 8.21 -36.10 20.28
CA THR E 17 9.60 -35.77 19.96
C THR E 17 9.96 -36.27 18.57
N ARG E 18 10.52 -35.40 17.74
CA ARG E 18 11.01 -35.77 16.42
C ARG E 18 12.52 -35.57 16.36
N GLY E 19 13.24 -36.62 15.98
CA GLY E 19 14.69 -36.60 15.96
C GLY E 19 15.30 -36.59 17.36
N ASN E 20 16.39 -35.85 17.53
CA ASN E 20 17.11 -35.82 18.79
C ASN E 20 16.65 -34.73 19.75
N ARG E 21 15.77 -33.83 19.30
CA ARG E 21 15.33 -32.71 20.13
C ARG E 21 13.93 -33.01 20.66
N CYS E 22 13.75 -32.81 21.96
CA CYS E 22 12.46 -33.01 22.60
C CYS E 22 11.63 -31.73 22.51
N ILE E 23 10.34 -31.90 22.25
CA ILE E 23 9.42 -30.78 22.10
C ILE E 23 8.44 -30.69 23.26
N PHE E 24 7.95 -31.83 23.75
CA PHE E 24 7.01 -31.86 24.86
C PHE E 24 7.36 -32.96 25.84
N ASP E 25 7.12 -32.69 27.12
CA ASP E 25 7.30 -33.69 28.16
C ASP E 25 5.92 -33.91 28.78
N ASN E 26 5.12 -34.78 28.19
CA ASN E 26 3.90 -35.28 28.80
C ASN E 26 2.98 -34.13 29.22
N ILE E 27 2.66 -33.26 28.27
CA ILE E 27 1.84 -32.10 28.58
C ILE E 27 0.37 -32.48 28.47
N SER E 28 -0.47 -31.77 29.23
CA SER E 28 -1.90 -32.01 29.25
C SER E 28 -2.65 -30.70 29.35
N LEU E 29 -3.64 -30.52 28.47
CA LEU E 29 -4.40 -29.29 28.37
C LEU E 29 -5.80 -29.65 27.88
N THR E 30 -6.75 -28.77 28.17
CA THR E 30 -8.14 -28.98 27.78
C THR E 30 -8.69 -27.75 27.07
N VAL E 31 -9.65 -28.00 26.18
CA VAL E 31 -10.34 -26.96 25.45
C VAL E 31 -11.83 -27.10 25.71
N PRO E 32 -12.39 -26.31 26.62
CA PRO E 32 -13.82 -26.42 26.91
C PRO E 32 -14.66 -26.10 25.69
N ARG E 33 -15.70 -26.89 25.47
CA ARG E 33 -16.52 -26.75 24.27
C ARG E 33 -17.25 -25.41 24.26
N GLY E 34 -17.25 -24.76 23.11
CA GLY E 34 -17.92 -23.49 22.91
C GLY E 34 -17.23 -22.28 23.48
N LYS E 35 -15.99 -22.41 23.94
CA LYS E 35 -15.25 -21.29 24.50
C LYS E 35 -13.91 -21.11 23.76
N ILE E 36 -13.23 -20.02 24.09
CA ILE E 36 -11.99 -19.66 23.41
C ILE E 36 -10.79 -20.02 24.29
N THR E 37 -9.93 -20.86 23.73
CA THR E 37 -8.68 -21.31 24.33
C THR E 37 -7.51 -20.74 23.53
N ALA E 38 -6.59 -20.08 24.20
CA ALA E 38 -5.41 -19.48 23.62
C ALA E 38 -4.19 -20.32 23.97
N ILE E 39 -3.29 -20.51 23.00
CA ILE E 39 -2.04 -21.23 23.20
C ILE E 39 -0.91 -20.25 22.89
N MET E 40 -0.04 -20.02 23.86
CA MET E 40 0.97 -18.97 23.77
C MET E 40 2.32 -19.52 24.18
N GLY E 41 3.38 -18.86 23.75
CA GLY E 41 4.73 -19.25 24.07
C GLY E 41 5.74 -18.68 23.11
N PRO E 42 7.03 -18.82 23.42
CA PRO E 42 8.07 -18.30 22.52
C PRO E 42 7.99 -18.99 21.16
N SER E 43 8.56 -18.33 20.16
CA SER E 43 8.51 -18.84 18.79
C SER E 43 9.31 -20.12 18.65
N GLY E 44 8.92 -20.93 17.67
CA GLY E 44 9.65 -22.14 17.31
C GLY E 44 9.53 -23.30 18.27
N ILE E 45 8.70 -23.19 19.31
CA ILE E 45 8.55 -24.26 20.30
C ILE E 45 7.52 -25.30 19.85
N GLY E 46 7.00 -25.13 18.63
CA GLY E 46 6.09 -26.12 18.09
C GLY E 46 4.62 -25.97 18.47
N LYS E 47 4.14 -24.73 18.61
CA LYS E 47 2.72 -24.51 18.87
C LYS E 47 1.88 -25.00 17.68
N THR E 48 2.37 -24.72 16.47
CA THR E 48 1.73 -25.25 15.26
C THR E 48 1.72 -26.77 15.29
N THR E 49 2.82 -27.38 15.77
CA THR E 49 2.87 -28.83 15.92
C THR E 49 1.78 -29.32 16.86
N LEU E 50 1.52 -28.58 17.95
CA LEU E 50 0.43 -28.94 18.85
C LEU E 50 -0.91 -28.87 18.14
N LEU E 51 -1.14 -27.81 17.35
CA LEU E 51 -2.37 -27.72 16.59
C LEU E 51 -2.54 -28.93 15.67
N ARG E 52 -1.46 -29.33 14.99
CA ARG E 52 -1.53 -30.50 14.13
C ARG E 52 -1.80 -31.77 14.93
N LEU E 53 -1.25 -31.87 16.15
CA LEU E 53 -1.52 -33.02 16.99
C LEU E 53 -3.01 -33.13 17.31
N ILE E 54 -3.65 -32.00 17.63
CA ILE E 54 -5.09 -32.03 17.87
C ILE E 54 -5.83 -32.45 16.60
N GLY E 55 -5.39 -31.93 15.45
CA GLY E 55 -6.02 -32.25 14.18
C GLY E 55 -5.86 -33.68 13.71
N GLY E 56 -5.22 -34.54 14.48
CA GLY E 56 -5.01 -35.91 14.07
C GLY E 56 -4.00 -36.08 12.96
N GLN E 57 -3.43 -34.98 12.46
CA GLN E 57 -2.48 -35.07 11.37
C GLN E 57 -1.18 -35.73 11.82
N ILE E 58 -0.77 -35.50 13.06
CA ILE E 58 0.45 -36.10 13.60
C ILE E 58 0.10 -36.91 14.83
N ALA E 59 0.83 -38.01 15.03
CA ALA E 59 0.59 -38.85 16.20
C ALA E 59 1.66 -38.62 17.26
N PRO E 60 1.28 -38.61 18.53
CA PRO E 60 2.26 -38.41 19.61
C PRO E 60 3.06 -39.67 19.90
N ASP E 61 4.27 -39.44 20.43
CA ASP E 61 5.08 -40.56 20.90
C ASP E 61 4.44 -41.20 22.14
N HIS E 62 3.90 -40.36 23.02
CA HIS E 62 3.27 -40.77 24.26
C HIS E 62 2.06 -39.88 24.50
N GLY E 63 0.98 -40.45 25.04
CA GLY E 63 -0.15 -39.66 25.47
C GLY E 63 -1.48 -40.06 24.84
N GLU E 64 -2.54 -39.39 25.34
CA GLU E 64 -3.94 -39.56 24.96
C GLU E 64 -4.56 -38.25 24.46
N ILE E 65 -5.37 -38.35 23.40
CA ILE E 65 -6.09 -37.19 22.82
C ILE E 65 -7.56 -37.54 22.58
N LEU E 66 -8.47 -37.00 23.42
CA LEU E 66 -9.90 -37.20 23.28
C LEU E 66 -10.53 -36.01 22.55
N PHE E 67 -11.30 -36.29 21.50
CA PHE E 67 -12.12 -35.29 20.83
C PHE E 67 -13.59 -35.65 21.03
N ASP E 68 -14.31 -34.83 21.80
CA ASP E 68 -15.73 -35.05 22.10
C ASP E 68 -16.01 -36.46 22.61
N GLY E 69 -15.02 -37.07 23.28
CA GLY E 69 -15.17 -38.39 23.85
C GLY E 69 -14.37 -39.49 23.17
N GLU E 70 -13.88 -39.26 21.95
CA GLU E 70 -13.11 -40.27 21.23
C GLU E 70 -11.61 -40.03 21.35
N ASN E 71 -10.86 -41.12 21.56
CA ASN E 71 -9.40 -41.08 21.63
C ASN E 71 -8.82 -41.08 20.22
N ILE E 72 -8.24 -39.95 19.82
CA ILE E 72 -7.75 -39.73 18.46
C ILE E 72 -6.50 -40.51 18.06
N PRO E 73 -5.47 -40.68 18.91
CA PRO E 73 -4.28 -41.42 18.45
C PRO E 73 -4.55 -42.82 17.93
N ALA E 74 -5.48 -43.55 18.55
CA ALA E 74 -5.78 -44.94 18.20
C ALA E 74 -6.91 -45.10 17.17
N MET E 75 -7.48 -44.02 16.65
CA MET E 75 -8.71 -44.10 15.87
C MET E 75 -8.53 -44.73 14.50
N SER E 76 -9.66 -45.24 13.99
CA SER E 76 -9.79 -45.81 12.67
C SER E 76 -9.70 -44.72 11.58
N ARG E 77 -9.37 -45.18 10.38
CA ARG E 77 -9.23 -44.31 9.21
C ARG E 77 -10.56 -43.71 8.79
N SER E 78 -11.58 -44.57 8.62
CA SER E 78 -12.87 -44.12 8.12
C SER E 78 -13.53 -43.12 9.05
N ARG E 79 -13.59 -43.46 10.34
CA ARG E 79 -14.24 -42.55 11.26
C ARG E 79 -13.45 -41.25 11.45
N LEU E 80 -12.13 -41.30 11.51
CA LEU E 80 -11.39 -40.03 11.59
C LEU E 80 -11.67 -39.15 10.38
N TYR E 81 -11.67 -39.74 9.18
CA TYR E 81 -12.04 -38.93 8.01
C TYR E 81 -13.40 -38.27 8.24
N THR E 82 -14.38 -39.04 8.72
CA THR E 82 -15.71 -38.46 8.90
C THR E 82 -15.75 -37.45 10.04
N VAL E 83 -14.97 -37.66 11.10
CA VAL E 83 -14.97 -36.79 12.27
C VAL E 83 -14.31 -35.46 11.93
N ARG E 84 -13.30 -35.47 11.06
CA ARG E 84 -12.59 -34.24 10.73
C ARG E 84 -13.51 -33.20 10.08
N LYS E 85 -14.69 -33.60 9.62
CA LYS E 85 -15.65 -32.62 9.10
C LYS E 85 -16.08 -31.62 10.17
N ARG E 86 -15.88 -31.96 11.44
CA ARG E 86 -16.14 -31.05 12.54
C ARG E 86 -14.98 -30.12 12.84
N MET E 87 -13.99 -30.03 11.96
CA MET E 87 -12.78 -29.27 12.24
C MET E 87 -12.41 -28.39 11.06
N SER E 88 -11.80 -27.25 11.37
CA SER E 88 -11.22 -26.37 10.35
C SER E 88 -9.94 -25.74 10.92
N MET E 89 -8.87 -25.77 10.13
CA MET E 89 -7.56 -25.30 10.56
C MET E 89 -7.04 -24.22 9.62
N LEU E 90 -6.62 -23.10 10.20
CA LEU E 90 -5.96 -21.99 9.50
C LEU E 90 -4.48 -22.00 9.83
N PHE E 91 -3.66 -22.30 8.83
CA PHE E 91 -2.21 -22.28 8.95
C PHE E 91 -1.62 -21.16 8.11
N GLN E 92 -0.47 -20.64 8.57
CA GLN E 92 0.29 -19.69 7.76
C GLN E 92 0.87 -20.36 6.53
N SER E 93 1.19 -21.65 6.63
CA SER E 93 1.75 -22.38 5.49
C SER E 93 0.75 -22.51 4.35
N GLY E 94 -0.52 -22.74 4.69
CA GLY E 94 -1.52 -23.00 3.66
C GLY E 94 -1.63 -21.85 2.67
N ALA E 95 -1.86 -22.20 1.41
CA ALA E 95 -1.97 -21.24 0.33
C ALA E 95 -3.28 -21.44 -0.42
N LEU E 96 -3.65 -20.41 -1.17
CA LEU E 96 -4.87 -20.40 -1.96
C LEU E 96 -4.69 -21.14 -3.29
N PHE E 97 -5.81 -21.52 -3.90
CA PHE E 97 -5.77 -22.04 -5.27
C PHE E 97 -5.49 -20.89 -6.23
N THR E 98 -4.39 -21.00 -6.98
CA THR E 98 -3.99 -19.93 -7.88
C THR E 98 -4.93 -19.81 -9.08
N ASP E 99 -5.51 -20.91 -9.54
CA ASP E 99 -6.32 -20.88 -10.76
C ASP E 99 -7.63 -20.12 -10.57
N MET E 100 -8.16 -20.04 -9.36
CA MET E 100 -9.42 -19.37 -9.10
C MET E 100 -9.22 -18.13 -8.22
N ASN E 101 -10.18 -17.21 -8.30
CA ASN E 101 -10.07 -15.92 -7.63
C ASN E 101 -10.40 -16.05 -6.14
N VAL E 102 -10.45 -14.91 -5.44
CA VAL E 102 -10.68 -14.90 -4.00
C VAL E 102 -12.07 -15.45 -3.69
N PHE E 103 -13.09 -14.97 -4.42
CA PHE E 103 -14.46 -15.40 -4.19
C PHE E 103 -14.59 -16.92 -4.34
N ASP E 104 -14.02 -17.46 -5.42
CA ASP E 104 -14.09 -18.90 -5.64
C ASP E 104 -13.27 -19.68 -4.62
N ASN E 105 -12.14 -19.11 -4.18
CA ASN E 105 -11.38 -19.73 -3.09
C ASN E 105 -12.24 -19.88 -1.84
N VAL E 106 -12.94 -18.82 -1.45
CA VAL E 106 -13.78 -18.90 -0.25
C VAL E 106 -14.99 -19.80 -0.49
N ALA E 107 -15.53 -19.81 -1.73
CA ALA E 107 -16.69 -20.62 -2.03
C ALA E 107 -16.38 -22.11 -2.17
N TYR E 108 -15.11 -22.46 -2.38
CA TYR E 108 -14.75 -23.86 -2.61
C TYR E 108 -15.17 -24.77 -1.47
N PRO E 109 -14.86 -24.47 -0.19
CA PRO E 109 -15.32 -25.39 0.87
C PRO E 109 -16.83 -25.57 0.89
N LEU E 110 -17.60 -24.51 0.63
CA LEU E 110 -19.05 -24.61 0.60
C LEU E 110 -19.50 -25.50 -0.56
N ARG E 111 -19.16 -25.12 -1.79
CA ARG E 111 -19.53 -25.92 -2.95
C ARG E 111 -19.12 -27.37 -2.80
N GLU E 112 -18.02 -27.63 -2.08
CA GLU E 112 -17.57 -29.00 -1.90
C GLU E 112 -18.34 -29.73 -0.80
N HIS E 113 -18.84 -29.01 0.22
CA HIS E 113 -19.46 -29.69 1.35
C HIS E 113 -20.81 -29.15 1.81
N THR E 114 -21.30 -28.02 1.28
CA THR E 114 -22.49 -27.43 1.89
C THR E 114 -23.80 -27.88 1.25
N GLN E 115 -23.83 -28.08 -0.07
CA GLN E 115 -25.05 -28.44 -0.80
C GLN E 115 -26.13 -27.37 -0.63
N LEU E 116 -25.73 -26.11 -0.80
CA LEU E 116 -26.54 -24.89 -0.66
C LEU E 116 -26.87 -24.33 -2.04
N PRO E 117 -28.07 -23.77 -2.24
CA PRO E 117 -28.40 -23.21 -3.54
C PRO E 117 -27.52 -22.01 -3.86
N ALA E 118 -27.39 -21.73 -5.15
CA ALA E 118 -26.43 -20.72 -5.61
C ALA E 118 -26.66 -19.34 -5.02
N PRO E 119 -27.87 -18.77 -5.01
CA PRO E 119 -28.01 -17.41 -4.45
C PRO E 119 -27.61 -17.33 -2.98
N LEU E 120 -27.98 -18.34 -2.19
CA LEU E 120 -27.62 -18.33 -0.77
C LEU E 120 -26.13 -18.51 -0.57
N LEU E 121 -25.50 -19.38 -1.36
CA LEU E 121 -24.05 -19.56 -1.25
C LEU E 121 -23.32 -18.29 -1.65
N HIS E 122 -23.80 -17.61 -2.69
CA HIS E 122 -23.22 -16.34 -3.11
C HIS E 122 -23.28 -15.32 -1.98
N SER E 123 -24.47 -15.20 -1.37
CA SER E 123 -24.61 -14.25 -0.26
C SER E 123 -23.73 -14.64 0.92
N THR E 124 -23.58 -15.94 1.19
CA THR E 124 -22.73 -16.40 2.29
C THR E 124 -21.27 -16.03 2.05
N VAL E 125 -20.78 -16.28 0.84
CA VAL E 125 -19.39 -15.96 0.53
C VAL E 125 -19.15 -14.45 0.61
N MET E 126 -20.11 -13.66 0.12
CA MET E 126 -19.98 -12.21 0.24
C MET E 126 -19.92 -11.77 1.70
N MET E 127 -20.78 -12.34 2.54
CA MET E 127 -20.77 -11.98 3.96
C MET E 127 -19.42 -12.31 4.61
N LYS E 128 -18.85 -13.48 4.29
CA LYS E 128 -17.58 -13.84 4.94
C LYS E 128 -16.44 -12.96 4.46
N LEU E 129 -16.43 -12.63 3.16
CA LEU E 129 -15.42 -11.69 2.66
C LEU E 129 -15.58 -10.33 3.34
N GLU E 130 -16.82 -9.90 3.57
CA GLU E 130 -17.06 -8.66 4.31
C GLU E 130 -16.54 -8.78 5.74
N ALA E 131 -16.77 -9.93 6.36
CA ALA E 131 -16.31 -10.15 7.73
C ALA E 131 -14.81 -9.98 7.82
N VAL E 132 -14.06 -10.30 6.77
CA VAL E 132 -12.61 -10.21 6.84
C VAL E 132 -12.06 -9.00 6.09
N GLY E 133 -12.93 -8.19 5.48
CA GLY E 133 -12.48 -7.02 4.75
C GLY E 133 -11.86 -7.28 3.39
N LEU E 134 -12.35 -8.30 2.69
CA LEU E 134 -11.89 -8.62 1.34
C LEU E 134 -13.00 -8.57 0.31
N ARG E 135 -14.14 -7.95 0.62
CA ARG E 135 -15.26 -7.97 -0.31
C ARG E 135 -14.91 -7.27 -1.62
N GLY E 136 -14.18 -6.15 -1.54
CA GLY E 136 -13.78 -5.46 -2.76
C GLY E 136 -12.76 -6.20 -3.60
N ALA E 137 -12.17 -7.27 -3.07
CA ALA E 137 -11.17 -8.05 -3.79
C ALA E 137 -11.71 -9.41 -4.24
N ALA E 138 -13.03 -9.57 -4.26
CA ALA E 138 -13.63 -10.86 -4.60
C ALA E 138 -13.14 -11.40 -5.94
N LYS E 139 -13.07 -10.55 -6.96
CA LYS E 139 -12.69 -11.01 -8.29
C LYS E 139 -11.18 -11.12 -8.47
N LEU E 140 -10.38 -10.53 -7.59
CA LEU E 140 -8.94 -10.57 -7.76
C LEU E 140 -8.40 -11.99 -7.67
N MET E 141 -7.33 -12.25 -8.45
CA MET E 141 -6.61 -13.51 -8.36
C MET E 141 -5.59 -13.44 -7.23
N PRO E 142 -5.16 -14.59 -6.69
CA PRO E 142 -4.14 -14.55 -5.63
C PRO E 142 -2.87 -13.81 -6.01
N SER E 143 -2.44 -13.93 -7.27
CA SER E 143 -1.24 -13.24 -7.71
C SER E 143 -1.40 -11.73 -7.62
N GLU E 144 -2.62 -11.23 -7.71
CA GLU E 144 -2.88 -9.80 -7.64
C GLU E 144 -2.97 -9.28 -6.22
N LEU E 145 -2.86 -10.15 -5.22
CA LEU E 145 -3.01 -9.76 -3.83
C LEU E 145 -1.66 -9.33 -3.27
N SER E 146 -1.70 -8.42 -2.30
CA SER E 146 -0.52 -7.92 -1.62
C SER E 146 -0.85 -7.69 -0.15
N GLY E 147 0.20 -7.49 0.65
CA GLY E 147 0.01 -7.26 2.06
C GLY E 147 -0.68 -8.43 2.74
N GLY E 148 -1.51 -8.09 3.73
CA GLY E 148 -2.26 -9.03 4.53
C GLY E 148 -3.36 -9.76 3.79
N MET E 149 -3.77 -9.28 2.62
CA MET E 149 -4.97 -9.80 1.97
C MET E 149 -4.94 -11.32 1.84
N ALA E 150 -3.82 -11.89 1.38
CA ALA E 150 -3.76 -13.33 1.22
C ALA E 150 -4.12 -14.03 2.53
N ARG E 151 -3.47 -13.63 3.63
N ARG E 151 -3.47 -13.63 3.63
CA ARG E 151 -3.76 -14.21 4.93
CA ARG E 151 -3.77 -14.22 4.93
C ARG E 151 -5.26 -14.16 5.20
C ARG E 151 -5.27 -14.17 5.19
N ARG E 152 -5.86 -12.98 5.05
CA ARG E 152 -7.27 -12.81 5.31
C ARG E 152 -8.11 -13.73 4.44
N ALA E 153 -7.72 -13.89 3.17
CA ALA E 153 -8.47 -14.81 2.31
C ALA E 153 -8.43 -16.21 2.88
N ALA E 154 -7.24 -16.68 3.28
CA ALA E 154 -7.16 -17.99 3.89
C ALA E 154 -8.06 -18.06 5.11
N LEU E 155 -8.05 -17.00 5.93
CA LEU E 155 -8.90 -16.98 7.11
C LEU E 155 -10.37 -17.10 6.71
N ALA E 156 -10.78 -16.33 5.70
CA ALA E 156 -12.16 -16.42 5.22
C ALA E 156 -12.49 -17.84 4.78
N ARG E 157 -11.53 -18.52 4.14
CA ARG E 157 -11.77 -19.89 3.73
C ARG E 157 -11.89 -20.82 4.93
N ALA E 158 -11.13 -20.55 6.00
CA ALA E 158 -11.16 -21.43 7.16
C ALA E 158 -12.48 -21.35 7.93
N ILE E 159 -13.11 -20.18 7.98
CA ILE E 159 -14.35 -20.03 8.73
C ILE E 159 -15.55 -20.22 7.80
N ALA E 160 -15.29 -20.72 6.60
CA ALA E 160 -16.37 -20.82 5.61
C ALA E 160 -17.43 -21.82 6.03
N LEU E 161 -17.00 -22.99 6.52
CA LEU E 161 -17.92 -24.06 6.87
C LEU E 161 -18.41 -24.00 8.31
N GLU E 162 -17.82 -23.15 9.16
CA GLU E 162 -18.25 -22.96 10.54
C GLU E 162 -18.33 -24.25 11.35
N PRO E 163 -17.25 -25.07 11.39
CA PRO E 163 -17.33 -26.33 12.12
C PRO E 163 -17.38 -26.13 13.63
N ASP E 164 -17.50 -27.23 14.38
CA ASP E 164 -17.53 -27.12 15.84
C ASP E 164 -16.19 -26.63 16.39
N LEU E 165 -15.09 -26.96 15.73
CA LEU E 165 -13.75 -26.56 16.17
C LEU E 165 -13.03 -25.85 15.04
N ILE E 166 -12.53 -24.66 15.33
CA ILE E 166 -11.68 -23.91 14.41
C ILE E 166 -10.39 -23.56 15.13
N MET E 167 -9.27 -23.86 14.49
CA MET E 167 -7.93 -23.61 15.02
C MET E 167 -7.25 -22.55 14.15
N PHE E 168 -6.70 -21.52 14.80
CA PHE E 168 -6.08 -20.37 14.16
C PHE E 168 -4.60 -20.35 14.53
N ASP E 169 -3.73 -20.35 13.52
CA ASP E 169 -2.28 -20.18 13.74
C ASP E 169 -1.93 -18.73 13.40
N GLU E 170 -1.74 -17.91 14.44
CA GLU E 170 -1.37 -16.51 14.29
C GLU E 170 -2.31 -15.74 13.35
N PRO E 171 -3.60 -15.68 13.68
CA PRO E 171 -4.57 -15.04 12.75
C PRO E 171 -4.44 -13.52 12.65
N PHE E 172 -3.66 -12.87 13.53
CA PHE E 172 -3.60 -11.42 13.58
C PHE E 172 -2.33 -10.84 12.97
N VAL E 173 -1.39 -11.67 12.51
CA VAL E 173 -0.10 -11.23 12.02
C VAL E 173 -0.23 -10.60 10.64
N GLY E 174 0.63 -9.62 10.35
CA GLY E 174 0.69 -9.03 9.02
C GLY E 174 -0.49 -8.16 8.65
N GLN E 175 -1.12 -7.49 9.62
CA GLN E 175 -2.27 -6.63 9.37
C GLN E 175 -2.03 -5.26 9.99
N ASP E 176 -2.66 -4.23 9.40
CA ASP E 176 -2.66 -2.90 9.99
C ASP E 176 -3.58 -2.87 11.22
N PRO E 177 -3.45 -1.85 12.08
CA PRO E 177 -4.23 -1.86 13.34
C PRO E 177 -5.74 -2.02 13.20
N ILE E 178 -6.37 -1.36 12.24
CA ILE E 178 -7.82 -1.45 12.11
C ILE E 178 -8.24 -2.86 11.71
N THR E 179 -7.55 -3.46 10.73
CA THR E 179 -7.86 -4.83 10.33
C THR E 179 -7.60 -5.82 11.46
N MET E 180 -6.54 -5.59 12.23
CA MET E 180 -6.25 -6.44 13.38
C MET E 180 -7.40 -6.42 14.38
N GLY E 181 -7.95 -5.23 14.65
CA GLY E 181 -9.12 -5.14 15.50
C GLY E 181 -10.31 -5.88 14.92
N VAL E 182 -10.52 -5.74 13.60
CA VAL E 182 -11.61 -6.44 12.94
C VAL E 182 -11.49 -7.95 13.13
N LEU E 183 -10.28 -8.49 13.00
CA LEU E 183 -10.12 -9.94 13.06
C LEU E 183 -10.29 -10.46 14.49
N VAL E 184 -9.78 -9.73 15.49
CA VAL E 184 -10.01 -10.11 16.87
C VAL E 184 -11.51 -10.15 17.17
N LYS E 185 -12.21 -9.06 16.79
CA LYS E 185 -13.65 -9.00 16.95
C LYS E 185 -14.33 -10.15 16.22
N LEU E 186 -13.79 -10.53 15.06
CA LEU E 186 -14.34 -11.61 14.27
C LEU E 186 -14.35 -12.92 15.05
N ILE E 187 -13.21 -13.29 15.61
CA ILE E 187 -13.16 -14.57 16.33
C ILE E 187 -14.09 -14.52 17.55
N SER E 188 -14.08 -13.40 18.28
CA SER E 188 -14.95 -13.29 19.45
C SER E 188 -16.42 -13.47 19.05
N GLU E 189 -16.86 -12.75 18.02
CA GLU E 189 -18.27 -12.76 17.62
C GLU E 189 -18.66 -14.07 16.98
N LEU E 190 -17.74 -14.73 16.27
CA LEU E 190 -17.99 -16.05 15.72
C LEU E 190 -18.30 -17.04 16.84
N ASN E 191 -17.42 -17.08 17.84
CA ASN E 191 -17.66 -17.95 18.99
C ASN E 191 -18.97 -17.60 19.68
N SER E 192 -19.25 -16.30 19.84
CA SER E 192 -20.45 -15.88 20.56
C SER E 192 -21.71 -16.30 19.82
N ALA E 193 -21.79 -15.99 18.53
CA ALA E 193 -23.03 -16.18 17.77
C ALA E 193 -23.27 -17.64 17.43
N LEU E 194 -22.22 -18.39 17.12
CA LEU E 194 -22.40 -19.74 16.64
C LEU E 194 -21.98 -20.82 17.62
N GLY E 195 -21.35 -20.44 18.74
CA GLY E 195 -20.88 -21.44 19.69
C GLY E 195 -19.68 -22.22 19.24
N VAL E 196 -18.93 -21.70 18.26
CA VAL E 196 -17.76 -22.39 17.74
C VAL E 196 -16.68 -22.46 18.80
N THR E 197 -16.09 -23.64 18.97
CA THR E 197 -14.93 -23.81 19.84
C THR E 197 -13.68 -23.36 19.09
N CYS E 198 -12.97 -22.38 19.65
CA CYS E 198 -11.86 -21.75 18.98
C CYS E 198 -10.56 -22.02 19.74
N VAL E 199 -9.53 -22.40 19.00
CA VAL E 199 -8.15 -22.48 19.53
C VAL E 199 -7.33 -21.45 18.77
N VAL E 200 -6.66 -20.56 19.49
CA VAL E 200 -5.91 -19.46 18.88
C VAL E 200 -4.48 -19.50 19.37
N VAL E 201 -3.54 -19.52 18.41
CA VAL E 201 -2.11 -19.39 18.70
C VAL E 201 -1.70 -17.98 18.29
N SER E 202 -1.17 -17.21 19.24
CA SER E 202 -0.88 -15.80 18.97
C SER E 202 0.26 -15.31 19.86
N HIS E 203 1.12 -14.47 19.30
CA HIS E 203 2.06 -13.67 20.06
C HIS E 203 1.53 -12.26 20.31
N ASP E 204 0.33 -11.95 19.83
CA ASP E 204 -0.33 -10.66 20.06
C ASP E 204 -1.07 -10.75 21.38
N VAL E 205 -0.31 -10.55 22.46
CA VAL E 205 -0.77 -10.93 23.79
C VAL E 205 -2.05 -10.19 24.22
N PRO E 206 -2.12 -8.85 24.15
CA PRO E 206 -3.35 -8.18 24.62
C PRO E 206 -4.59 -8.56 23.82
N GLU E 207 -4.46 -8.68 22.49
CA GLU E 207 -5.62 -9.03 21.67
C GLU E 207 -6.14 -10.41 22.00
N VAL E 208 -5.24 -11.40 22.08
CA VAL E 208 -5.72 -12.76 22.30
C VAL E 208 -6.23 -12.92 23.73
N LEU E 209 -5.64 -12.21 24.70
CA LEU E 209 -6.15 -12.32 26.06
C LEU E 209 -7.47 -11.58 26.25
N SER E 210 -7.76 -10.57 25.42
CA SER E 210 -9.03 -9.86 25.54
C SER E 210 -10.23 -10.73 25.15
N ILE E 211 -10.04 -11.79 24.37
CA ILE E 211 -11.15 -12.60 23.93
C ILE E 211 -11.05 -14.04 24.38
N ALA E 212 -9.89 -14.51 24.82
CA ALA E 212 -9.77 -15.89 25.23
C ALA E 212 -10.46 -16.09 26.56
N ASP E 213 -11.10 -17.25 26.73
CA ASP E 213 -11.58 -17.57 28.07
C ASP E 213 -10.48 -18.22 28.87
N HIS E 214 -9.77 -19.19 28.28
N HIS E 214 -9.79 -19.21 28.29
CA HIS E 214 -8.70 -19.86 29.00
CA HIS E 214 -8.70 -19.90 28.96
C HIS E 214 -7.43 -19.83 28.15
C HIS E 214 -7.44 -19.76 28.14
N ALA E 215 -6.30 -19.64 28.82
CA ALA E 215 -5.02 -19.51 28.15
C ALA E 215 -4.04 -20.54 28.69
N TRP E 216 -3.13 -20.96 27.83
CA TRP E 216 -2.12 -21.97 28.16
C TRP E 216 -0.77 -21.47 27.66
N ILE E 217 0.21 -21.41 28.56
CA ILE E 217 1.55 -20.96 28.24
C ILE E 217 2.43 -22.20 28.11
N LEU E 218 3.15 -22.31 27.01
CA LEU E 218 4.06 -23.42 26.77
C LEU E 218 5.46 -22.83 26.68
N ALA E 219 6.37 -23.33 27.52
CA ALA E 219 7.76 -22.93 27.38
C ALA E 219 8.61 -24.08 27.88
N ASP E 220 9.84 -24.14 27.36
CA ASP E 220 10.82 -25.14 27.77
C ASP E 220 10.16 -26.52 27.77
N LYS E 221 9.38 -26.77 26.73
CA LYS E 221 8.84 -28.08 26.40
C LYS E 221 7.81 -28.59 27.39
N LYS E 222 7.24 -27.70 28.22
CA LYS E 222 6.17 -28.11 29.13
C LYS E 222 5.20 -26.95 29.33
N ILE E 223 4.12 -27.26 30.03
CA ILE E 223 3.09 -26.28 30.35
C ILE E 223 3.61 -25.46 31.53
N VAL E 224 3.73 -24.16 31.35
CA VAL E 224 4.26 -23.30 32.40
C VAL E 224 3.15 -22.81 33.32
N ALA E 225 1.98 -22.53 32.75
CA ALA E 225 0.85 -22.00 33.51
C ALA E 225 -0.38 -22.09 32.63
N HIS E 226 -1.54 -21.93 33.26
CA HIS E 226 -2.79 -21.89 32.52
C HIS E 226 -3.82 -21.15 33.37
N GLY E 227 -4.93 -20.80 32.72
CA GLY E 227 -6.04 -20.14 33.34
C GLY E 227 -6.52 -18.98 32.52
N SER E 228 -7.43 -18.21 33.10
CA SER E 228 -7.92 -17.00 32.46
C SER E 228 -6.85 -15.91 32.52
N ALA E 229 -7.14 -14.79 31.87
CA ALA E 229 -6.22 -13.66 31.90
C ALA E 229 -6.10 -13.10 33.31
N GLN E 230 -7.21 -13.02 34.03
CA GLN E 230 -7.16 -12.57 35.42
C GLN E 230 -6.27 -13.48 36.25
N ALA E 231 -6.38 -14.79 36.05
CA ALA E 231 -5.59 -15.76 36.80
C ALA E 231 -4.10 -15.58 36.53
N LEU E 232 -3.73 -15.43 35.25
CA LEU E 232 -2.33 -15.24 34.92
C LEU E 232 -1.83 -13.89 35.43
N GLN E 233 -2.69 -12.88 35.44
CA GLN E 233 -2.30 -11.59 36.03
C GLN E 233 -1.96 -11.75 37.50
N ALA E 234 -2.71 -12.62 38.21
CA ALA E 234 -2.49 -12.80 39.63
C ALA E 234 -1.53 -13.95 39.95
N ASN E 235 -1.01 -14.65 38.94
CA ASN E 235 -0.10 -15.75 39.21
C ASN E 235 1.26 -15.18 39.60
N PRO E 236 1.78 -15.50 40.79
CA PRO E 236 3.03 -14.86 41.22
C PRO E 236 4.28 -15.42 40.55
N ASP E 237 4.14 -16.48 39.75
CA ASP E 237 5.28 -17.03 39.03
C ASP E 237 5.87 -15.96 38.12
N PRO E 238 7.16 -15.64 38.26
CA PRO E 238 7.75 -14.64 37.35
C PRO E 238 7.82 -15.09 35.91
N ARG E 239 7.77 -16.40 35.66
CA ARG E 239 7.86 -16.90 34.28
C ARG E 239 6.67 -16.44 33.44
N VAL E 240 5.45 -16.49 34.01
CA VAL E 240 4.26 -16.09 33.27
C VAL E 240 4.39 -14.63 32.84
N ARG E 241 4.65 -13.75 33.81
CA ARG E 241 4.78 -12.33 33.54
C ARG E 241 5.93 -12.05 32.57
N GLN E 242 7.05 -12.73 32.72
CA GLN E 242 8.16 -12.53 31.80
C GLN E 242 7.81 -12.94 30.38
N PHE E 243 7.30 -14.16 30.21
CA PHE E 243 7.01 -14.64 28.86
C PHE E 243 5.98 -13.78 28.16
N LEU E 244 4.94 -13.36 28.88
CA LEU E 244 3.86 -12.60 28.24
C LEU E 244 4.13 -11.08 28.17
N ASP E 245 5.03 -10.55 29.01
CA ASP E 245 5.32 -9.11 29.08
C ASP E 245 6.48 -8.68 28.19
N GLY E 246 7.50 -9.53 28.02
CA GLY E 246 8.62 -9.18 27.18
C GLY E 246 9.68 -8.29 27.81
N ILE E 247 9.45 -7.70 28.98
CA ILE E 247 10.54 -7.02 29.69
C ILE E 247 11.27 -7.97 30.65
N PHE E 254 6.84 -6.70 42.61
CA PHE E 254 6.22 -5.75 43.52
C PHE E 254 4.74 -6.05 43.68
N ARG E 255 4.37 -7.32 43.58
CA ARG E 255 2.97 -7.72 43.45
C ARG E 255 2.45 -8.20 44.79
N TYR E 256 1.20 -7.81 45.09
CA TYR E 256 0.62 -8.01 46.40
C TYR E 256 -0.49 -9.05 46.33
N PRO E 257 -0.38 -10.15 47.07
CA PRO E 257 -1.39 -11.20 47.02
C PRO E 257 -2.70 -10.80 47.67
N ALA E 258 -3.74 -11.57 47.37
CA ALA E 258 -5.08 -11.33 47.88
C ALA E 258 -5.58 -12.54 48.67
N GLY E 259 -6.44 -12.28 49.64
CA GLY E 259 -6.99 -13.30 50.50
C GLY E 259 -8.10 -14.09 49.83
N ASP E 260 -8.78 -14.89 50.63
CA ASP E 260 -9.88 -15.71 50.13
C ASP E 260 -11.05 -14.83 49.69
N TYR E 261 -11.48 -15.03 48.45
CA TYR E 261 -12.48 -14.17 47.83
C TYR E 261 -13.87 -14.44 48.39
N HIS E 262 -14.17 -15.72 48.68
CA HIS E 262 -15.41 -16.06 49.37
C HIS E 262 -15.54 -15.30 50.68
N ALA E 263 -14.42 -15.12 51.40
CA ALA E 263 -14.44 -14.42 52.68
C ALA E 263 -14.56 -12.91 52.50
N ASP E 264 -13.92 -12.36 51.46
CA ASP E 264 -14.06 -10.92 51.20
C ASP E 264 -15.49 -10.59 50.79
N LEU E 265 -16.14 -11.49 50.06
CA LEU E 265 -17.51 -11.29 49.62
C LEU E 265 -18.50 -11.50 50.76
N LEU E 266 -18.28 -12.52 51.58
CA LEU E 266 -19.24 -12.96 52.59
C LEU E 266 -18.55 -13.02 53.95
N PRO E 267 -18.36 -11.87 54.61
CA PRO E 267 -17.68 -11.87 55.91
C PRO E 267 -18.53 -12.56 56.97
N GLY E 268 -17.85 -13.09 57.98
CA GLY E 268 -18.53 -13.81 59.04
C GLY E 268 -18.59 -15.31 58.77
N GLU F 8 -55.55 -19.53 2.76
CA GLU F 8 -54.37 -20.12 2.15
C GLU F 8 -53.24 -20.23 3.15
N ASN F 9 -53.35 -21.18 4.07
CA ASN F 9 -52.34 -21.43 5.08
C ASN F 9 -51.39 -22.53 4.62
N LEU F 10 -50.12 -22.43 5.04
CA LEU F 10 -49.13 -23.44 4.66
C LEU F 10 -48.39 -23.93 5.90
N TYR F 11 -48.11 -25.23 5.94
N TYR F 11 -48.14 -25.23 5.95
CA TYR F 11 -47.47 -25.86 7.08
CA TYR F 11 -47.45 -25.83 7.09
C TYR F 11 -46.44 -26.88 6.61
C TYR F 11 -46.43 -26.86 6.60
N PHE F 12 -45.21 -26.78 7.13
CA PHE F 12 -44.17 -27.75 6.87
C PHE F 12 -43.57 -28.17 8.20
N GLN F 13 -43.42 -29.49 8.39
N GLN F 13 -43.41 -29.49 8.38
CA GLN F 13 -42.85 -30.05 9.59
CA GLN F 13 -42.85 -30.07 9.60
C GLN F 13 -41.63 -30.90 9.25
C GLN F 13 -41.64 -30.92 9.25
N SER F 14 -40.61 -30.83 10.09
CA SER F 14 -39.46 -31.71 10.00
C SER F 14 -38.89 -31.85 11.39
N GLU F 15 -37.90 -32.74 11.53
CA GLU F 15 -37.37 -33.03 12.87
C GLU F 15 -36.66 -31.80 13.44
N SER F 16 -35.86 -31.12 12.60
CA SER F 16 -35.04 -30.00 13.05
C SER F 16 -35.51 -28.63 12.53
N LEU F 17 -36.44 -28.58 11.59
CA LEU F 17 -36.94 -27.28 11.13
C LEU F 17 -38.39 -27.41 10.67
N SER F 18 -39.24 -26.52 11.16
CA SER F 18 -40.63 -26.46 10.75
C SER F 18 -40.99 -25.00 10.55
N TRP F 19 -42.05 -24.77 9.78
N TRP F 19 -42.03 -24.76 9.75
CA TRP F 19 -42.54 -23.41 9.63
CA TRP F 19 -42.52 -23.41 9.56
C TRP F 19 -44.00 -23.46 9.20
C TRP F 19 -43.99 -23.44 9.15
N MET F 20 -44.64 -22.29 9.27
CA MET F 20 -46.03 -22.17 8.87
C MET F 20 -46.35 -20.73 8.54
N GLN F 21 -47.05 -20.52 7.44
CA GLN F 21 -47.51 -19.20 7.03
C GLN F 21 -49.01 -19.19 7.33
N THR F 22 -49.37 -18.49 8.42
CA THR F 22 -50.74 -18.24 8.83
C THR F 22 -51.03 -16.76 8.67
N GLY F 23 -51.93 -16.42 7.76
CA GLY F 23 -52.32 -15.04 7.56
C GLY F 23 -51.12 -14.18 7.22
N ASP F 24 -50.84 -13.20 8.07
CA ASP F 24 -49.76 -12.26 7.84
C ASP F 24 -48.41 -12.72 8.38
N THR F 25 -48.35 -13.82 9.12
CA THR F 25 -47.12 -14.19 9.81
C THR F 25 -46.58 -15.52 9.29
N LEU F 26 -45.28 -15.51 8.98
CA LEU F 26 -44.50 -16.71 8.72
C LEU F 26 -43.69 -17.02 9.97
N ALA F 27 -43.99 -18.13 10.62
CA ALA F 27 -43.35 -18.51 11.88
C ALA F 27 -42.47 -19.73 11.67
N LEU F 28 -41.25 -19.67 12.20
CA LEU F 28 -40.26 -20.74 12.09
C LEU F 28 -40.01 -21.40 13.44
N SER F 29 -39.57 -22.65 13.40
CA SER F 29 -39.34 -23.47 14.58
C SER F 29 -38.13 -24.36 14.35
N GLY F 30 -37.24 -24.42 15.33
CA GLY F 30 -36.09 -25.33 15.23
C GLY F 30 -34.79 -24.64 14.88
N GLU F 31 -33.96 -25.30 14.08
CA GLU F 31 -32.65 -24.78 13.69
C GLU F 31 -32.71 -24.35 12.23
N LEU F 32 -32.35 -23.09 11.97
CA LEU F 32 -32.25 -22.56 10.62
C LEU F 32 -30.79 -22.65 10.16
N ASP F 33 -30.39 -23.88 9.86
CA ASP F 33 -29.02 -24.22 9.51
C ASP F 33 -28.95 -24.65 8.05
N GLN F 34 -27.73 -24.58 7.51
CA GLN F 34 -27.54 -24.76 6.07
C GLN F 34 -28.01 -26.13 5.59
N ASP F 35 -27.90 -27.17 6.43
CA ASP F 35 -28.30 -28.50 6.00
C ASP F 35 -29.82 -28.66 5.96
N VAL F 36 -30.52 -28.05 6.92
CA VAL F 36 -31.96 -28.30 7.07
C VAL F 36 -32.84 -27.23 6.42
N LEU F 37 -32.26 -26.10 5.98
CA LEU F 37 -33.08 -24.99 5.52
C LEU F 37 -33.61 -25.19 4.10
N LEU F 38 -33.15 -26.23 3.41
CA LEU F 38 -33.42 -26.34 1.98
C LEU F 38 -34.91 -26.32 1.64
N PRO F 39 -35.78 -27.05 2.33
CA PRO F 39 -37.20 -26.95 1.99
C PRO F 39 -37.72 -25.53 2.04
N LEU F 40 -37.31 -24.74 3.03
CA LEU F 40 -37.83 -23.38 3.12
C LEU F 40 -37.36 -22.52 1.96
N TRP F 41 -36.14 -22.74 1.47
CA TRP F 41 -35.71 -22.04 0.27
C TRP F 41 -36.61 -22.38 -0.91
N GLU F 42 -36.98 -23.66 -1.03
CA GLU F 42 -37.69 -24.10 -2.22
C GLU F 42 -39.08 -23.50 -2.34
N MET F 43 -39.72 -23.18 -1.21
CA MET F 43 -41.03 -22.53 -1.22
C MET F 43 -40.96 -21.10 -0.67
N ARG F 44 -39.86 -20.40 -0.95
CA ARG F 44 -39.68 -19.04 -0.43
C ARG F 44 -40.79 -18.11 -0.91
N GLU F 45 -41.18 -18.22 -2.17
CA GLU F 45 -42.18 -17.30 -2.72
C GLU F 45 -43.55 -17.52 -2.10
N GLU F 46 -43.95 -18.77 -1.90
CA GLU F 46 -45.21 -19.03 -1.20
C GLU F 46 -45.13 -18.59 0.25
N ALA F 47 -43.97 -18.82 0.89
CA ALA F 47 -43.83 -18.53 2.31
C ALA F 47 -43.95 -17.05 2.62
N VAL F 48 -43.68 -16.18 1.66
CA VAL F 48 -43.67 -14.75 1.88
C VAL F 48 -44.89 -14.05 1.25
N LYS F 49 -45.93 -14.80 0.89
CA LYS F 49 -47.04 -14.19 0.17
C LYS F 49 -47.98 -13.51 1.17
N GLY F 50 -48.11 -12.18 1.04
CA GLY F 50 -48.91 -11.40 1.96
C GLY F 50 -48.46 -11.52 3.40
N ILE F 51 -47.16 -11.37 3.66
CA ILE F 51 -46.62 -11.43 5.01
C ILE F 51 -46.10 -10.06 5.40
N THR F 52 -46.34 -9.67 6.64
CA THR F 52 -45.80 -8.47 7.23
C THR F 52 -44.88 -8.76 8.41
N CYS F 53 -44.72 -10.02 8.78
CA CYS F 53 -43.95 -10.39 9.95
C CYS F 53 -43.35 -11.78 9.77
N ILE F 54 -42.10 -11.93 10.20
CA ILE F 54 -41.43 -13.22 10.27
C ILE F 54 -41.12 -13.46 11.74
N ASP F 55 -41.61 -14.57 12.28
CA ASP F 55 -41.47 -14.87 13.69
C ASP F 55 -40.40 -15.94 13.87
N LEU F 56 -39.34 -15.57 14.59
CA LEU F 56 -38.23 -16.47 14.91
C LEU F 56 -38.20 -16.83 16.39
N SER F 57 -39.29 -16.58 17.11
CA SER F 57 -39.32 -16.75 18.56
C SER F 57 -38.93 -18.17 18.98
N ARG F 58 -39.42 -19.18 18.27
CA ARG F 58 -39.11 -20.57 18.61
C ARG F 58 -38.02 -21.15 17.71
N VAL F 59 -37.07 -20.32 17.27
CA VAL F 59 -35.90 -20.76 16.52
C VAL F 59 -34.72 -20.81 17.49
N SER F 60 -34.08 -21.97 17.57
CA SER F 60 -32.98 -22.15 18.52
C SER F 60 -31.62 -21.75 17.98
N ARG F 61 -31.40 -21.84 16.67
CA ARG F 61 -30.08 -21.58 16.10
C ARG F 61 -30.23 -21.06 14.68
N VAL F 62 -29.36 -20.12 14.32
CA VAL F 62 -29.27 -19.57 12.98
C VAL F 62 -27.80 -19.49 12.60
N ASP F 63 -27.38 -20.28 11.61
CA ASP F 63 -26.03 -20.18 11.09
C ASP F 63 -26.02 -19.20 9.91
N THR F 64 -24.86 -19.03 9.29
CA THR F 64 -24.72 -18.00 8.25
C THR F 64 -25.59 -18.30 7.04
N GLY F 65 -25.67 -19.58 6.63
CA GLY F 65 -26.57 -19.94 5.54
C GLY F 65 -28.01 -19.61 5.84
N GLY F 66 -28.45 -19.90 7.06
CA GLY F 66 -29.79 -19.52 7.48
C GLY F 66 -29.99 -18.02 7.46
N LEU F 67 -28.98 -17.26 7.88
CA LEU F 67 -29.08 -15.80 7.84
C LEU F 67 -29.24 -15.30 6.41
N ALA F 68 -28.52 -15.92 5.47
CA ALA F 68 -28.67 -15.55 4.06
C ALA F 68 -30.07 -15.86 3.56
N LEU F 69 -30.59 -17.03 3.91
CA LEU F 69 -31.98 -17.36 3.60
C LEU F 69 -32.92 -16.28 4.15
N LEU F 70 -32.68 -15.84 5.38
CA LEU F 70 -33.53 -14.81 6.00
C LEU F 70 -33.47 -13.50 5.23
N LEU F 71 -32.27 -13.12 4.78
CA LEU F 71 -32.16 -11.89 4.00
C LEU F 71 -32.92 -12.00 2.69
N HIS F 72 -32.82 -13.16 2.03
CA HIS F 72 -33.56 -13.34 0.79
C HIS F 72 -35.07 -13.33 1.02
N LEU F 73 -35.53 -13.90 2.13
CA LEU F 73 -36.96 -13.88 2.43
C LEU F 73 -37.46 -12.45 2.67
N ILE F 74 -36.72 -11.67 3.46
CA ILE F 74 -37.08 -10.27 3.67
C ILE F 74 -37.09 -9.52 2.35
N ASP F 75 -36.13 -9.81 1.47
CA ASP F 75 -36.04 -9.10 0.21
C ASP F 75 -37.21 -9.43 -0.72
N LEU F 76 -37.54 -10.72 -0.84
CA LEU F 76 -38.70 -11.11 -1.65
C LEU F 76 -39.99 -10.53 -1.09
N ALA F 77 -40.08 -10.42 0.24
CA ALA F 77 -41.27 -9.82 0.83
C ALA F 77 -41.37 -8.34 0.47
N LYS F 78 -40.25 -7.62 0.56
CA LYS F 78 -40.31 -6.20 0.20
C LYS F 78 -40.58 -6.03 -1.29
N LYS F 79 -40.07 -6.92 -2.13
CA LYS F 79 -40.37 -6.85 -3.57
C LYS F 79 -41.87 -7.07 -3.83
N GLN F 80 -42.55 -7.89 -3.04
CA GLN F 80 -44.01 -7.90 -3.14
C GLN F 80 -44.64 -6.59 -2.70
N GLY F 81 -43.88 -5.70 -2.07
CA GLY F 81 -44.42 -4.46 -1.56
C GLY F 81 -44.73 -4.46 -0.08
N ASN F 82 -44.13 -5.37 0.69
CA ASN F 82 -44.42 -5.52 2.11
C ASN F 82 -43.14 -5.37 2.92
N ASN F 83 -43.04 -4.30 3.70
CA ASN F 83 -42.05 -4.28 4.77
C ASN F 83 -42.41 -5.30 5.82
N VAL F 84 -41.42 -6.08 6.24
CA VAL F 84 -41.62 -7.18 7.18
C VAL F 84 -40.94 -6.82 8.48
N THR F 85 -41.65 -7.00 9.59
CA THR F 85 -41.05 -6.85 10.90
C THR F 85 -40.59 -8.22 11.38
N LEU F 86 -39.55 -8.21 12.21
CA LEU F 86 -39.00 -9.43 12.79
C LEU F 86 -39.36 -9.49 14.26
N GLN F 87 -39.64 -10.69 14.75
CA GLN F 87 -40.15 -10.84 16.10
C GLN F 87 -39.52 -12.06 16.74
N GLY F 88 -39.18 -11.94 18.03
CA GLY F 88 -38.59 -13.03 18.77
C GLY F 88 -37.18 -13.37 18.34
N VAL F 89 -36.44 -12.41 17.79
CA VAL F 89 -35.11 -12.67 17.27
C VAL F 89 -34.11 -12.79 18.41
N ASN F 90 -33.39 -13.90 18.46
CA ASN F 90 -32.34 -14.10 19.46
C ASN F 90 -31.19 -13.13 19.22
N ASP F 91 -30.62 -12.63 20.32
CA ASP F 91 -29.52 -11.67 20.21
C ASP F 91 -28.33 -12.25 19.46
N LYS F 92 -28.16 -13.58 19.49
CA LYS F 92 -27.07 -14.21 18.78
C LYS F 92 -27.20 -14.00 17.26
N VAL F 93 -28.43 -13.94 16.75
CA VAL F 93 -28.64 -13.65 15.33
C VAL F 93 -28.14 -12.24 15.00
N TYR F 94 -28.47 -11.26 15.86
CA TYR F 94 -27.99 -9.91 15.62
C TYR F 94 -26.48 -9.80 15.81
N THR F 95 -25.89 -10.60 16.70
CA THR F 95 -24.43 -10.67 16.76
C THR F 95 -23.86 -11.18 15.45
N LEU F 96 -24.51 -12.19 14.85
CA LEU F 96 -24.07 -12.70 13.55
C LEU F 96 -24.19 -11.62 12.48
N ALA F 97 -25.28 -10.84 12.54
CA ALA F 97 -25.42 -9.70 11.63
C ALA F 97 -24.32 -8.67 11.85
N LYS F 98 -23.94 -8.45 13.11
CA LYS F 98 -22.89 -7.50 13.45
C LYS F 98 -21.54 -7.95 12.89
N LEU F 99 -21.27 -9.26 12.95
CA LEU F 99 -20.05 -9.82 12.39
C LEU F 99 -19.91 -9.53 10.90
N TYR F 100 -21.01 -9.61 10.15
CA TYR F 100 -20.98 -9.42 8.72
C TYR F 100 -21.33 -7.99 8.30
N ASN F 101 -21.47 -7.08 9.26
CA ASN F 101 -21.63 -5.65 8.98
C ASN F 101 -22.84 -5.42 8.08
N LEU F 102 -23.94 -6.11 8.37
CA LEU F 102 -25.10 -6.06 7.50
C LEU F 102 -25.79 -4.71 7.59
N PRO F 103 -26.18 -4.12 6.45
CA PRO F 103 -26.86 -2.82 6.49
C PRO F 103 -28.20 -2.92 7.20
N ALA F 104 -28.75 -1.75 7.55
CA ALA F 104 -30.03 -1.71 8.24
C ALA F 104 -31.18 -2.13 7.33
N ASP F 105 -31.18 -1.67 6.07
CA ASP F 105 -32.27 -1.97 5.17
C ASP F 105 -32.30 -3.44 4.75
N VAL F 106 -31.28 -4.21 5.14
CA VAL F 106 -31.20 -5.61 4.81
C VAL F 106 -31.79 -6.47 5.92
N LEU F 107 -31.66 -6.04 7.16
CA LEU F 107 -32.16 -6.80 8.30
C LEU F 107 -32.70 -5.84 9.35
N PRO F 108 -34.02 -5.85 9.60
CA PRO F 108 -34.56 -4.92 10.61
C PRO F 108 -34.10 -5.29 12.01
N ARG F 109 -33.70 -4.26 12.76
CA ARG F 109 -33.30 -4.46 14.16
C ARG F 109 -34.45 -4.20 15.12
N SER G 4 -37.79 5.50 24.23
CA SER G 4 -36.44 6.01 24.43
C SER G 4 -35.85 6.50 23.11
N VAL G 5 -34.69 7.16 23.20
CA VAL G 5 -34.03 7.76 22.04
C VAL G 5 -32.72 7.01 21.80
N ALA G 6 -32.39 6.82 20.52
CA ALA G 6 -31.32 5.90 20.13
C ALA G 6 -29.94 6.43 20.53
N ASN G 7 -29.70 7.72 20.36
CA ASN G 7 -28.38 8.28 20.66
C ASN G 7 -28.43 8.99 22.00
N LEU G 8 -27.66 8.47 22.97
CA LEU G 8 -27.58 9.11 24.28
C LEU G 8 -26.89 10.46 24.18
N VAL G 9 -25.91 10.58 23.28
CA VAL G 9 -25.24 11.85 23.00
C VAL G 9 -25.31 12.11 21.51
N ASP G 10 -25.73 13.32 21.14
CA ASP G 10 -25.90 13.73 19.75
C ASP G 10 -25.33 15.15 19.63
N MET G 11 -24.10 15.26 19.14
CA MET G 11 -23.51 16.57 18.89
C MET G 11 -23.80 16.98 17.45
N ARG G 12 -24.23 18.24 17.28
CA ARG G 12 -24.57 18.78 15.98
C ARG G 12 -23.88 20.11 15.78
N ASP G 13 -23.04 20.18 14.76
CA ASP G 13 -22.41 21.41 14.30
C ASP G 13 -21.72 22.14 15.46
N VAL G 14 -20.84 21.44 16.15
CA VAL G 14 -20.19 21.96 17.36
C VAL G 14 -18.82 22.49 16.98
N SER G 15 -18.54 23.72 17.39
CA SER G 15 -17.24 24.34 17.21
C SER G 15 -16.69 24.78 18.57
N PHE G 16 -15.38 24.74 18.71
CA PHE G 16 -14.73 25.10 19.95
C PHE G 16 -13.33 25.61 19.70
N THR G 17 -13.03 26.78 20.25
CA THR G 17 -11.72 27.41 20.16
C THR G 17 -11.27 27.75 21.57
N ARG G 18 -10.06 27.34 21.93
CA ARG G 18 -9.48 27.64 23.23
C ARG G 18 -8.28 28.54 23.05
N GLY G 19 -8.32 29.72 23.67
CA GLY G 19 -7.25 30.67 23.44
C GLY G 19 -7.28 31.14 22.00
N ASN G 20 -6.09 31.23 21.40
CA ASN G 20 -5.98 31.65 20.02
C ASN G 20 -6.07 30.49 19.04
N ARG G 21 -6.10 29.25 19.52
CA ARG G 21 -6.11 28.08 18.65
C ARG G 21 -7.50 27.44 18.59
N CYS G 22 -7.91 27.06 17.39
CA CYS G 22 -9.19 26.38 17.18
C CYS G 22 -9.02 24.89 17.37
N ILE G 23 -10.01 24.25 18.01
CA ILE G 23 -9.97 22.83 18.29
C ILE G 23 -11.00 22.05 17.48
N PHE G 24 -12.21 22.57 17.32
CA PHE G 24 -13.20 21.89 16.50
C PHE G 24 -13.97 22.87 15.62
N ASP G 25 -14.18 22.48 14.37
CA ASP G 25 -14.90 23.28 13.38
C ASP G 25 -16.11 22.49 12.85
N ASN G 26 -17.29 22.75 13.41
CA ASN G 26 -18.55 22.24 12.86
C ASN G 26 -18.57 20.72 12.81
N ILE G 27 -18.25 20.09 13.92
CA ILE G 27 -18.26 18.64 13.96
C ILE G 27 -19.62 18.15 14.40
N SER G 28 -19.96 16.94 13.97
CA SER G 28 -21.23 16.30 14.32
C SER G 28 -20.94 14.85 14.64
N LEU G 29 -21.41 14.39 15.79
CA LEU G 29 -21.07 13.06 16.29
C LEU G 29 -22.23 12.54 17.12
N THR G 30 -22.35 11.21 17.18
CA THR G 30 -23.40 10.56 17.95
C THR G 30 -22.83 9.41 18.77
N VAL G 31 -23.45 9.15 19.91
CA VAL G 31 -23.08 8.07 20.80
C VAL G 31 -24.30 7.20 21.04
N PRO G 32 -24.43 6.08 20.33
CA PRO G 32 -25.63 5.23 20.47
C PRO G 32 -25.75 4.64 21.87
N ARG G 33 -26.98 4.62 22.38
CA ARG G 33 -27.23 4.16 23.74
C ARG G 33 -26.91 2.68 23.89
N GLY G 34 -26.19 2.35 24.97
CA GLY G 34 -25.85 0.97 25.28
C GLY G 34 -24.77 0.38 24.42
N LYS G 35 -24.08 1.19 23.61
CA LYS G 35 -23.04 0.71 22.72
C LYS G 35 -21.70 1.36 23.07
N ILE G 36 -20.66 0.82 22.45
CA ILE G 36 -19.30 1.30 22.67
C ILE G 36 -18.86 2.13 21.46
N THR G 37 -18.53 3.38 21.74
CA THR G 37 -18.04 4.32 20.76
C THR G 37 -16.59 4.62 21.10
N ALA G 38 -15.72 4.42 20.13
CA ALA G 38 -14.29 4.65 20.27
C ALA G 38 -13.95 5.94 19.54
N ILE G 39 -13.10 6.76 20.17
CA ILE G 39 -12.63 8.01 19.58
C ILE G 39 -11.11 7.92 19.46
N MET G 40 -10.61 8.11 18.24
CA MET G 40 -9.21 7.91 17.92
C MET G 40 -8.71 9.13 17.16
N GLY G 41 -7.41 9.33 17.20
CA GLY G 41 -6.79 10.44 16.51
C GLY G 41 -5.41 10.72 17.04
N PRO G 42 -4.66 11.56 16.33
CA PRO G 42 -3.31 11.91 16.77
C PRO G 42 -3.31 12.61 18.11
N SER G 43 -2.14 12.60 18.74
CA SER G 43 -2.00 13.24 20.04
C SER G 43 -2.19 14.75 19.90
N GLY G 44 -2.59 15.39 21.00
CA GLY G 44 -2.69 16.83 21.06
C GLY G 44 -3.84 17.46 20.30
N ILE G 45 -4.74 16.66 19.71
CA ILE G 45 -5.87 17.24 19.00
C ILE G 45 -7.03 17.56 19.92
N GLY G 46 -6.87 17.35 21.22
CA GLY G 46 -7.90 17.71 22.17
C GLY G 46 -9.01 16.69 22.36
N LYS G 47 -8.68 15.40 22.30
CA LYS G 47 -9.70 14.37 22.50
C LYS G 47 -10.27 14.43 23.91
N THR G 48 -9.40 14.62 24.92
CA THR G 48 -9.87 14.80 26.29
C THR G 48 -10.79 16.00 26.39
N THR G 49 -10.45 17.08 25.69
CA THR G 49 -11.32 18.25 25.64
C THR G 49 -12.69 17.88 25.08
N LEU G 50 -12.72 17.02 24.06
CA LEU G 50 -13.99 16.55 23.52
C LEU G 50 -14.81 15.80 24.56
N LEU G 51 -14.15 14.90 25.31
CA LEU G 51 -14.87 14.19 26.36
C LEU G 51 -15.48 15.16 27.36
N ARG G 52 -14.71 16.16 27.78
CA ARG G 52 -15.25 17.15 28.71
C ARG G 52 -16.37 17.97 28.08
N LEU G 53 -16.28 18.23 26.77
CA LEU G 53 -17.36 18.92 26.08
C LEU G 53 -18.65 18.12 26.18
N ILE G 54 -18.56 16.80 26.02
CA ILE G 54 -19.74 15.98 26.21
C ILE G 54 -20.21 16.05 27.65
N GLY G 55 -19.27 15.99 28.60
CA GLY G 55 -19.53 16.01 30.02
C GLY G 55 -20.05 17.33 30.57
N GLY G 56 -20.25 18.32 29.71
CA GLY G 56 -20.73 19.62 30.15
C GLY G 56 -19.77 20.48 30.92
N GLN G 57 -18.54 20.00 31.16
CA GLN G 57 -17.58 20.79 31.92
C GLN G 57 -17.14 22.03 31.15
N ILE G 58 -17.09 21.94 29.83
CA ILE G 58 -16.72 23.06 28.97
C ILE G 58 -17.92 23.36 28.07
N ALA G 59 -18.09 24.63 27.75
CA ALA G 59 -19.24 24.86 26.89
C ALA G 59 -18.79 25.06 25.45
N PRO G 60 -19.54 24.57 24.48
CA PRO G 60 -19.13 24.77 23.09
C PRO G 60 -19.36 26.22 22.68
N ASP G 61 -18.52 26.67 21.74
CA ASP G 61 -18.68 28.03 21.22
C ASP G 61 -19.93 28.12 20.35
N HIS G 62 -20.15 27.12 19.51
CA HIS G 62 -21.31 27.02 18.64
C HIS G 62 -21.71 25.56 18.55
N GLY G 63 -23.01 25.29 18.47
CA GLY G 63 -23.48 23.94 18.23
C GLY G 63 -24.39 23.43 19.33
N GLU G 64 -24.90 22.22 19.12
CA GLU G 64 -25.75 21.58 20.10
C GLU G 64 -25.07 20.30 20.58
N ILE G 65 -25.23 20.01 21.86
CA ILE G 65 -24.76 18.76 22.45
C ILE G 65 -25.98 18.24 23.19
N LEU G 66 -26.68 17.27 22.61
CA LEU G 66 -27.89 16.72 23.23
C LEU G 66 -27.53 15.46 24.00
N PHE G 67 -27.94 15.43 25.28
CA PHE G 67 -27.81 14.25 26.12
C PHE G 67 -29.21 13.70 26.34
N ASP G 68 -29.49 12.52 25.78
CA ASP G 68 -30.80 11.88 25.90
C ASP G 68 -31.92 12.82 25.49
N GLY G 69 -31.63 13.73 24.55
CA GLY G 69 -32.59 14.67 24.02
C GLY G 69 -32.40 16.10 24.47
N GLU G 70 -31.61 16.33 25.52
CA GLU G 70 -31.43 17.67 26.07
C GLU G 70 -30.11 18.36 25.71
N ASN G 71 -30.21 19.65 25.42
CA ASN G 71 -29.08 20.50 25.07
C ASN G 71 -28.34 20.93 26.33
N ILE G 72 -27.09 20.47 26.49
CA ILE G 72 -26.32 20.74 27.71
C ILE G 72 -26.02 22.23 27.82
N PRO G 73 -25.62 22.92 26.75
CA PRO G 73 -25.47 24.39 26.88
C PRO G 73 -26.74 25.08 27.29
N ALA G 74 -27.90 24.57 26.88
CA ALA G 74 -29.16 25.25 27.19
C ALA G 74 -29.71 24.89 28.57
N MET G 75 -29.08 23.97 29.29
CA MET G 75 -29.66 23.57 30.57
C MET G 75 -29.27 24.56 31.67
N SER G 76 -30.09 24.60 32.71
CA SER G 76 -29.77 25.38 33.89
C SER G 76 -28.63 24.73 34.65
N ARG G 77 -28.02 25.51 35.55
CA ARG G 77 -26.88 25.04 36.35
C ARG G 77 -27.29 23.90 37.28
N SER G 78 -28.42 24.06 37.99
CA SER G 78 -28.89 23.00 38.89
C SER G 78 -29.19 21.72 38.11
N ARG G 79 -29.85 21.85 36.95
CA ARG G 79 -30.15 20.70 36.10
C ARG G 79 -28.88 20.03 35.61
N LEU G 80 -27.86 20.83 35.30
CA LEU G 80 -26.57 20.26 34.92
C LEU G 80 -26.01 19.41 36.06
N TYR G 81 -26.07 19.92 37.29
CA TYR G 81 -25.63 19.15 38.44
C TYR G 81 -26.35 17.80 38.51
N THR G 82 -27.67 17.82 38.36
CA THR G 82 -28.40 16.56 38.52
C THR G 82 -28.12 15.58 37.38
N VAL G 83 -28.00 16.07 36.14
CA VAL G 83 -27.76 15.17 35.00
C VAL G 83 -26.36 14.61 35.04
N ARG G 84 -25.39 15.37 35.57
N ARG G 84 -25.40 15.37 35.59
CA ARG G 84 -24.03 14.87 35.69
CA ARG G 84 -24.03 14.88 35.69
C ARG G 84 -23.97 13.57 36.49
C ARG G 84 -23.95 13.59 36.52
N LYS G 85 -24.97 13.30 37.32
CA LYS G 85 -25.01 12.05 38.07
C LYS G 85 -25.20 10.84 37.16
N ARG G 86 -25.69 11.05 35.93
CA ARG G 86 -25.80 9.98 34.95
C ARG G 86 -24.50 9.76 34.18
N MET G 87 -23.40 10.33 34.63
CA MET G 87 -22.14 10.28 33.92
C MET G 87 -21.00 9.94 34.87
N SER G 88 -19.98 9.27 34.33
CA SER G 88 -18.74 9.04 35.08
C SER G 88 -17.57 9.13 34.11
N MET G 89 -16.54 9.90 34.46
CA MET G 89 -15.40 10.14 33.59
C MET G 89 -14.11 9.73 34.29
N LEU G 90 -13.31 8.91 33.61
CA LEU G 90 -11.99 8.48 34.05
C LEU G 90 -10.95 9.23 33.24
N PHE G 91 -10.17 10.07 33.91
CA PHE G 91 -9.11 10.84 33.27
C PHE G 91 -7.76 10.32 33.73
N GLN G 92 -6.77 10.44 32.84
CA GLN G 92 -5.40 10.11 33.23
C GLN G 92 -4.86 11.13 34.23
N SER G 93 -5.27 12.39 34.13
CA SER G 93 -4.84 13.40 35.09
C SER G 93 -5.40 13.10 36.48
N GLY G 94 -6.63 12.62 36.55
CA GLY G 94 -7.26 12.41 37.85
C GLY G 94 -6.45 11.45 38.70
N ALA G 95 -6.39 11.74 39.99
CA ALA G 95 -5.62 10.94 40.91
C ALA G 95 -6.51 10.49 42.06
N LEU G 96 -6.02 9.51 42.80
CA LEU G 96 -6.76 8.99 43.94
C LEU G 96 -6.61 9.93 45.12
N PHE G 97 -7.51 9.78 46.09
CA PHE G 97 -7.37 10.51 47.33
C PHE G 97 -6.16 9.98 48.08
N THR G 98 -5.20 10.84 48.35
CA THR G 98 -3.97 10.40 48.99
C THR G 98 -4.23 9.97 50.43
N ASP G 99 -5.21 10.59 51.09
CA ASP G 99 -5.43 10.32 52.52
C ASP G 99 -6.05 8.96 52.79
N MET G 100 -6.83 8.40 51.86
CA MET G 100 -7.50 7.14 52.11
C MET G 100 -6.96 6.05 51.19
N ASN G 101 -7.12 4.81 51.62
CA ASN G 101 -6.54 3.66 50.94
C ASN G 101 -7.36 3.27 49.71
N VAL G 102 -6.96 2.14 49.10
CA VAL G 102 -7.58 1.70 47.86
C VAL G 102 -9.07 1.38 48.07
N PHE G 103 -9.37 0.62 49.11
CA PHE G 103 -10.76 0.24 49.38
C PHE G 103 -11.62 1.48 49.58
N ASP G 104 -11.14 2.43 50.39
CA ASP G 104 -11.92 3.63 50.65
C ASP G 104 -12.03 4.49 49.40
N ASN G 105 -10.98 4.50 48.58
CA ASN G 105 -11.02 5.22 47.31
C ASN G 105 -12.15 4.71 46.43
N VAL G 106 -12.23 3.39 46.24
CA VAL G 106 -13.28 2.85 45.38
C VAL G 106 -14.65 2.97 46.04
N ALA G 107 -14.71 2.85 47.37
CA ALA G 107 -15.98 2.94 48.07
C ALA G 107 -16.52 4.36 48.17
N TYR G 108 -15.69 5.37 47.93
CA TYR G 108 -16.14 6.76 48.09
C TYR G 108 -17.36 7.10 47.24
N PRO G 109 -17.39 6.84 45.92
CA PRO G 109 -18.61 7.18 45.16
C PRO G 109 -19.85 6.48 45.68
N LEU G 110 -19.72 5.23 46.13
CA LEU G 110 -20.86 4.52 46.68
C LEU G 110 -21.33 5.19 47.97
N ARG G 111 -20.45 5.26 48.97
CA ARG G 111 -20.80 5.91 50.24
C ARG G 111 -21.37 7.30 50.02
N GLU G 112 -20.95 7.98 48.94
CA GLU G 112 -21.39 9.34 48.65
C GLU G 112 -22.76 9.39 47.97
N HIS G 113 -23.11 8.40 47.15
CA HIS G 113 -24.33 8.48 46.34
C HIS G 113 -25.21 7.23 46.30
N THR G 114 -24.83 6.12 46.95
CA THR G 114 -25.57 4.89 46.72
C THR G 114 -26.75 4.67 47.66
N GLN G 115 -26.65 5.11 48.93
CA GLN G 115 -27.69 4.85 49.93
C GLN G 115 -27.92 3.35 50.11
N LEU G 116 -26.84 2.59 50.07
CA LEU G 116 -26.82 1.13 50.09
C LEU G 116 -26.24 0.60 51.41
N PRO G 117 -26.72 -0.54 51.89
CA PRO G 117 -26.27 -1.06 53.19
C PRO G 117 -24.80 -1.44 53.19
N ALA G 118 -24.22 -1.42 54.40
CA ALA G 118 -22.78 -1.65 54.56
C ALA G 118 -22.31 -3.01 54.06
N PRO G 119 -22.95 -4.15 54.41
CA PRO G 119 -22.42 -5.44 53.91
C PRO G 119 -22.43 -5.54 52.39
N LEU G 120 -23.50 -5.06 51.77
CA LEU G 120 -23.58 -5.09 50.31
C LEU G 120 -22.56 -4.14 49.69
N LEU G 121 -22.34 -2.98 50.30
CA LEU G 121 -21.35 -2.04 49.80
C LEU G 121 -19.94 -2.62 49.90
N HIS G 122 -19.65 -3.29 51.01
CA HIS G 122 -18.36 -3.95 51.19
C HIS G 122 -18.12 -5.00 50.11
N SER G 123 -19.10 -5.89 49.91
CA SER G 123 -18.97 -6.92 48.88
C SER G 123 -18.89 -6.32 47.49
N THR G 124 -19.63 -5.24 47.24
CA THR G 124 -19.58 -4.58 45.93
C THR G 124 -18.18 -4.03 45.64
N VAL G 125 -17.59 -3.34 46.61
CA VAL G 125 -16.24 -2.81 46.42
C VAL G 125 -15.24 -3.95 46.24
N MET G 126 -15.44 -5.05 46.97
CA MET G 126 -14.58 -6.21 46.78
C MET G 126 -14.66 -6.74 45.35
N MET G 127 -15.88 -6.84 44.81
CA MET G 127 -16.03 -7.29 43.44
C MET G 127 -15.35 -6.35 42.46
N LYS G 128 -15.51 -5.05 42.66
CA LYS G 128 -14.92 -4.10 41.72
C LYS G 128 -13.39 -4.11 41.80
N LEU G 129 -12.83 -4.30 42.98
CA LEU G 129 -11.39 -4.48 43.08
C LEU G 129 -10.94 -5.76 42.39
N GLU G 130 -11.73 -6.83 42.52
CA GLU G 130 -11.42 -8.08 41.85
C GLU G 130 -11.41 -7.92 40.33
N ALA G 131 -12.37 -7.15 39.80
CA ALA G 131 -12.42 -6.90 38.36
C ALA G 131 -11.10 -6.35 37.85
N VAL G 132 -10.39 -5.62 38.71
CA VAL G 132 -9.14 -4.96 38.38
C VAL G 132 -7.93 -5.70 38.95
N GLY G 133 -8.15 -6.75 39.75
CA GLY G 133 -7.04 -7.48 40.34
C GLY G 133 -6.31 -6.70 41.41
N LEU G 134 -7.01 -5.86 42.16
CA LEU G 134 -6.43 -5.04 43.21
C LEU G 134 -7.01 -5.40 44.58
N ARG G 135 -7.68 -6.54 44.69
CA ARG G 135 -8.33 -6.92 45.94
C ARG G 135 -7.31 -7.08 47.06
N GLY G 136 -6.15 -7.65 46.74
CA GLY G 136 -5.07 -7.78 47.71
C GLY G 136 -4.41 -6.49 48.11
N ALA G 137 -4.74 -5.39 47.43
CA ALA G 137 -4.17 -4.07 47.73
C ALA G 137 -5.18 -3.16 48.41
N ALA G 138 -6.26 -3.72 48.95
CA ALA G 138 -7.34 -2.92 49.52
C ALA G 138 -6.82 -1.93 50.56
N LYS G 139 -5.94 -2.38 51.46
CA LYS G 139 -5.47 -1.52 52.54
C LYS G 139 -4.32 -0.62 52.14
N LEU G 140 -3.64 -0.91 51.03
CA LEU G 140 -2.50 -0.10 50.63
C LEU G 140 -2.93 1.33 50.29
N MET G 141 -2.04 2.27 50.55
CA MET G 141 -2.23 3.68 50.26
C MET G 141 -1.80 4.01 48.83
N PRO G 142 -2.35 5.08 48.26
CA PRO G 142 -1.94 5.47 46.89
C PRO G 142 -0.45 5.69 46.72
N SER G 143 0.23 6.27 47.73
CA SER G 143 1.67 6.49 47.64
C SER G 143 2.43 5.17 47.56
N GLU G 144 1.85 4.12 48.12
CA GLU G 144 2.44 2.78 48.12
C GLU G 144 2.15 1.97 46.86
N LEU G 145 1.39 2.51 45.92
CA LEU G 145 1.00 1.80 44.71
C LEU G 145 1.98 2.07 43.57
N SER G 146 2.04 1.13 42.63
CA SER G 146 2.81 1.37 41.43
C SER G 146 1.95 2.09 40.41
N GLY G 147 2.60 2.61 39.37
CA GLY G 147 1.89 3.33 38.33
C GLY G 147 0.64 2.62 37.85
N GLY G 148 0.81 1.39 37.34
CA GLY G 148 -0.34 0.70 36.80
C GLY G 148 -1.36 0.35 37.85
N MET G 149 -0.93 0.11 39.09
CA MET G 149 -1.89 -0.16 40.17
C MET G 149 -2.73 1.07 40.44
N ALA G 150 -2.09 2.24 40.51
CA ALA G 150 -2.80 3.49 40.73
C ALA G 150 -3.81 3.75 39.62
N ARG G 151 -3.39 3.57 38.36
CA ARG G 151 -4.30 3.81 37.23
C ARG G 151 -5.47 2.83 37.27
N ARG G 152 -5.19 1.56 37.54
CA ARG G 152 -6.25 0.57 37.65
C ARG G 152 -7.22 0.88 38.79
N ALA G 153 -6.70 1.34 39.94
CA ALA G 153 -7.55 1.72 41.05
C ALA G 153 -8.45 2.89 40.69
N ALA G 154 -7.89 3.90 40.01
CA ALA G 154 -8.69 5.03 39.55
C ALA G 154 -9.81 4.55 38.63
N LEU G 155 -9.49 3.63 37.71
CA LEU G 155 -10.52 3.07 36.84
C LEU G 155 -11.60 2.36 37.65
N ALA G 156 -11.19 1.55 38.64
CA ALA G 156 -12.16 0.85 39.47
C ALA G 156 -13.09 1.84 40.16
N ARG G 157 -12.57 2.98 40.61
CA ARG G 157 -13.43 4.00 41.16
C ARG G 157 -14.34 4.61 40.09
N ALA G 158 -13.83 4.71 38.85
CA ALA G 158 -14.61 5.34 37.79
C ALA G 158 -15.84 4.51 37.42
N ILE G 159 -15.74 3.19 37.51
CA ILE G 159 -16.86 2.31 37.21
C ILE G 159 -17.66 1.94 38.46
N ALA G 160 -17.44 2.65 39.57
CA ALA G 160 -18.03 2.27 40.85
C ALA G 160 -19.55 2.45 40.83
N LEU G 161 -20.04 3.58 40.32
CA LEU G 161 -21.47 3.84 40.34
C LEU G 161 -22.22 3.33 39.13
N GLU G 162 -21.52 2.88 38.09
CA GLU G 162 -22.14 2.28 36.91
C GLU G 162 -23.20 3.17 36.26
N PRO G 163 -22.86 4.44 35.95
CA PRO G 163 -23.89 5.31 35.40
C PRO G 163 -24.29 4.90 33.99
N ASP G 164 -25.23 5.64 33.39
CA ASP G 164 -25.65 5.33 32.04
C ASP G 164 -24.51 5.56 31.04
N LEU G 165 -23.65 6.53 31.32
CA LEU G 165 -22.54 6.86 30.44
C LEU G 165 -21.24 6.87 31.23
N ILE G 166 -20.25 6.12 30.74
CA ILE G 166 -18.90 6.14 31.31
C ILE G 166 -17.91 6.46 30.20
N MET G 167 -17.03 7.42 30.47
CA MET G 167 -16.03 7.87 29.53
C MET G 167 -14.66 7.47 30.06
N PHE G 168 -13.86 6.84 29.21
CA PHE G 168 -12.52 6.36 29.56
C PHE G 168 -11.54 7.14 28.71
N ASP G 169 -10.61 7.85 29.35
CA ASP G 169 -9.54 8.54 28.65
C ASP G 169 -8.30 7.66 28.75
N GLU G 170 -8.00 6.96 27.65
CA GLU G 170 -6.83 6.08 27.57
C GLU G 170 -6.79 5.09 28.74
N PRO G 171 -7.81 4.24 28.87
CA PRO G 171 -7.86 3.35 30.04
C PRO G 171 -6.78 2.28 30.05
N PHE G 172 -6.03 2.13 28.96
CA PHE G 172 -5.06 1.06 28.81
C PHE G 172 -3.61 1.53 28.95
N VAL G 173 -3.37 2.83 29.15
CA VAL G 173 -2.01 3.35 29.16
C VAL G 173 -1.32 2.93 30.45
N GLY G 174 -0.01 2.73 30.37
CA GLY G 174 0.79 2.42 31.54
C GLY G 174 0.54 1.06 32.14
N GLN G 175 0.15 0.08 31.32
CA GLN G 175 -0.11 -1.26 31.79
C GLN G 175 0.67 -2.25 30.94
N ASP G 176 1.02 -3.38 31.54
CA ASP G 176 1.62 -4.48 30.79
C ASP G 176 0.57 -5.15 29.91
N PRO G 177 1.01 -5.90 28.90
CA PRO G 177 0.04 -6.52 27.98
C PRO G 177 -1.04 -7.38 28.63
N ILE G 178 -0.73 -8.14 29.67
CA ILE G 178 -1.73 -9.02 30.28
C ILE G 178 -2.84 -8.18 30.90
N THR G 179 -2.47 -7.11 31.62
CA THR G 179 -3.48 -6.22 32.18
C THR G 179 -4.25 -5.52 31.08
N MET G 180 -3.59 -5.17 29.96
CA MET G 180 -4.31 -4.57 28.85
C MET G 180 -5.42 -5.49 28.33
N GLY G 181 -5.12 -6.78 28.18
CA GLY G 181 -6.16 -7.71 27.79
C GLY G 181 -7.28 -7.77 28.82
N VAL G 182 -6.90 -7.82 30.10
CA VAL G 182 -7.90 -7.84 31.17
C VAL G 182 -8.82 -6.63 31.09
N LEU G 183 -8.25 -5.44 30.87
CA LEU G 183 -9.03 -4.21 30.87
C LEU G 183 -9.92 -4.08 29.64
N VAL G 184 -9.42 -4.51 28.48
CA VAL G 184 -10.26 -4.53 27.28
C VAL G 184 -11.47 -5.43 27.52
N LYS G 185 -11.23 -6.65 28.00
CA LYS G 185 -12.34 -7.55 28.32
C LYS G 185 -13.25 -6.97 29.38
N LEU G 186 -12.68 -6.24 30.35
CA LEU G 186 -13.48 -5.65 31.42
C LEU G 186 -14.48 -4.64 30.88
N ILE G 187 -14.01 -3.69 30.06
CA ILE G 187 -14.94 -2.70 29.51
C ILE G 187 -15.98 -3.38 28.65
N SER G 188 -15.57 -4.37 27.84
CA SER G 188 -16.52 -5.11 27.02
C SER G 188 -17.61 -5.76 27.87
N GLU G 189 -17.21 -6.45 28.93
CA GLU G 189 -18.17 -7.18 29.75
C GLU G 189 -19.03 -6.25 30.58
N LEU G 190 -18.49 -5.11 31.00
CA LEU G 190 -19.30 -4.11 31.69
C LEU G 190 -20.43 -3.63 30.79
N ASN G 191 -20.10 -3.21 29.57
CA ASN G 191 -21.13 -2.77 28.62
C ASN G 191 -22.11 -3.89 28.32
N SER G 192 -21.62 -5.13 28.15
CA SER G 192 -22.51 -6.23 27.80
C SER G 192 -23.50 -6.50 28.92
N ALA G 193 -23.02 -6.61 30.16
CA ALA G 193 -23.88 -7.05 31.26
C ALA G 193 -24.80 -5.95 31.74
N LEU G 194 -24.34 -4.70 31.76
CA LEU G 194 -25.14 -3.65 32.37
C LEU G 194 -25.73 -2.66 31.38
N GLY G 195 -25.37 -2.73 30.11
CA GLY G 195 -25.89 -1.79 29.14
C GLY G 195 -25.35 -0.38 29.26
N VAL G 196 -24.23 -0.20 29.95
CA VAL G 196 -23.63 1.13 30.08
C VAL G 196 -23.14 1.60 28.72
N THR G 197 -23.45 2.86 28.39
CA THR G 197 -22.91 3.47 27.20
C THR G 197 -21.50 3.95 27.49
N CYS G 198 -20.54 3.45 26.73
CA CYS G 198 -19.13 3.68 26.98
C CYS G 198 -18.55 4.50 25.83
N VAL G 199 -17.82 5.56 26.18
CA VAL G 199 -17.03 6.31 25.21
C VAL G 199 -15.58 6.14 25.61
N VAL G 200 -14.76 5.60 24.71
CA VAL G 200 -13.38 5.25 25.00
C VAL G 200 -12.48 5.98 24.03
N VAL G 201 -11.51 6.73 24.56
CA VAL G 201 -10.47 7.37 23.77
C VAL G 201 -9.19 6.58 23.99
N SER G 202 -8.60 6.07 22.90
CA SER G 202 -7.45 5.19 23.04
C SER G 202 -6.56 5.32 21.81
N HIS G 203 -5.25 5.28 22.05
CA HIS G 203 -4.29 5.12 20.97
C HIS G 203 -3.91 3.66 20.77
N ASP G 204 -4.49 2.75 21.55
CA ASP G 204 -4.33 1.31 21.37
C ASP G 204 -5.41 0.85 20.40
N VAL G 205 -5.15 1.09 19.11
CA VAL G 205 -6.21 0.99 18.11
C VAL G 205 -6.79 -0.41 17.97
N PRO G 206 -5.99 -1.48 17.84
CA PRO G 206 -6.62 -2.81 17.67
C PRO G 206 -7.47 -3.20 18.88
N GLU G 207 -6.98 -2.89 20.09
CA GLU G 207 -7.73 -3.25 21.30
C GLU G 207 -9.06 -2.53 21.35
N VAL G 208 -9.07 -1.22 21.11
CA VAL G 208 -10.30 -0.46 21.25
C VAL G 208 -11.27 -0.76 20.12
N LEU G 209 -10.76 -1.02 18.91
CA LEU G 209 -11.66 -1.38 17.80
C LEU G 209 -12.19 -2.79 17.92
N SER G 210 -11.51 -3.68 18.65
CA SER G 210 -12.01 -5.03 18.83
C SER G 210 -13.31 -5.08 19.65
N ILE G 211 -13.60 -4.03 20.41
CA ILE G 211 -14.80 -4.01 21.25
C ILE G 211 -15.76 -2.89 20.90
N ALA G 212 -15.34 -1.93 20.08
CA ALA G 212 -16.21 -0.82 19.73
C ALA G 212 -17.32 -1.27 18.79
N ASP G 213 -18.51 -0.69 19.00
CA ASP G 213 -19.62 -0.78 18.07
C ASP G 213 -19.54 0.31 17.01
N HIS G 214 -19.03 1.48 17.37
N HIS G 214 -19.00 1.47 17.36
CA HIS G 214 -18.81 2.54 16.40
CA HIS G 214 -18.82 2.54 16.39
C HIS G 214 -17.50 3.25 16.74
C HIS G 214 -17.55 3.29 16.74
N ALA G 215 -16.88 3.84 15.73
CA ALA G 215 -15.60 4.52 15.92
C ALA G 215 -15.55 5.82 15.15
N TRP G 216 -14.77 6.76 15.67
CA TRP G 216 -14.62 8.09 15.09
C TRP G 216 -13.14 8.46 15.04
N ILE G 217 -12.65 8.82 13.85
CA ILE G 217 -11.28 9.28 13.66
C ILE G 217 -11.30 10.80 13.53
N LEU G 218 -10.47 11.48 14.30
CA LEU G 218 -10.42 12.93 14.30
C LEU G 218 -9.06 13.40 13.80
N ALA G 219 -9.06 14.24 12.77
CA ALA G 219 -7.83 14.86 12.30
C ALA G 219 -8.18 16.23 11.73
N ASP G 220 -7.17 17.11 11.71
CA ASP G 220 -7.32 18.48 11.21
C ASP G 220 -8.54 19.14 11.84
N LYS G 221 -8.74 18.88 13.14
CA LYS G 221 -9.75 19.56 13.94
C LYS G 221 -11.15 19.25 13.45
N LYS G 222 -11.31 18.16 12.71
CA LYS G 222 -12.60 17.77 12.14
C LYS G 222 -12.71 16.26 12.16
N ILE G 223 -13.91 15.78 11.85
CA ILE G 223 -14.18 14.35 11.78
C ILE G 223 -13.72 13.85 10.41
N VAL G 224 -12.76 12.91 10.41
CA VAL G 224 -12.25 12.37 9.15
C VAL G 224 -13.05 11.15 8.71
N ALA G 225 -13.51 10.32 9.65
CA ALA G 225 -14.22 9.11 9.29
C ALA G 225 -14.94 8.60 10.53
N HIS G 226 -15.95 7.76 10.29
CA HIS G 226 -16.67 7.12 11.38
C HIS G 226 -17.35 5.88 10.82
N GLY G 227 -17.82 5.04 11.73
CA GLY G 227 -18.54 3.84 11.35
C GLY G 227 -18.05 2.67 12.17
N SER G 228 -18.48 1.49 11.77
CA SER G 228 -18.02 0.27 12.40
C SER G 228 -16.56 0.02 12.03
N ALA G 229 -15.97 -1.00 12.65
CA ALA G 229 -14.58 -1.35 12.36
C ALA G 229 -14.43 -1.81 10.92
N GLN G 230 -15.35 -2.66 10.45
CA GLN G 230 -15.35 -3.03 9.04
C GLN G 230 -15.54 -1.80 8.16
N ALA G 231 -16.38 -0.86 8.58
CA ALA G 231 -16.61 0.35 7.78
C ALA G 231 -15.34 1.16 7.64
N LEU G 232 -14.61 1.37 8.74
CA LEU G 232 -13.37 2.14 8.68
C LEU G 232 -12.28 1.38 7.94
N GLN G 233 -12.26 0.06 8.06
CA GLN G 233 -11.26 -0.76 7.37
C GLN G 233 -11.36 -0.59 5.86
N ALA G 234 -12.57 -0.48 5.33
CA ALA G 234 -12.80 -0.34 3.90
C ALA G 234 -12.89 1.12 3.47
N ASN G 235 -12.71 2.06 4.38
CA ASN G 235 -12.84 3.48 4.04
C ASN G 235 -11.61 3.93 3.25
N PRO G 236 -11.79 4.41 2.01
CA PRO G 236 -10.63 4.79 1.18
C PRO G 236 -10.04 6.16 1.50
N ASP G 237 -10.60 6.92 2.41
CA ASP G 237 -10.11 8.27 2.70
C ASP G 237 -8.63 8.24 3.03
N PRO G 238 -7.78 8.98 2.31
CA PRO G 238 -6.33 8.93 2.59
C PRO G 238 -5.93 9.48 3.94
N ARG G 239 -6.71 10.39 4.54
CA ARG G 239 -6.40 10.84 5.90
C ARG G 239 -6.42 9.68 6.87
N VAL G 240 -7.32 8.72 6.68
CA VAL G 240 -7.38 7.54 7.53
C VAL G 240 -6.09 6.73 7.40
N ARG G 241 -5.67 6.44 6.17
CA ARG G 241 -4.43 5.71 5.97
C ARG G 241 -3.25 6.44 6.60
N GLN G 242 -3.22 7.77 6.49
CA GLN G 242 -2.14 8.57 7.07
C GLN G 242 -2.11 8.38 8.58
N PHE G 243 -3.29 8.44 9.22
CA PHE G 243 -3.39 8.23 10.65
C PHE G 243 -2.87 6.83 11.03
N LEU G 244 -3.21 5.82 10.21
CA LEU G 244 -2.79 4.47 10.53
C LEU G 244 -1.32 4.25 10.27
N ASP G 245 -0.70 5.06 9.42
CA ASP G 245 0.71 4.86 9.17
C ASP G 245 1.51 5.55 10.26
N GLY G 246 0.95 6.63 10.81
CA GLY G 246 1.58 7.19 12.00
C GLY G 246 1.35 6.37 13.23
N ILE G 247 0.39 5.44 13.22
CA ILE G 247 0.22 4.51 14.33
C ILE G 247 0.93 3.18 14.12
N ALA G 248 0.93 2.67 12.90
CA ALA G 248 1.47 1.34 12.64
C ALA G 248 3.00 1.36 12.64
N ASP G 249 3.57 0.23 13.08
CA ASP G 249 5.02 0.03 12.98
C ASP G 249 5.47 -0.35 11.59
N GLY G 250 4.55 -0.74 10.71
CA GLY G 250 4.88 -1.12 9.36
C GLY G 250 4.10 -0.36 8.31
N PRO G 251 4.32 -0.69 7.04
CA PRO G 251 3.70 0.07 5.95
C PRO G 251 2.21 -0.21 5.83
N VAL G 252 1.45 0.86 5.54
CA VAL G 252 0.00 0.79 5.45
C VAL G 252 -0.40 1.15 4.02
N PRO G 253 -1.11 0.27 3.29
CA PRO G 253 -1.48 0.56 1.91
C PRO G 253 -2.82 1.27 1.81
N PHE G 254 -3.05 1.88 0.64
CA PHE G 254 -4.40 2.29 0.30
C PHE G 254 -5.29 1.08 0.14
N ARG G 255 -6.59 1.31 0.23
CA ARG G 255 -7.57 0.24 0.34
C ARG G 255 -8.21 -0.02 -1.01
N TYR G 256 -8.35 -1.28 -1.35
N TYR G 256 -8.31 -1.30 -1.38
CA TYR G 256 -9.02 -1.65 -2.59
CA TYR G 256 -9.02 -1.65 -2.60
C TYR G 256 -10.49 -1.28 -2.51
C TYR G 256 -10.47 -1.21 -2.48
N PRO G 257 -11.05 -0.62 -3.52
CA PRO G 257 -12.44 -0.18 -3.42
C PRO G 257 -13.40 -1.36 -3.43
N ALA G 258 -14.59 -1.11 -2.87
CA ALA G 258 -15.64 -2.10 -2.83
C ALA G 258 -16.94 -1.48 -3.35
N GLY G 259 -17.77 -2.32 -3.96
CA GLY G 259 -19.05 -1.90 -4.47
C GLY G 259 -20.09 -1.83 -3.36
N ASP G 260 -21.35 -1.62 -3.78
CA ASP G 260 -22.44 -1.56 -2.82
C ASP G 260 -22.68 -2.92 -2.19
N TYR G 261 -22.71 -2.95 -0.86
CA TYR G 261 -22.81 -4.20 -0.12
C TYR G 261 -24.21 -4.78 -0.23
N HIS G 262 -25.23 -3.91 -0.23
CA HIS G 262 -26.60 -4.34 -0.51
C HIS G 262 -26.68 -5.07 -1.84
N ALA G 263 -25.94 -4.61 -2.84
CA ALA G 263 -25.97 -5.22 -4.16
C ALA G 263 -25.23 -6.55 -4.18
N ASP G 264 -24.12 -6.65 -3.43
CA ASP G 264 -23.42 -7.92 -3.33
C ASP G 264 -24.25 -8.97 -2.61
N LEU G 265 -25.05 -8.56 -1.62
CA LEU G 265 -25.85 -9.52 -0.86
C LEU G 265 -27.08 -9.97 -1.65
N LEU G 266 -27.77 -9.05 -2.31
CA LEU G 266 -29.05 -9.32 -2.95
C LEU G 266 -28.99 -8.85 -4.40
N PRO G 267 -28.30 -9.58 -5.26
CA PRO G 267 -28.16 -9.14 -6.65
C PRO G 267 -29.48 -9.23 -7.40
N GLY G 268 -29.65 -8.31 -8.34
CA GLY G 268 -30.87 -8.22 -9.12
C GLY G 268 -31.40 -6.81 -9.21
N GLU H 8 -44.19 -19.30 55.16
CA GLU H 8 -45.35 -19.75 54.42
C GLU H 8 -45.38 -19.13 53.03
N ASN H 9 -46.25 -18.13 52.84
N ASN H 9 -46.25 -18.14 52.85
CA ASN H 9 -46.34 -17.39 51.59
CA ASN H 9 -46.34 -17.38 51.61
C ASN H 9 -46.08 -15.92 51.88
C ASN H 9 -46.05 -15.92 51.91
N LEU H 10 -45.07 -15.36 51.23
CA LEU H 10 -44.76 -13.94 51.36
C LEU H 10 -44.86 -13.26 50.00
N TYR H 11 -45.48 -12.09 49.98
N TYR H 11 -45.48 -12.08 49.99
CA TYR H 11 -45.63 -11.31 48.77
CA TYR H 11 -45.64 -11.30 48.77
C TYR H 11 -45.25 -9.86 49.06
C TYR H 11 -45.27 -9.86 49.05
N PHE H 12 -44.43 -9.28 48.20
CA PHE H 12 -44.08 -7.87 48.29
C PHE H 12 -44.10 -7.29 46.88
N GLN H 13 -44.90 -6.25 46.69
N GLN H 13 -44.86 -6.21 46.69
CA GLN H 13 -44.94 -5.54 45.42
CA GLN H 13 -44.97 -5.55 45.40
C GLN H 13 -44.53 -4.10 45.62
C GLN H 13 -44.60 -4.08 45.54
N SER H 14 -43.59 -3.66 44.80
CA SER H 14 -43.29 -2.25 44.59
C SER H 14 -43.32 -2.07 43.07
N GLU H 15 -43.23 -0.82 42.60
CA GLU H 15 -43.38 -0.60 41.16
C GLU H 15 -42.23 -1.23 40.38
N SER H 16 -41.01 -1.12 40.90
CA SER H 16 -39.83 -1.56 40.15
C SER H 16 -39.28 -2.89 40.63
N LEU H 17 -39.74 -3.40 41.77
CA LEU H 17 -39.26 -4.68 42.26
C LEU H 17 -40.35 -5.35 43.08
N SER H 18 -40.58 -6.63 42.80
CA SER H 18 -41.51 -7.43 43.57
C SER H 18 -40.86 -8.78 43.81
N TRP H 19 -41.23 -9.41 44.92
N TRP H 19 -41.24 -9.42 44.92
CA TRP H 19 -40.79 -10.78 45.16
CA TRP H 19 -40.76 -10.76 45.19
C TRP H 19 -41.89 -11.55 45.85
C TRP H 19 -41.84 -11.56 45.91
N MET H 20 -41.84 -12.86 45.66
CA MET H 20 -42.86 -13.76 46.17
C MET H 20 -42.20 -15.06 46.57
N GLN H 21 -42.42 -15.46 47.81
CA GLN H 21 -41.93 -16.74 48.30
C GLN H 21 -43.14 -17.63 48.42
N THR H 22 -43.26 -18.58 47.49
CA THR H 22 -44.30 -19.61 47.48
C THR H 22 -43.63 -20.94 47.77
N GLY H 23 -43.99 -21.53 48.90
CA GLY H 23 -43.44 -22.82 49.29
C GLY H 23 -41.94 -22.78 49.34
N ASP H 24 -41.32 -23.58 48.49
CA ASP H 24 -39.88 -23.73 48.47
C ASP H 24 -39.16 -22.72 47.59
N THR H 25 -39.87 -21.93 46.78
CA THR H 25 -39.20 -21.09 45.80
C THR H 25 -39.44 -19.60 46.07
N LEU H 26 -38.35 -18.82 46.03
CA LEU H 26 -38.38 -17.37 46.06
C LEU H 26 -38.22 -16.85 44.63
N ALA H 27 -39.24 -16.20 44.10
CA ALA H 27 -39.26 -15.70 42.74
C ALA H 27 -39.26 -14.18 42.77
N LEU H 28 -38.41 -13.58 41.95
CA LEU H 28 -38.25 -12.14 41.85
C LEU H 28 -38.80 -11.62 40.53
N SER H 29 -39.20 -10.35 40.53
CA SER H 29 -39.82 -9.71 39.37
C SER H 29 -39.37 -8.26 39.32
N GLY H 30 -39.00 -7.80 38.13
CA GLY H 30 -38.64 -6.42 37.93
C GLY H 30 -37.14 -6.18 37.79
N GLU H 31 -36.66 -5.04 38.31
CA GLU H 31 -35.24 -4.70 38.24
C GLU H 31 -34.63 -4.77 39.63
N LEU H 32 -33.54 -5.53 39.75
CA LEU H 32 -32.79 -5.67 41.00
C LEU H 32 -31.63 -4.69 40.98
N ASP H 33 -31.97 -3.42 41.21
CA ASP H 33 -31.04 -2.31 41.13
C ASP H 33 -30.80 -1.72 42.52
N GLN H 34 -29.68 -1.00 42.64
CA GLN H 34 -29.22 -0.53 43.94
C GLN H 34 -30.26 0.37 44.62
N ASP H 35 -31.03 1.13 43.85
CA ASP H 35 -32.03 2.01 44.47
C ASP H 35 -33.25 1.25 44.95
N VAL H 36 -33.68 0.21 44.23
CA VAL H 36 -34.96 -0.44 44.51
C VAL H 36 -34.81 -1.72 45.33
N LEU H 37 -33.59 -2.22 45.55
CA LEU H 37 -33.43 -3.53 46.18
C LEU H 37 -33.52 -3.49 47.71
N LEU H 38 -33.58 -2.30 48.31
CA LEU H 38 -33.43 -2.20 49.76
C LEU H 38 -34.48 -2.98 50.56
N PRO H 39 -35.77 -2.98 50.19
CA PRO H 39 -36.73 -3.81 50.94
C PRO H 39 -36.36 -5.29 50.98
N LEU H 40 -35.82 -5.85 49.90
CA LEU H 40 -35.47 -7.27 49.89
C LEU H 40 -34.31 -7.54 50.83
N TRP H 41 -33.36 -6.60 50.91
CA TRP H 41 -32.31 -6.71 51.91
C TRP H 41 -32.88 -6.69 53.31
N GLU H 42 -33.84 -5.81 53.57
CA GLU H 42 -34.37 -5.68 54.93
C GLU H 42 -35.11 -6.92 55.39
N MET H 43 -35.75 -7.64 54.48
CA MET H 43 -36.48 -8.86 54.82
C MET H 43 -35.77 -10.10 54.28
N ARG H 44 -34.44 -10.07 54.23
CA ARG H 44 -33.68 -11.17 53.64
C ARG H 44 -33.93 -12.49 54.36
N GLU H 45 -33.98 -12.47 55.69
CA GLU H 45 -34.12 -13.71 56.44
C GLU H 45 -35.50 -14.34 56.23
N GLU H 46 -36.56 -13.52 56.19
CA GLU H 46 -37.87 -14.06 55.86
C GLU H 46 -37.92 -14.55 54.42
N ALA H 47 -37.28 -13.82 53.51
CA ALA H 47 -37.34 -14.18 52.10
C ALA H 47 -36.64 -15.49 51.80
N VAL H 48 -35.65 -15.86 52.62
CA VAL H 48 -34.85 -17.05 52.37
C VAL H 48 -35.18 -18.15 53.36
N LYS H 49 -36.32 -18.05 54.04
CA LYS H 49 -36.67 -19.01 55.08
C LYS H 49 -37.25 -20.25 54.42
N GLY H 50 -36.57 -21.38 54.57
CA GLY H 50 -36.99 -22.61 53.92
C GLY H 50 -37.06 -22.51 52.41
N ILE H 51 -36.04 -21.95 51.77
CA ILE H 51 -36.00 -21.84 50.32
C ILE H 51 -34.91 -22.76 49.77
N THR H 52 -35.21 -23.41 48.65
CA THR H 52 -34.23 -24.18 47.91
C THR H 52 -33.98 -23.66 46.50
N CYS H 53 -34.70 -22.62 46.07
CA CYS H 53 -34.59 -22.12 44.71
C CYS H 53 -34.92 -20.64 44.67
N ILE H 54 -34.15 -19.90 43.87
CA ILE H 54 -34.42 -18.49 43.58
C ILE H 54 -34.68 -18.38 42.07
N ASP H 55 -35.84 -17.85 41.72
CA ASP H 55 -36.25 -17.73 40.32
C ASP H 55 -36.09 -16.29 39.87
N LEU H 56 -35.24 -16.08 38.86
CA LEU H 56 -34.99 -14.76 38.31
C LEU H 56 -35.58 -14.59 36.91
N SER H 57 -36.43 -15.52 36.47
CA SER H 57 -36.95 -15.49 35.12
C SER H 57 -37.68 -14.19 34.80
N ARG H 58 -38.28 -13.56 35.82
CA ARG H 58 -39.03 -12.34 35.64
C ARG H 58 -38.23 -11.09 36.00
N VAL H 59 -36.90 -11.21 36.12
CA VAL H 59 -36.03 -10.09 36.44
C VAL H 59 -35.41 -9.57 35.14
N SER H 60 -35.59 -8.28 34.87
CA SER H 60 -35.11 -7.67 33.63
C SER H 60 -33.68 -7.16 33.72
N ARG H 61 -33.22 -6.77 34.91
CA ARG H 61 -31.91 -6.15 35.06
C ARG H 61 -31.34 -6.46 36.43
N VAL H 62 -30.02 -6.68 36.48
CA VAL H 62 -29.30 -6.89 37.73
C VAL H 62 -28.01 -6.09 37.67
N ASP H 63 -27.87 -5.07 38.53
CA ASP H 63 -26.62 -4.35 38.63
C ASP H 63 -25.76 -4.97 39.74
N THR H 64 -24.57 -4.40 39.97
CA THR H 64 -23.62 -5.04 40.87
C THR H 64 -24.14 -5.11 42.30
N GLY H 65 -24.79 -4.04 42.76
CA GLY H 65 -25.42 -4.10 44.08
C GLY H 65 -26.45 -5.19 44.18
N GLY H 66 -27.26 -5.36 43.14
CA GLY H 66 -28.23 -6.45 43.12
C GLY H 66 -27.58 -7.82 43.17
N LEU H 67 -26.49 -8.00 42.42
CA LEU H 67 -25.75 -9.26 42.46
C LEU H 67 -25.18 -9.52 43.85
N ALA H 68 -24.68 -8.48 44.52
CA ALA H 68 -24.19 -8.65 45.89
C ALA H 68 -25.32 -9.06 46.82
N LEU H 69 -26.48 -8.42 46.69
CA LEU H 69 -27.66 -8.85 47.43
C LEU H 69 -27.97 -10.32 47.18
N LEU H 70 -27.88 -10.74 45.91
CA LEU H 70 -28.13 -12.13 45.54
C LEU H 70 -27.14 -13.07 46.22
N LEU H 71 -25.87 -12.67 46.27
CA LEU H 71 -24.86 -13.51 46.91
C LEU H 71 -25.17 -13.66 48.40
N HIS H 72 -25.57 -12.56 49.05
CA HIS H 72 -25.92 -12.65 50.46
C HIS H 72 -27.16 -13.52 50.68
N LEU H 73 -28.15 -13.44 49.77
CA LEU H 73 -29.33 -14.29 49.89
C LEU H 73 -28.96 -15.76 49.78
N ILE H 74 -28.15 -16.09 48.78
CA ILE H 74 -27.68 -17.47 48.60
C ILE H 74 -26.92 -17.92 49.84
N ASP H 75 -26.12 -17.03 50.43
CA ASP H 75 -25.32 -17.38 51.59
C ASP H 75 -26.20 -17.64 52.82
N LEU H 76 -27.16 -16.76 53.07
CA LEU H 76 -28.08 -16.96 54.19
C LEU H 76 -28.91 -18.21 54.01
N ALA H 77 -29.24 -18.55 52.77
CA ALA H 77 -29.98 -19.78 52.52
C ALA H 77 -29.14 -21.00 52.84
N LYS H 78 -27.88 -21.01 52.41
CA LYS H 78 -27.02 -22.16 52.68
C LYS H 78 -26.70 -22.27 54.17
N LYS H 79 -26.54 -21.14 54.86
CA LYS H 79 -26.28 -21.19 56.30
C LYS H 79 -27.43 -21.85 57.05
N GLN H 80 -28.67 -21.63 56.62
CA GLN H 80 -29.80 -22.36 57.18
C GLN H 80 -29.76 -23.85 56.85
N GLY H 81 -28.85 -24.27 55.97
CA GLY H 81 -28.72 -25.66 55.60
C GLY H 81 -29.30 -26.05 54.27
N ASN H 82 -29.53 -25.10 53.36
CA ASN H 82 -30.17 -25.38 52.08
C ASN H 82 -29.29 -24.87 50.93
N ASN H 83 -28.74 -25.80 50.14
CA ASN H 83 -28.21 -25.42 48.84
C ASN H 83 -29.33 -24.95 47.92
N VAL H 84 -29.08 -23.85 47.22
CA VAL H 84 -30.08 -23.17 46.42
C VAL H 84 -29.72 -23.32 44.96
N THR H 85 -30.70 -23.69 44.15
CA THR H 85 -30.57 -23.69 42.71
C THR H 85 -31.10 -22.37 42.17
N LEU H 86 -30.57 -21.95 41.04
CA LEU H 86 -31.01 -20.73 40.38
C LEU H 86 -31.75 -21.08 39.09
N GLN H 87 -32.77 -20.28 38.76
CA GLN H 87 -33.62 -20.56 37.62
C GLN H 87 -33.95 -19.26 36.91
N GLY H 88 -33.97 -19.33 35.58
CA GLY H 88 -34.31 -18.16 34.78
C GLY H 88 -33.28 -17.05 34.83
N VAL H 89 -32.02 -17.38 35.07
CA VAL H 89 -30.99 -16.34 35.20
C VAL H 89 -30.64 -15.86 33.80
N ASN H 90 -30.77 -14.55 33.59
CA ASN H 90 -30.40 -13.95 32.31
C ASN H 90 -28.89 -14.02 32.12
N ASP H 91 -28.48 -14.25 30.87
CA ASP H 91 -27.06 -14.43 30.56
C ASP H 91 -26.23 -13.21 30.97
N LYS H 92 -26.85 -12.03 30.99
CA LYS H 92 -26.15 -10.83 31.40
C LYS H 92 -25.69 -10.93 32.86
N VAL H 93 -26.47 -11.61 33.70
CA VAL H 93 -26.08 -11.82 35.09
C VAL H 93 -24.81 -12.67 35.17
N TYR H 94 -24.74 -13.75 34.39
CA TYR H 94 -23.54 -14.56 34.40
C TYR H 94 -22.36 -13.83 33.76
N THR H 95 -22.61 -12.96 32.79
CA THR H 95 -21.54 -12.10 32.28
C THR H 95 -20.99 -11.20 33.38
N LEU H 96 -21.88 -10.63 34.19
CA LEU H 96 -21.45 -9.78 35.30
C LEU H 96 -20.67 -10.59 36.32
N ALA H 97 -21.13 -11.80 36.63
CA ALA H 97 -20.42 -12.67 37.55
C ALA H 97 -19.03 -13.03 37.03
N LYS H 98 -18.92 -13.29 35.73
CA LYS H 98 -17.63 -13.60 35.14
C LYS H 98 -16.73 -12.35 35.18
N LEU H 99 -17.31 -11.17 34.97
CA LEU H 99 -16.58 -9.92 35.10
C LEU H 99 -15.97 -9.80 36.49
N TYR H 100 -16.71 -10.19 37.52
CA TYR H 100 -16.18 -10.08 38.87
C TYR H 100 -15.51 -11.37 39.34
N ASN H 101 -15.34 -12.35 38.44
CA ASN H 101 -14.50 -13.52 38.71
C ASN H 101 -14.99 -14.29 39.93
N LEU H 102 -16.32 -14.46 40.02
CA LEU H 102 -16.95 -15.04 41.21
C LEU H 102 -16.73 -16.55 41.33
N PRO H 103 -16.38 -17.05 42.51
CA PRO H 103 -16.12 -18.48 42.71
C PRO H 103 -17.37 -19.34 42.51
N ALA H 104 -17.14 -20.66 42.51
CA ALA H 104 -18.23 -21.61 42.32
C ALA H 104 -19.19 -21.62 43.50
N ASP H 105 -18.67 -21.59 44.72
CA ASP H 105 -19.47 -21.67 45.93
C ASP H 105 -20.26 -20.41 46.22
N VAL H 106 -20.06 -19.33 45.46
CA VAL H 106 -20.74 -18.06 45.72
C VAL H 106 -21.98 -17.92 44.84
N LEU H 107 -21.92 -18.46 43.62
CA LEU H 107 -23.03 -18.33 42.69
C LEU H 107 -23.20 -19.59 41.85
N PRO H 108 -24.34 -20.29 41.96
CA PRO H 108 -24.53 -21.52 41.20
C PRO H 108 -24.60 -21.27 39.70
N ARG H 109 -23.96 -22.15 38.94
CA ARG H 109 -23.97 -22.02 37.50
C ARG H 109 -25.09 -22.84 36.89
#